data_8F94
# 
_entry.id   8F94 
# 
_audit_conform.dict_name       mmcif_pdbx.dic 
_audit_conform.dict_version    5.377 
_audit_conform.dict_location   http://mmcif.pdb.org/dictionaries/ascii/mmcif_pdbx.dic 
# 
loop_
_database_2.database_id 
_database_2.database_code 
_database_2.pdbx_database_accession 
_database_2.pdbx_DOI 
PDB   8F94         pdb_00008f94 10.2210/pdb8f94/pdb 
WWPDB D_1000270199 ?            ?                   
# 
_pdbx_database_status.status_code                     REL 
_pdbx_database_status.status_code_sf                  REL 
_pdbx_database_status.status_code_mr                  ? 
_pdbx_database_status.entry_id                        8F94 
_pdbx_database_status.recvd_initial_deposition_date   2022-11-23 
_pdbx_database_status.SG_entry                        N 
_pdbx_database_status.deposit_site                    RCSB 
_pdbx_database_status.process_site                    RCSB 
_pdbx_database_status.status_code_cs                  ? 
_pdbx_database_status.status_code_nmr_data            ? 
_pdbx_database_status.methods_development_category    ? 
_pdbx_database_status.pdb_format_compatible           Y 
# 
loop_
_audit_author.name 
_audit_author.pdbx_ordinal 
_audit_author.identifier_ORCID 
'Terrell, J.R.' 1 0000-0001-5394-5663 
'Ogbonna, E.N.' 2 0000-0002-0762-0603 
'Wilson, W.D.'  3 0000-0001-5225-5089 
# 
_citation.abstract                  ? 
_citation.abstract_id_CAS           ? 
_citation.book_id_ISBN              ? 
_citation.book_publisher            ? 
_citation.book_publisher_city       ? 
_citation.book_title                ? 
_citation.coordinate_linkage        ? 
_citation.country                   US 
_citation.database_id_Medline       ? 
_citation.details                   ? 
_citation.id                        primary 
_citation.journal_abbrev            'Acs Bio Med Chem Au' 
_citation.journal_id_ASTM           ? 
_citation.journal_id_CSD            ? 
_citation.journal_id_ISSN           2694-2437 
_citation.journal_full              ? 
_citation.journal_issue             ? 
_citation.journal_volume            3 
_citation.language                  ? 
_citation.page_first                335 
_citation.page_last                 348 
_citation.title                     'X-ray Structure Characterization of the Selective Recognition of AT Base Pair Sequences.' 
_citation.year                      2023 
_citation.database_id_CSD           ? 
_citation.pdbx_database_id_DOI      10.1021/acsbiomedchemau.3c00002 
_citation.pdbx_database_id_PubMed   37599788 
_citation.pdbx_database_id_patent   ? 
_citation.unpublished_flag          ? 
# 
loop_
_citation_author.citation_id 
_citation_author.name 
_citation_author.ordinal 
_citation_author.identifier_ORCID 
primary 'Ogbonna, E.N.' 1 ?                   
primary 'Paul, A.'      2 0000-0003-4592-3442 
primary 'Farahat, A.A.' 3 ?                   
primary 'Terrell, J.R.' 4 ?                   
primary 'Mineva, E.'    5 ?                   
primary 'Ogbonna, V.'   6 ?                   
primary 'Boykin, D.W.'  7 ?                   
primary 'Wilson, W.D.'  8 0000-0001-5225-5089 
# 
_cell.angle_alpha                  90.000 
_cell.angle_alpha_esd              ? 
_cell.angle_beta                   90.000 
_cell.angle_beta_esd               ? 
_cell.angle_gamma                  120.000 
_cell.angle_gamma_esd              ? 
_cell.entry_id                     8F94 
_cell.details                      ? 
_cell.formula_units_Z              ? 
_cell.length_a                     38.769 
_cell.length_a_esd                 ? 
_cell.length_b                     38.769 
_cell.length_b_esd                 ? 
_cell.length_c                     159.771 
_cell.length_c_esd                 ? 
_cell.volume                       207968.607 
_cell.volume_esd                   ? 
_cell.Z_PDB                        18 
_cell.reciprocal_angle_alpha       ? 
_cell.reciprocal_angle_beta        ? 
_cell.reciprocal_angle_gamma       ? 
_cell.reciprocal_angle_alpha_esd   ? 
_cell.reciprocal_angle_beta_esd    ? 
_cell.reciprocal_angle_gamma_esd   ? 
_cell.reciprocal_length_a          ? 
_cell.reciprocal_length_b          ? 
_cell.reciprocal_length_c          ? 
_cell.reciprocal_length_a_esd      ? 
_cell.reciprocal_length_b_esd      ? 
_cell.reciprocal_length_c_esd      ? 
_cell.pdbx_unique_axis             ? 
_cell.pdbx_esd_method              ? 
# 
_symmetry.entry_id                         8F94 
_symmetry.cell_setting                     ? 
_symmetry.Int_Tables_number                155 
_symmetry.space_group_name_Hall            
;R 3 2"
;
_symmetry.space_group_name_H-M             'H 3 2' 
_symmetry.pdbx_full_space_group_name_H-M   ? 
# 
loop_
_entity.id 
_entity.type 
_entity.src_method 
_entity.pdbx_description 
_entity.formula_weight 
_entity.pdbx_number_of_molecules 
_entity.pdbx_ec 
_entity.pdbx_mutation 
_entity.pdbx_fragment 
_entity.details 
1 polymer     syn 'DNA 16-mer'  4898.191 1  ? ? ? ? 
2 non-polymer syn 'CALCIUM ION' 40.078   9  ? ? ? ? 
3 water       nat water         18.015   94 ? ? ? ? 
# 
_entity_poly.entity_id                      1 
_entity_poly.type                           polydeoxyribonucleotide 
_entity_poly.nstd_linkage                   no 
_entity_poly.nstd_monomer                   no 
_entity_poly.pdbx_seq_one_letter_code       '(DG)(DC)(DT)(DG)(DG)(DA)(DT)(DA)(DT)(DA)(DT)(DC)(DC)(DA)(DG)(DC)' 
_entity_poly.pdbx_seq_one_letter_code_can   GCTGGATATATCCAGC 
_entity_poly.pdbx_strand_id                 A 
_entity_poly.pdbx_target_identifier         ? 
# 
loop_
_entity_poly_seq.entity_id 
_entity_poly_seq.num 
_entity_poly_seq.mon_id 
_entity_poly_seq.hetero 
1 1  DG n 
1 2  DC n 
1 3  DT n 
1 4  DG n 
1 5  DG n 
1 6  DA n 
1 7  DT n 
1 8  DA n 
1 9  DT n 
1 10 DA n 
1 11 DT n 
1 12 DC n 
1 13 DC n 
1 14 DA n 
1 15 DG n 
1 16 DC n 
# 
_pdbx_entity_src_syn.entity_id              1 
_pdbx_entity_src_syn.pdbx_src_id            1 
_pdbx_entity_src_syn.pdbx_alt_source_flag   sample 
_pdbx_entity_src_syn.pdbx_beg_seq_num       1 
_pdbx_entity_src_syn.pdbx_end_seq_num       16 
_pdbx_entity_src_syn.organism_scientific    'DNA molecule' 
_pdbx_entity_src_syn.organism_common_name   ? 
_pdbx_entity_src_syn.ncbi_taxonomy_id       2853804 
_pdbx_entity_src_syn.details                ? 
# 
_struct_ref.id                         1 
_struct_ref.db_name                    PDB 
_struct_ref.db_code                    8F94 
_struct_ref.pdbx_db_accession          8F94 
_struct_ref.pdbx_db_isoform            ? 
_struct_ref.entity_id                  1 
_struct_ref.pdbx_seq_one_letter_code   ? 
_struct_ref.pdbx_align_begin           1 
# 
_struct_ref_seq.align_id                      1 
_struct_ref_seq.ref_id                        1 
_struct_ref_seq.pdbx_PDB_id_code              8F94 
_struct_ref_seq.pdbx_strand_id                A 
_struct_ref_seq.seq_align_beg                 1 
_struct_ref_seq.pdbx_seq_align_beg_ins_code   ? 
_struct_ref_seq.seq_align_end                 16 
_struct_ref_seq.pdbx_seq_align_end_ins_code   ? 
_struct_ref_seq.pdbx_db_accession             8F94 
_struct_ref_seq.db_align_beg                  2 
_struct_ref_seq.pdbx_db_align_beg_ins_code    ? 
_struct_ref_seq.db_align_end                  17 
_struct_ref_seq.pdbx_db_align_end_ins_code    ? 
_struct_ref_seq.pdbx_auth_seq_align_beg       2 
_struct_ref_seq.pdbx_auth_seq_align_end       17 
# 
loop_
_chem_comp.id 
_chem_comp.type 
_chem_comp.mon_nstd_flag 
_chem_comp.name 
_chem_comp.pdbx_synonyms 
_chem_comp.formula 
_chem_comp.formula_weight 
CA  non-polymer   . 'CALCIUM ION'                        ? 'Ca 2'            40.078  
DA  'DNA linking' y "2'-DEOXYADENOSINE-5'-MONOPHOSPHATE" ? 'C10 H14 N5 O6 P' 331.222 
DC  'DNA linking' y "2'-DEOXYCYTIDINE-5'-MONOPHOSPHATE"  ? 'C9 H14 N3 O7 P'  307.197 
DG  'DNA linking' y "2'-DEOXYGUANOSINE-5'-MONOPHOSPHATE" ? 'C10 H14 N5 O7 P' 347.221 
DT  'DNA linking' y "THYMIDINE-5'-MONOPHOSPHATE"         ? 'C10 H15 N2 O8 P' 322.208 
HOH non-polymer   . WATER                                ? 'H2 O'            18.015  
# 
_exptl.absorpt_coefficient_mu     ? 
_exptl.absorpt_correction_T_max   ? 
_exptl.absorpt_correction_T_min   ? 
_exptl.absorpt_correction_type    ? 
_exptl.absorpt_process_details    ? 
_exptl.entry_id                   8F94 
_exptl.crystals_number            1 
_exptl.details                    ? 
_exptl.method                     'X-RAY DIFFRACTION' 
_exptl.method_details             ? 
# 
_exptl_crystal.colour                       ? 
_exptl_crystal.density_diffrn               ? 
_exptl_crystal.density_Matthews             2.36 
_exptl_crystal.density_method               ? 
_exptl_crystal.density_percent_sol          47.85 
_exptl_crystal.description                  ? 
_exptl_crystal.F_000                        ? 
_exptl_crystal.id                           1 
_exptl_crystal.preparation                  ? 
_exptl_crystal.size_max                     ? 
_exptl_crystal.size_mid                     ? 
_exptl_crystal.size_min                     ? 
_exptl_crystal.size_rad                     ? 
_exptl_crystal.colour_lustre                ? 
_exptl_crystal.colour_modifier              ? 
_exptl_crystal.colour_primary               ? 
_exptl_crystal.density_meas                 ? 
_exptl_crystal.density_meas_esd             ? 
_exptl_crystal.density_meas_gt              ? 
_exptl_crystal.density_meas_lt              ? 
_exptl_crystal.density_meas_temp            ? 
_exptl_crystal.density_meas_temp_esd        ? 
_exptl_crystal.density_meas_temp_gt         ? 
_exptl_crystal.density_meas_temp_lt         ? 
_exptl_crystal.pdbx_crystal_image_url       ? 
_exptl_crystal.pdbx_crystal_image_format    ? 
_exptl_crystal.pdbx_mosaicity               ? 
_exptl_crystal.pdbx_mosaicity_esd           ? 
_exptl_crystal.pdbx_mosaic_method           ? 
_exptl_crystal.pdbx_mosaic_block_size       ? 
_exptl_crystal.pdbx_mosaic_block_size_esd   ? 
# 
_exptl_crystal_grow.apparatus       ? 
_exptl_crystal_grow.atmosphere      ? 
_exptl_crystal_grow.crystal_id      1 
_exptl_crystal_grow.details         ? 
_exptl_crystal_grow.method          'VAPOR DIFFUSION, HANGING DROP' 
_exptl_crystal_grow.method_ref      ? 
_exptl_crystal_grow.pH              8.6 
_exptl_crystal_grow.pressure        ? 
_exptl_crystal_grow.pressure_esd    ? 
_exptl_crystal_grow.seeding         ? 
_exptl_crystal_grow.seeding_ref     ? 
_exptl_crystal_grow.temp_details    ? 
_exptl_crystal_grow.temp_esd        ? 
_exptl_crystal_grow.time            ? 
_exptl_crystal_grow.pdbx_details    
;1 mM DNA duplex annealed in 7.5 mM HEPES, pH=6.6 mixed at a 1:1 ratio with well solution containing 10 mM HEPES, pH=8.6, 600 mM CaCl2, 38% PEG200
;
_exptl_crystal_grow.pdbx_pH_range   ? 
_exptl_crystal_grow.temp            288 
# 
_diffrn.ambient_environment              ? 
_diffrn.ambient_temp                     100 
_diffrn.ambient_temp_details             ? 
_diffrn.ambient_temp_esd                 ? 
_diffrn.crystal_id                       1 
_diffrn.crystal_support                  ? 
_diffrn.crystal_treatment                ? 
_diffrn.details                          ? 
_diffrn.id                               1 
_diffrn.ambient_pressure                 ? 
_diffrn.ambient_pressure_esd             ? 
_diffrn.ambient_pressure_gt              ? 
_diffrn.ambient_pressure_lt              ? 
_diffrn.ambient_temp_gt                  ? 
_diffrn.ambient_temp_lt                  ? 
_diffrn.pdbx_serial_crystal_experiment   N 
# 
_diffrn_detector.details                      ? 
_diffrn_detector.detector                     PIXEL 
_diffrn_detector.diffrn_id                    1 
_diffrn_detector.type                         'DECTRIS EIGER X 16M' 
_diffrn_detector.area_resol_mean              ? 
_diffrn_detector.dtime                        ? 
_diffrn_detector.pdbx_frames_total            ? 
_diffrn_detector.pdbx_collection_time_total   ? 
_diffrn_detector.pdbx_collection_date         2022-09-28 
_diffrn_detector.pdbx_frequency               ? 
# 
_diffrn_radiation.collimation                      ? 
_diffrn_radiation.diffrn_id                        1 
_diffrn_radiation.filter_edge                      ? 
_diffrn_radiation.inhomogeneity                    ? 
_diffrn_radiation.monochromator                    'Horizontal double crystal monochromator' 
_diffrn_radiation.polarisn_norm                    ? 
_diffrn_radiation.polarisn_ratio                   ? 
_diffrn_radiation.probe                            ? 
_diffrn_radiation.type                             ? 
_diffrn_radiation.xray_symbol                      ? 
_diffrn_radiation.wavelength_id                    1 
_diffrn_radiation.pdbx_monochromatic_or_laue_m_l   M 
_diffrn_radiation.pdbx_wavelength_list             ? 
_diffrn_radiation.pdbx_wavelength                  ? 
_diffrn_radiation.pdbx_diffrn_protocol             'SINGLE WAVELENGTH' 
_diffrn_radiation.pdbx_analyzer                    ? 
_diffrn_radiation.pdbx_scattering_type             x-ray 
# 
_diffrn_radiation_wavelength.id           1 
_diffrn_radiation_wavelength.wavelength   0.92010 
_diffrn_radiation_wavelength.wt           1.0 
# 
_diffrn_source.current                     ? 
_diffrn_source.details                     ? 
_diffrn_source.diffrn_id                   1 
_diffrn_source.power                       ? 
_diffrn_source.size                        ? 
_diffrn_source.source                      SYNCHROTRON 
_diffrn_source.target                      ? 
_diffrn_source.type                        'NSLS-II BEAMLINE 17-ID-2' 
_diffrn_source.voltage                     ? 
_diffrn_source.take-off_angle              ? 
_diffrn_source.pdbx_wavelength_list        0.92010 
_diffrn_source.pdbx_wavelength             ? 
_diffrn_source.pdbx_synchrotron_beamline   17-ID-2 
_diffrn_source.pdbx_synchrotron_site       NSLS-II 
# 
_reflns.B_iso_Wilson_estimate                          15.50 
_reflns.entry_id                                       8F94 
_reflns.data_reduction_details                         ? 
_reflns.data_reduction_method                          ? 
_reflns.d_resolution_high                              1.08 
_reflns.d_resolution_low                               26.63 
_reflns.details                                        ? 
_reflns.limit_h_max                                    ? 
_reflns.limit_h_min                                    ? 
_reflns.limit_k_max                                    ? 
_reflns.limit_k_min                                    ? 
_reflns.limit_l_max                                    ? 
_reflns.limit_l_min                                    ? 
_reflns.number_all                                     ? 
_reflns.number_obs                                     20060 
_reflns.observed_criterion                             ? 
_reflns.observed_criterion_F_max                       ? 
_reflns.observed_criterion_F_min                       ? 
_reflns.observed_criterion_I_max                       ? 
_reflns.observed_criterion_I_min                       ? 
_reflns.observed_criterion_sigma_F                     ? 
_reflns.observed_criterion_sigma_I                     ? 
_reflns.percent_possible_obs                           98.5 
_reflns.R_free_details                                 ? 
_reflns.Rmerge_F_all                                   ? 
_reflns.Rmerge_F_obs                                   ? 
_reflns.Friedel_coverage                               ? 
_reflns.number_gt                                      ? 
_reflns.threshold_expression                           ? 
_reflns.pdbx_redundancy                                2.0 
_reflns.pdbx_netI_over_av_sigmaI                       ? 
_reflns.pdbx_netI_over_sigmaI                          22.55 
_reflns.pdbx_res_netI_over_av_sigmaI_2                 ? 
_reflns.pdbx_res_netI_over_sigmaI_2                    ? 
_reflns.pdbx_chi_squared                               ? 
_reflns.pdbx_scaling_rejects                           ? 
_reflns.pdbx_d_res_high_opt                            ? 
_reflns.pdbx_d_res_low_opt                             ? 
_reflns.pdbx_d_res_opt_method                          ? 
_reflns.phase_calculation_details                      ? 
_reflns.pdbx_Rrim_I_all                                0.02436 
_reflns.pdbx_Rpim_I_all                                0.01722 
_reflns.pdbx_d_opt                                     ? 
_reflns.pdbx_number_measured_all                       ? 
_reflns.pdbx_diffrn_id                                 1 
_reflns.pdbx_ordinal                                   1 
_reflns.pdbx_CC_half                                   0.999 
_reflns.pdbx_CC_star                                   1 
_reflns.pdbx_R_split                                   ? 
_reflns.pdbx_Rmerge_I_obs                              0.01722 
_reflns.pdbx_Rmerge_I_all                              ? 
_reflns.pdbx_Rsym_value                                ? 
_reflns.pdbx_CC_split_method                           ? 
_reflns.pdbx_aniso_diffraction_limit_axis_1_ortho[1]   ? 
_reflns.pdbx_aniso_diffraction_limit_axis_1_ortho[2]   ? 
_reflns.pdbx_aniso_diffraction_limit_axis_1_ortho[3]   ? 
_reflns.pdbx_aniso_diffraction_limit_axis_2_ortho[1]   ? 
_reflns.pdbx_aniso_diffraction_limit_axis_2_ortho[2]   ? 
_reflns.pdbx_aniso_diffraction_limit_axis_2_ortho[3]   ? 
_reflns.pdbx_aniso_diffraction_limit_axis_3_ortho[1]   ? 
_reflns.pdbx_aniso_diffraction_limit_axis_3_ortho[2]   ? 
_reflns.pdbx_aniso_diffraction_limit_axis_3_ortho[3]   ? 
_reflns.pdbx_aniso_diffraction_limit_1                 ? 
_reflns.pdbx_aniso_diffraction_limit_2                 ? 
_reflns.pdbx_aniso_diffraction_limit_3                 ? 
_reflns.pdbx_aniso_B_tensor_eigenvector_1_ortho[1]     ? 
_reflns.pdbx_aniso_B_tensor_eigenvector_1_ortho[2]     ? 
_reflns.pdbx_aniso_B_tensor_eigenvector_1_ortho[3]     ? 
_reflns.pdbx_aniso_B_tensor_eigenvector_2_ortho[1]     ? 
_reflns.pdbx_aniso_B_tensor_eigenvector_2_ortho[2]     ? 
_reflns.pdbx_aniso_B_tensor_eigenvector_2_ortho[3]     ? 
_reflns.pdbx_aniso_B_tensor_eigenvector_3_ortho[1]     ? 
_reflns.pdbx_aniso_B_tensor_eigenvector_3_ortho[2]     ? 
_reflns.pdbx_aniso_B_tensor_eigenvector_3_ortho[3]     ? 
_reflns.pdbx_aniso_B_tensor_eigenvalue_1               ? 
_reflns.pdbx_aniso_B_tensor_eigenvalue_2               ? 
_reflns.pdbx_aniso_B_tensor_eigenvalue_3               ? 
_reflns.pdbx_orthogonalization_convention              ? 
_reflns.pdbx_percent_possible_ellipsoidal              ? 
_reflns.pdbx_percent_possible_spherical                ? 
_reflns.pdbx_percent_possible_ellipsoidal_anomalous    ? 
_reflns.pdbx_percent_possible_spherical_anomalous      ? 
_reflns.pdbx_redundancy_anomalous                      ? 
_reflns.pdbx_CC_half_anomalous                         ? 
_reflns.pdbx_absDiff_over_sigma_anomalous              ? 
_reflns.pdbx_percent_possible_anomalous                ? 
_reflns.pdbx_observed_signal_threshold                 ? 
_reflns.pdbx_signal_type                               ? 
_reflns.pdbx_signal_details                            ? 
_reflns.pdbx_signal_software_id                        ? 
# 
_reflns_shell.d_res_high                                    1.08 
_reflns_shell.d_res_low                                     1.119 
_reflns_shell.meanI_over_sigI_all                           ? 
_reflns_shell.meanI_over_sigI_obs                           6.48 
_reflns_shell.number_measured_all                           ? 
_reflns_shell.number_measured_obs                           ? 
_reflns_shell.number_possible                               ? 
_reflns_shell.number_unique_all                             ? 
_reflns_shell.number_unique_obs                             1882 
_reflns_shell.percent_possible_obs                          ? 
_reflns_shell.Rmerge_F_all                                  ? 
_reflns_shell.Rmerge_F_obs                                  ? 
_reflns_shell.meanI_over_sigI_gt                            ? 
_reflns_shell.meanI_over_uI_all                             ? 
_reflns_shell.meanI_over_uI_gt                              ? 
_reflns_shell.number_measured_gt                            ? 
_reflns_shell.number_unique_gt                              ? 
_reflns_shell.percent_possible_gt                           ? 
_reflns_shell.Rmerge_F_gt                                   ? 
_reflns_shell.Rmerge_I_gt                                   ? 
_reflns_shell.pdbx_redundancy                               2.0 
_reflns_shell.pdbx_chi_squared                              ? 
_reflns_shell.pdbx_netI_over_sigmaI_all                     ? 
_reflns_shell.pdbx_netI_over_sigmaI_obs                     ? 
_reflns_shell.pdbx_Rrim_I_all                               0.2092 
_reflns_shell.pdbx_Rpim_I_all                               0.1479 
_reflns_shell.pdbx_rejects                                  ? 
_reflns_shell.pdbx_ordinal                                  1 
_reflns_shell.pdbx_diffrn_id                                1 
_reflns_shell.pdbx_CC_half                                  0.939 
_reflns_shell.pdbx_CC_star                                  0.984 
_reflns_shell.pdbx_R_split                                  ? 
_reflns_shell.percent_possible_all                          92.88 
_reflns_shell.Rmerge_I_all                                  ? 
_reflns_shell.Rmerge_I_obs                                  0.1479 
_reflns_shell.pdbx_Rsym_value                               ? 
_reflns_shell.pdbx_percent_possible_ellipsoidal             ? 
_reflns_shell.pdbx_percent_possible_spherical               ? 
_reflns_shell.pdbx_percent_possible_ellipsoidal_anomalous   ? 
_reflns_shell.pdbx_percent_possible_spherical_anomalous     ? 
_reflns_shell.pdbx_redundancy_anomalous                     ? 
_reflns_shell.pdbx_CC_half_anomalous                        ? 
_reflns_shell.pdbx_absDiff_over_sigma_anomalous             ? 
_reflns_shell.pdbx_percent_possible_anomalous               ? 
# 
_refine.aniso_B[1][1]                            ? 
_refine.aniso_B[1][2]                            ? 
_refine.aniso_B[1][3]                            ? 
_refine.aniso_B[2][2]                            ? 
_refine.aniso_B[2][3]                            ? 
_refine.aniso_B[3][3]                            ? 
_refine.B_iso_max                                ? 
_refine.B_iso_mean                               21.64 
_refine.B_iso_min                                ? 
_refine.correlation_coeff_Fo_to_Fc               ? 
_refine.correlation_coeff_Fo_to_Fc_free          ? 
_refine.details                                  ? 
_refine.diff_density_max                         ? 
_refine.diff_density_max_esd                     ? 
_refine.diff_density_min                         ? 
_refine.diff_density_min_esd                     ? 
_refine.diff_density_rms                         ? 
_refine.diff_density_rms_esd                     ? 
_refine.entry_id                                 8F94 
_refine.pdbx_refine_id                           'X-RAY DIFFRACTION' 
_refine.ls_abs_structure_details                 ? 
_refine.ls_abs_structure_Flack                   ? 
_refine.ls_abs_structure_Flack_esd               ? 
_refine.ls_abs_structure_Rogers                  ? 
_refine.ls_abs_structure_Rogers_esd              ? 
_refine.ls_d_res_high                            1.08 
_refine.ls_d_res_low                             26.63 
_refine.ls_extinction_coef                       ? 
_refine.ls_extinction_coef_esd                   ? 
_refine.ls_extinction_expression                 ? 
_refine.ls_extinction_method                     ? 
_refine.ls_goodness_of_fit_all                   ? 
_refine.ls_goodness_of_fit_all_esd               ? 
_refine.ls_goodness_of_fit_obs                   ? 
_refine.ls_goodness_of_fit_obs_esd               ? 
_refine.ls_hydrogen_treatment                    ? 
_refine.ls_matrix_type                           ? 
_refine.ls_number_constraints                    ? 
_refine.ls_number_parameters                     ? 
_refine.ls_number_reflns_all                     ? 
_refine.ls_number_reflns_obs                     20000 
_refine.ls_number_reflns_R_free                  1996 
_refine.ls_number_reflns_R_work                  18004 
_refine.ls_number_restraints                     ? 
_refine.ls_percent_reflns_obs                    97.87 
_refine.ls_percent_reflns_R_free                 9.98 
_refine.ls_R_factor_all                          ? 
_refine.ls_R_factor_obs                          0.2035 
_refine.ls_R_factor_R_free                       0.2247 
_refine.ls_R_factor_R_free_error                 ? 
_refine.ls_R_factor_R_free_error_details         ? 
_refine.ls_R_factor_R_work                       0.2012 
_refine.ls_R_Fsqd_factor_obs                     ? 
_refine.ls_R_I_factor_obs                        ? 
_refine.ls_redundancy_reflns_all                 ? 
_refine.ls_redundancy_reflns_obs                 ? 
_refine.ls_restrained_S_all                      ? 
_refine.ls_restrained_S_obs                      ? 
_refine.ls_shift_over_esd_max                    ? 
_refine.ls_shift_over_esd_mean                   ? 
_refine.ls_structure_factor_coef                 ? 
_refine.ls_weighting_details                     ? 
_refine.ls_weighting_scheme                      ? 
_refine.ls_wR_factor_all                         ? 
_refine.ls_wR_factor_obs                         ? 
_refine.ls_wR_factor_R_free                      ? 
_refine.ls_wR_factor_R_work                      ? 
_refine.occupancy_max                            ? 
_refine.occupancy_min                            ? 
_refine.solvent_model_details                    'FLAT BULK SOLVENT MODEL' 
_refine.solvent_model_param_bsol                 ? 
_refine.solvent_model_param_ksol                 ? 
_refine.pdbx_R_complete                          ? 
_refine.ls_R_factor_gt                           ? 
_refine.ls_goodness_of_fit_gt                    ? 
_refine.ls_goodness_of_fit_ref                   ? 
_refine.ls_shift_over_su_max                     ? 
_refine.ls_shift_over_su_max_lt                  ? 
_refine.ls_shift_over_su_mean                    ? 
_refine.ls_shift_over_su_mean_lt                 ? 
_refine.pdbx_ls_sigma_I                          ? 
_refine.pdbx_ls_sigma_F                          1.33 
_refine.pdbx_ls_sigma_Fsqd                       ? 
_refine.pdbx_data_cutoff_high_absF               ? 
_refine.pdbx_data_cutoff_high_rms_absF           ? 
_refine.pdbx_data_cutoff_low_absF                ? 
_refine.pdbx_isotropic_thermal_model             ? 
_refine.pdbx_ls_cross_valid_method               'FREE R-VALUE' 
_refine.pdbx_method_to_determine_struct          'MOLECULAR REPLACEMENT' 
_refine.pdbx_starting_model                      ? 
_refine.pdbx_stereochemistry_target_values       'GeoStd + Monomer Library + CDL v1.2' 
_refine.pdbx_R_Free_selection_details            ? 
_refine.pdbx_stereochem_target_val_spec_case     ? 
_refine.pdbx_overall_ESU_R                       ? 
_refine.pdbx_overall_ESU_R_Free                  ? 
_refine.pdbx_solvent_vdw_probe_radii             1.1100 
_refine.pdbx_solvent_ion_probe_radii             ? 
_refine.pdbx_solvent_shrinkage_radii             0.9000 
_refine.pdbx_real_space_R                        ? 
_refine.pdbx_density_correlation                 ? 
_refine.pdbx_pd_number_of_powder_patterns        ? 
_refine.pdbx_pd_number_of_points                 ? 
_refine.pdbx_pd_meas_number_of_points            ? 
_refine.pdbx_pd_proc_ls_prof_R_factor            ? 
_refine.pdbx_pd_proc_ls_prof_wR_factor           ? 
_refine.pdbx_pd_Marquardt_correlation_coeff      ? 
_refine.pdbx_pd_Fsqrd_R_factor                   ? 
_refine.pdbx_pd_ls_matrix_band_width             ? 
_refine.pdbx_overall_phase_error                 21.7555 
_refine.pdbx_overall_SU_R_free_Cruickshank_DPI   ? 
_refine.pdbx_overall_SU_R_free_Blow_DPI          ? 
_refine.pdbx_overall_SU_R_Blow_DPI               ? 
_refine.pdbx_TLS_residual_ADP_flag               ? 
_refine.pdbx_diffrn_id                           1 
_refine.overall_SU_B                             ? 
_refine.overall_SU_ML                            0.1107 
_refine.overall_SU_R_Cruickshank_DPI             ? 
_refine.overall_SU_R_free                        ? 
_refine.overall_FOM_free_R_set                   ? 
_refine.overall_FOM_work_R_set                   ? 
_refine.pdbx_average_fsc_overall                 ? 
_refine.pdbx_average_fsc_work                    ? 
_refine.pdbx_average_fsc_free                    ? 
# 
_refine_hist.pdbx_refine_id                   'X-RAY DIFFRACTION' 
_refine_hist.cycle_id                         LAST 
_refine_hist.details                          ? 
_refine_hist.d_res_high                       1.08 
_refine_hist.d_res_low                        26.63 
_refine_hist.number_atoms_solvent             94 
_refine_hist.number_atoms_total               428 
_refine_hist.number_reflns_all                ? 
_refine_hist.number_reflns_obs                ? 
_refine_hist.number_reflns_R_free             ? 
_refine_hist.number_reflns_R_work             ? 
_refine_hist.R_factor_all                     ? 
_refine_hist.R_factor_obs                     ? 
_refine_hist.R_factor_R_free                  ? 
_refine_hist.R_factor_R_work                  ? 
_refine_hist.pdbx_number_residues_total       ? 
_refine_hist.pdbx_B_iso_mean_ligand           ? 
_refine_hist.pdbx_B_iso_mean_solvent          ? 
_refine_hist.pdbx_number_atoms_protein        0 
_refine_hist.pdbx_number_atoms_nucleic_acid   325 
_refine_hist.pdbx_number_atoms_ligand         9 
_refine_hist.pdbx_number_atoms_lipid          ? 
_refine_hist.pdbx_number_atoms_carb           ? 
_refine_hist.pdbx_pseudo_atom_details         ? 
# 
loop_
_refine_ls_restr.pdbx_refine_id 
_refine_ls_restr.criterion 
_refine_ls_restr.dev_ideal 
_refine_ls_restr.dev_ideal_target 
_refine_ls_restr.number 
_refine_ls_restr.rejects 
_refine_ls_restr.type 
_refine_ls_restr.weight 
_refine_ls_restr.pdbx_restraint_function 
'X-RAY DIFFRACTION' ? 0.0204  ? 364 ? f_bond_d           ? ? 
'X-RAY DIFFRACTION' ? 2.0651  ? 560 ? f_angle_d          ? ? 
'X-RAY DIFFRACTION' ? 0.1188  ? 63  ? f_chiral_restr     ? ? 
'X-RAY DIFFRACTION' ? 0.0342  ? 16  ? f_plane_restr      ? ? 
'X-RAY DIFFRACTION' ? 33.2802 ? 156 ? f_dihedral_angle_d ? ? 
# 
loop_
_refine_ls_shell.pdbx_refine_id 
_refine_ls_shell.d_res_high 
_refine_ls_shell.d_res_low 
_refine_ls_shell.number_reflns_all 
_refine_ls_shell.number_reflns_obs 
_refine_ls_shell.number_reflns_R_free 
_refine_ls_shell.number_reflns_R_work 
_refine_ls_shell.percent_reflns_obs 
_refine_ls_shell.percent_reflns_R_free 
_refine_ls_shell.R_factor_all 
_refine_ls_shell.R_factor_obs 
_refine_ls_shell.R_factor_R_free_error 
_refine_ls_shell.R_factor_R_work 
_refine_ls_shell.redundancy_reflns_all 
_refine_ls_shell.redundancy_reflns_obs 
_refine_ls_shell.wR_factor_all 
_refine_ls_shell.wR_factor_obs 
_refine_ls_shell.wR_factor_R_free 
_refine_ls_shell.wR_factor_R_work 
_refine_ls_shell.pdbx_R_complete 
_refine_ls_shell.pdbx_total_number_of_bins_used 
_refine_ls_shell.pdbx_phase_error 
_refine_ls_shell.pdbx_fsc_work 
_refine_ls_shell.pdbx_fsc_free 
_refine_ls_shell.R_factor_R_free 
'X-RAY DIFFRACTION' 1.08 1.11  . . 134 1204 92.92  . . . . 0.2522 . . . . . . . . . . . 0.2855 
'X-RAY DIFFRACTION' 1.11 1.14  . . 135 1209 93.59  . . . . 0.2177 . . . . . . . . . . . 0.2329 
'X-RAY DIFFRACTION' 1.14 1.17  . . 137 1245 95.97  . . . . 0.1892 . . . . . . . . . . . 0.2239 
'X-RAY DIFFRACTION' 1.17 1.21  . . 138 1245 96.85  . . . . 0.1919 . . . . . . . . . . . 0.2124 
'X-RAY DIFFRACTION' 1.21 1.25  . . 140 1264 97.98  . . . . 0.1915 . . . . . . . . . . . 0.2275 
'X-RAY DIFFRACTION' 1.25 1.30  . . 141 1265 98.67  . . . . 0.1684 . . . . . . . . . . . 0.1850 
'X-RAY DIFFRACTION' 1.30 1.36  . . 139 1275 98.61  . . . . 0.1610 . . . . . . . . . . . 0.2076 
'X-RAY DIFFRACTION' 1.36 1.43  . . 145 1306 99.04  . . . . 0.1612 . . . . . . . . . . . 0.1896 
'X-RAY DIFFRACTION' 1.43 1.52  . . 144 1298 99.24  . . . . 0.1616 . . . . . . . . . . . 0.2196 
'X-RAY DIFFRACTION' 1.52 1.64  . . 143 1290 99.17  . . . . 0.1619 . . . . . . . . . . . 0.1901 
'X-RAY DIFFRACTION' 1.64 1.80  . . 146 1311 98.85  . . . . 0.1469 . . . . . . . . . . . 0.1872 
'X-RAY DIFFRACTION' 1.80 2.07  . . 147 1328 99.86  . . . . 0.1724 . . . . . . . . . . . 0.2077 
'X-RAY DIFFRACTION' 2.07 2.60  . . 150 1349 100.00 . . . . 0.2154 . . . . . . . . . . . 0.2113 
'X-RAY DIFFRACTION' 2.60 26.63 . . 157 1415 99.31  . . . . 0.2322 . . . . . . . . . . . 0.2532 
# 
_struct.entry_id                     8F94 
_struct.title                        
;Structure of an alternating AT 16-mer: 5'-GCTGGATATATCCAGC-3
;
_struct.pdbx_model_details           ? 
_struct.pdbx_formula_weight          ? 
_struct.pdbx_formula_weight_method   ? 
_struct.pdbx_model_type_details      ? 
_struct.pdbx_CASP_flag               N 
# 
_struct_keywords.entry_id        8F94 
_struct_keywords.text            'DNA, AT sequence, Minor groove' 
_struct_keywords.pdbx_keywords   DNA 
# 
loop_
_struct_asym.id 
_struct_asym.pdbx_blank_PDB_chainid_flag 
_struct_asym.pdbx_modified 
_struct_asym.entity_id 
_struct_asym.details 
A N N 1 ? 
B N N 2 ? 
C N N 2 ? 
D N N 2 ? 
E N N 2 ? 
F N N 2 ? 
G N N 2 ? 
H N N 2 ? 
I N N 2 ? 
J N N 2 ? 
K N N 3 ? 
# 
loop_
_struct_conn.id 
_struct_conn.conn_type_id 
_struct_conn.pdbx_leaving_atom_flag 
_struct_conn.pdbx_PDB_id 
_struct_conn.ptnr1_label_asym_id 
_struct_conn.ptnr1_label_comp_id 
_struct_conn.ptnr1_label_seq_id 
_struct_conn.ptnr1_label_atom_id 
_struct_conn.pdbx_ptnr1_label_alt_id 
_struct_conn.pdbx_ptnr1_PDB_ins_code 
_struct_conn.pdbx_ptnr1_standard_comp_id 
_struct_conn.ptnr1_symmetry 
_struct_conn.ptnr2_label_asym_id 
_struct_conn.ptnr2_label_comp_id 
_struct_conn.ptnr2_label_seq_id 
_struct_conn.ptnr2_label_atom_id 
_struct_conn.pdbx_ptnr2_label_alt_id 
_struct_conn.pdbx_ptnr2_PDB_ins_code 
_struct_conn.ptnr1_auth_asym_id 
_struct_conn.ptnr1_auth_comp_id 
_struct_conn.ptnr1_auth_seq_id 
_struct_conn.ptnr2_auth_asym_id 
_struct_conn.ptnr2_auth_comp_id 
_struct_conn.ptnr2_auth_seq_id 
_struct_conn.ptnr2_symmetry 
_struct_conn.pdbx_ptnr3_label_atom_id 
_struct_conn.pdbx_ptnr3_label_seq_id 
_struct_conn.pdbx_ptnr3_label_comp_id 
_struct_conn.pdbx_ptnr3_label_asym_id 
_struct_conn.pdbx_ptnr3_label_alt_id 
_struct_conn.pdbx_ptnr3_PDB_ins_code 
_struct_conn.details 
_struct_conn.pdbx_dist_value 
_struct_conn.pdbx_value_order 
_struct_conn.pdbx_role 
metalc1  metalc ? ? A DC 2  OP1 ? ? ? 1_555 B CA  .  CA ? ? A DC 3   A CA  101 1_555  ? ? ? ? ? ? ?            2.384 ? ? 
metalc2  metalc ? ? A DC 2  OP1 ? ? ? 1_555 B CA  .  CA ? ? A DC 3   A CA  101 2_455  ? ? ? ? ? ? ?            2.360 ? ? 
metalc3  metalc ? ? A DG 5  O6  ? ? ? 1_555 J CA  .  CA ? ? A DG 6   A CA  109 1_555  ? ? ? ? ? ? ?            2.753 ? ? 
metalc4  metalc ? ? A DA 6  OP1 ? ? ? 1_555 C CA  .  CA ? ? A DA 7   A CA  102 1_555  ? ? ? ? ? ? ?            2.287 ? ? 
metalc5  metalc ? ? A DA 6  OP1 ? ? ? 1_555 C CA  .  CA ? ? A DA 7   A CA  102 2_445  ? ? ? ? ? ? ?            2.296 ? ? 
metalc6  metalc ? ? A DA 6  OP2 ? ? ? 1_555 D CA  .  CA ? ? A DA 7   A CA  103 1_555  ? ? ? ? ? ? ?            2.248 ? ? 
metalc7  metalc ? ? A DA 6  OP2 ? ? ? 1_555 D CA  .  CA ? ? A DA 7   A CA  103 2_445  ? ? ? ? ? ? ?            2.311 ? ? 
metalc8  metalc ? ? A DA 8  OP1 ? ? ? 1_555 I CA  .  CA ? ? A DA 9   A CA  108 18_335 ? ? ? ? ? ? ?            2.176 ? ? 
metalc9  metalc ? ? A DT 11 OP1 ? ? ? 1_555 I CA  .  CA ? ? A DT 12  A CA  108 1_555  ? ? ? ? ? ? ?            2.168 ? ? 
metalc10 metalc ? ? A DG 15 OP1 ? ? ? 1_555 F CA  .  CA ? ? A DG 16  A CA  105 1_555  ? ? ? ? ? ? ?            2.334 ? ? 
metalc11 metalc ? ? A DC 16 OP1 ? ? ? 1_555 E CA  .  CA ? ? A DC 17  A CA  104 1_555  ? ? ? ? ? ? ?            2.317 ? ? 
metalc12 metalc ? ? A DC 16 OP1 ? ? ? 1_555 E CA  .  CA ? ? A DC 17  A CA  104 2_445  ? ? ? ? ? ? ?            2.264 ? ? 
metalc13 metalc ? ? B CA .  CA  ? ? ? 1_555 K HOH .  O  ? ? A CA 101 A HOH 252 1_555  ? ? ? ? ? ? ?            2.369 ? ? 
metalc14 metalc ? ? B CA .  CA  ? ? ? 1_555 K HOH .  O  ? ? A CA 101 A HOH 252 3_445  ? ? ? ? ? ? ?            2.378 ? ? 
metalc15 metalc ? ? C CA .  CA  ? ? ? 1_555 K HOH .  O  ? ? A CA 102 A HOH 266 1_555  ? ? ? ? ? ? ?            2.358 ? ? 
metalc16 metalc ? ? C CA .  CA  ? ? ? 1_555 K HOH .  O  ? ? A CA 102 A HOH 266 3_545  ? ? ? ? ? ? ?            2.340 ? ? 
metalc17 metalc ? ? D CA .  CA  ? ? ? 1_555 K HOH .  O  ? ? A CA 103 A HOH 267 1_555  ? ? ? ? ? ? ?            2.380 ? ? 
metalc18 metalc ? ? D CA .  CA  ? ? ? 1_555 K HOH .  O  ? ? A CA 103 A HOH 267 3_545  ? ? ? ? ? ? ?            2.336 ? ? 
metalc19 metalc ? ? E CA .  CA  ? ? ? 1_555 K HOH .  O  ? ? A CA 104 A HOH 256 14_444 ? ? ? ? ? ? ?            2.358 ? ? 
metalc20 metalc ? ? F CA .  CA  ? ? ? 1_555 K HOH .  O  ? ? A CA 105 A HOH 206 18_445 ? ? ? ? ? ? ?            2.381 ? ? 
metalc21 metalc ? ? F CA .  CA  ? ? ? 1_555 K HOH .  O  ? ? A CA 105 A HOH 239 3_545  ? ? ? ? ? ? ?            2.357 ? ? 
metalc22 metalc ? ? F CA .  CA  ? ? ? 1_555 K HOH .  O  ? ? A CA 105 A HOH 259 1_555  ? ? ? ? ? ? ?            2.538 ? ? 
metalc23 metalc ? ? F CA .  CA  ? ? ? 1_555 K HOH .  O  ? ? A CA 105 A HOH 264 3_545  ? ? ? ? ? ? ?            2.227 ? ? 
metalc24 metalc ? ? F CA .  CA  ? ? ? 1_555 K HOH .  O  ? ? A CA 105 A HOH 269 1_555  ? ? ? ? ? ? ?            2.411 ? ? 
metalc25 metalc ? ? F CA .  CA  ? ? ? 1_555 K HOH .  O  ? ? A CA 105 A HOH 274 1_555  ? ? ? ? ? ? ?            2.593 ? ? 
metalc26 metalc ? ? G CA .  CA  ? ? ? 1_555 K HOH .  O  ? ? A CA 106 A HOH 208 1_555  ? ? ? ? ? ? ?            3.086 ? ? 
metalc27 metalc ? ? G CA .  CA  ? ? ? 1_555 K HOH .  O  ? ? A CA 106 A HOH 215 18_445 ? ? ? ? ? ? ?            2.583 ? ? 
metalc28 metalc ? ? G CA .  CA  ? ? ? 1_555 K HOH .  O  ? ? A CA 106 A HOH 222 17_435 ? ? ? ? ? ? ?            2.446 ? ? 
metalc29 metalc ? ? G CA .  CA  ? ? ? 1_555 K HOH .  O  ? ? A CA 106 A HOH 223 1_555  ? ? ? ? ? ? ?            2.321 ? ? 
metalc30 metalc ? ? G CA .  CA  ? ? ? 1_555 K HOH .  O  ? ? A CA 106 A HOH 249 17_435 ? ? ? ? ? ? ?            2.023 ? ? 
metalc31 metalc ? ? G CA .  CA  ? ? ? 1_555 K HOH .  O  ? ? A CA 106 A HOH 272 1_555  ? ? ? ? ? ? ?            2.233 ? ? 
metalc32 metalc ? ? G CA .  CA  ? ? ? 1_555 K HOH .  O  ? ? A CA 106 A HOH 284 18_445 ? ? ? ? ? ? ?            2.551 ? ? 
metalc33 metalc ? ? H CA .  CA  ? ? ? 1_555 K HOH .  O  ? ? A CA 107 A HOH 220 1_555  ? ? ? ? ? ? ?            2.163 ? ? 
metalc34 metalc ? ? H CA .  CA  ? ? ? 1_555 K HOH .  O  ? ? A CA 107 A HOH 232 1_555  ? ? ? ? ? ? ?            2.230 ? ? 
metalc35 metalc ? ? H CA .  CA  ? ? ? 1_555 K HOH .  O  ? ? A CA 107 A HOH 254 1_555  ? ? ? ? ? ? ?            2.779 ? ? 
metalc36 metalc ? ? I CA .  CA  ? ? ? 1_555 K HOH .  O  ? ? A CA 108 A HOH 250 18_345 ? ? ? ? ? ? ?            2.515 ? ? 
metalc37 metalc ? ? I CA .  CA  ? ? ? 1_555 K HOH .  O  ? ? A CA 108 A HOH 258 1_555  ? ? ? ? ? ? ?            2.596 ? ? 
metalc38 metalc ? ? J CA .  CA  ? ? ? 1_555 K HOH .  O  ? ? A CA 109 A HOH 216 17_435 ? ? ? ? ? ? ?            2.189 ? ? 
metalc39 metalc ? ? J CA .  CA  ? ? ? 1_555 K HOH .  O  ? ? A CA 109 A HOH 217 1_555  ? ? ? ? ? ? ?            3.146 ? ? 
metalc40 metalc ? ? J CA .  CA  ? ? ? 1_555 K HOH .  O  ? ? A CA 109 A HOH 238 1_555  ? ? ? ? ? ? ?            3.130 ? ? 
metalc41 metalc ? ? J CA .  CA  ? ? ? 1_555 K HOH .  O  ? ? A CA 109 A HOH 290 1_555  ? ? ? ? ? ? ?            2.363 ? ? 
metalc42 metalc ? ? J CA .  CA  ? ? ? 1_555 K HOH .  O  ? ? A CA 109 A HOH 291 1_555  ? ? ? ? ? ? ?            2.329 ? ? 
hydrog1  hydrog ? ? A DG 1  N1  ? ? ? 1_555 A DC  16 N3 ? ? A DG 2   A DC  17  17_435 ? ? ? ? ? ? WATSON-CRICK ?     ? ? 
hydrog2  hydrog ? ? A DG 1  N2  ? ? ? 1_555 A DC  16 O2 ? ? A DG 2   A DC  17  17_435 ? ? ? ? ? ? WATSON-CRICK ?     ? ? 
hydrog3  hydrog ? ? A DG 1  O6  ? ? ? 1_555 A DC  16 N4 ? ? A DG 2   A DC  17  17_435 ? ? ? ? ? ? WATSON-CRICK ?     ? ? 
hydrog4  hydrog ? ? A DC 2  N3  ? ? ? 1_555 A DG  15 N1 ? ? A DC 3   A DG  16  17_435 ? ? ? ? ? ? WATSON-CRICK ?     ? ? 
hydrog5  hydrog ? ? A DC 2  N4  ? ? ? 1_555 A DG  15 O6 ? ? A DC 3   A DG  16  17_435 ? ? ? ? ? ? WATSON-CRICK ?     ? ? 
hydrog6  hydrog ? ? A DC 2  O2  ? ? ? 1_555 A DG  15 N2 ? ? A DC 3   A DG  16  17_435 ? ? ? ? ? ? WATSON-CRICK ?     ? ? 
hydrog7  hydrog ? ? A DT 3  N3  ? ? ? 1_555 A DA  14 N1 ? ? A DT 4   A DA  15  17_435 ? ? ? ? ? ? WATSON-CRICK ?     ? ? 
hydrog8  hydrog ? ? A DT 3  O4  ? ? ? 1_555 A DA  14 N6 ? ? A DT 4   A DA  15  17_435 ? ? ? ? ? ? WATSON-CRICK ?     ? ? 
hydrog9  hydrog ? ? A DG 4  N1  ? ? ? 1_555 A DC  13 N3 ? ? A DG 5   A DC  14  17_435 ? ? ? ? ? ? WATSON-CRICK ?     ? ? 
hydrog10 hydrog ? ? A DG 4  N2  ? ? ? 1_555 A DC  13 O2 ? ? A DG 5   A DC  14  17_435 ? ? ? ? ? ? WATSON-CRICK ?     ? ? 
hydrog11 hydrog ? ? A DG 4  O6  ? ? ? 1_555 A DC  13 N4 ? ? A DG 5   A DC  14  17_435 ? ? ? ? ? ? WATSON-CRICK ?     ? ? 
hydrog12 hydrog ? ? A DG 5  N1  ? ? ? 1_555 A DC  12 N3 ? ? A DG 6   A DC  13  17_435 ? ? ? ? ? ? WATSON-CRICK ?     ? ? 
hydrog13 hydrog ? ? A DG 5  N2  ? ? ? 1_555 A DC  12 O2 ? ? A DG 6   A DC  13  17_435 ? ? ? ? ? ? WATSON-CRICK ?     ? ? 
hydrog14 hydrog ? ? A DG 5  O6  ? ? ? 1_555 A DC  12 N4 ? ? A DG 6   A DC  13  17_435 ? ? ? ? ? ? WATSON-CRICK ?     ? ? 
hydrog15 hydrog ? ? A DA 6  N1  ? ? ? 1_555 A DT  11 N3 ? ? A DA 7   A DT  12  17_435 ? ? ? ? ? ? WATSON-CRICK ?     ? ? 
hydrog16 hydrog ? ? A DA 6  N6  ? ? ? 1_555 A DT  11 O4 ? ? A DA 7   A DT  12  17_435 ? ? ? ? ? ? WATSON-CRICK ?     ? ? 
hydrog17 hydrog ? ? A DT 7  N3  ? ? ? 1_555 A DA  10 N1 ? ? A DT 8   A DA  11  17_435 ? ? ? ? ? ? WATSON-CRICK ?     ? ? 
hydrog18 hydrog ? ? A DT 7  O4  ? ? ? 1_555 A DA  10 N6 ? ? A DT 8   A DA  11  17_435 ? ? ? ? ? ? WATSON-CRICK ?     ? ? 
hydrog19 hydrog ? ? A DA 8  N1  ? ? ? 1_555 A DT  9  N3 ? ? A DA 9   A DT  10  17_435 ? ? ? ? ? ? WATSON-CRICK ?     ? ? 
hydrog20 hydrog ? ? A DA 8  N6  ? ? ? 1_555 A DT  9  O4 ? ? A DA 9   A DT  10  17_435 ? ? ? ? ? ? WATSON-CRICK ?     ? ? 
hydrog21 hydrog ? ? A DT 9  N3  ? ? ? 1_555 A DA  8  N1 ? ? A DT 10  A DA  9   17_435 ? ? ? ? ? ? WATSON-CRICK ?     ? ? 
hydrog22 hydrog ? ? A DT 9  O4  ? ? ? 1_555 A DA  8  N6 ? ? A DT 10  A DA  9   17_435 ? ? ? ? ? ? WATSON-CRICK ?     ? ? 
hydrog23 hydrog ? ? A DA 10 N1  ? ? ? 1_555 A DT  7  N3 ? ? A DA 11  A DT  8   17_435 ? ? ? ? ? ? WATSON-CRICK ?     ? ? 
hydrog24 hydrog ? ? A DA 10 N6  ? ? ? 1_555 A DT  7  O4 ? ? A DA 11  A DT  8   17_435 ? ? ? ? ? ? WATSON-CRICK ?     ? ? 
hydrog25 hydrog ? ? A DT 11 N3  ? ? ? 1_555 A DA  6  N1 ? ? A DT 12  A DA  7   17_435 ? ? ? ? ? ? WATSON-CRICK ?     ? ? 
hydrog26 hydrog ? ? A DT 11 O4  ? ? ? 1_555 A DA  6  N6 ? ? A DT 12  A DA  7   17_435 ? ? ? ? ? ? WATSON-CRICK ?     ? ? 
hydrog27 hydrog ? ? A DC 12 N3  ? ? ? 1_555 A DG  5  N1 ? ? A DC 13  A DG  6   17_435 ? ? ? ? ? ? WATSON-CRICK ?     ? ? 
hydrog28 hydrog ? ? A DC 12 N4  ? ? ? 1_555 A DG  5  O6 ? ? A DC 13  A DG  6   17_435 ? ? ? ? ? ? WATSON-CRICK ?     ? ? 
hydrog29 hydrog ? ? A DC 12 O2  ? ? ? 1_555 A DG  5  N2 ? ? A DC 13  A DG  6   17_435 ? ? ? ? ? ? WATSON-CRICK ?     ? ? 
hydrog30 hydrog ? ? A DC 13 N3  ? ? ? 1_555 A DG  4  N1 ? ? A DC 14  A DG  5   17_435 ? ? ? ? ? ? WATSON-CRICK ?     ? ? 
hydrog31 hydrog ? ? A DC 13 N4  ? ? ? 1_555 A DG  4  O6 ? ? A DC 14  A DG  5   17_435 ? ? ? ? ? ? WATSON-CRICK ?     ? ? 
hydrog32 hydrog ? ? A DC 13 O2  ? ? ? 1_555 A DG  4  N2 ? ? A DC 14  A DG  5   17_435 ? ? ? ? ? ? WATSON-CRICK ?     ? ? 
hydrog33 hydrog ? ? A DA 14 N1  ? ? ? 1_555 A DT  3  N3 ? ? A DA 15  A DT  4   17_435 ? ? ? ? ? ? WATSON-CRICK ?     ? ? 
hydrog34 hydrog ? ? A DA 14 N6  ? ? ? 1_555 A DT  3  O4 ? ? A DA 15  A DT  4   17_435 ? ? ? ? ? ? WATSON-CRICK ?     ? ? 
hydrog35 hydrog ? ? A DG 15 N1  ? ? ? 1_555 A DC  2  N3 ? ? A DG 16  A DC  3   17_435 ? ? ? ? ? ? WATSON-CRICK ?     ? ? 
hydrog36 hydrog ? ? A DG 15 N2  ? ? ? 1_555 A DC  2  O2 ? ? A DG 16  A DC  3   17_435 ? ? ? ? ? ? WATSON-CRICK ?     ? ? 
hydrog37 hydrog ? ? A DG 15 O6  ? ? ? 1_555 A DC  2  N4 ? ? A DG 16  A DC  3   17_435 ? ? ? ? ? ? WATSON-CRICK ?     ? ? 
hydrog38 hydrog ? ? A DC 16 N3  ? ? ? 1_555 A DG  1  N1 ? ? A DC 17  A DG  2   17_435 ? ? ? ? ? ? WATSON-CRICK ?     ? ? 
hydrog39 hydrog ? ? A DC 16 N4  ? ? ? 1_555 A DG  1  O6 ? ? A DC 17  A DG  2   17_435 ? ? ? ? ? ? WATSON-CRICK ?     ? ? 
hydrog40 hydrog ? ? A DC 16 O2  ? ? ? 1_555 A DG  1  N2 ? ? A DC 17  A DG  2   17_435 ? ? ? ? ? ? WATSON-CRICK ?     ? ? 
# 
loop_
_struct_conn_type.id 
_struct_conn_type.criteria 
_struct_conn_type.reference 
metalc ? ? 
hydrog ? ? 
# 
_atom_sites.entry_id                    8F94 
_atom_sites.Cartn_transf_matrix[1][1]   ? 
_atom_sites.Cartn_transf_matrix[1][2]   ? 
_atom_sites.Cartn_transf_matrix[1][3]   ? 
_atom_sites.Cartn_transf_matrix[2][1]   ? 
_atom_sites.Cartn_transf_matrix[2][2]   ? 
_atom_sites.Cartn_transf_matrix[2][3]   ? 
_atom_sites.Cartn_transf_matrix[3][1]   ? 
_atom_sites.Cartn_transf_matrix[3][2]   ? 
_atom_sites.Cartn_transf_matrix[3][3]   ? 
_atom_sites.Cartn_transf_vector[1]      ? 
_atom_sites.Cartn_transf_vector[2]      ? 
_atom_sites.Cartn_transf_vector[3]      ? 
_atom_sites.fract_transf_matrix[1][1]   -0.00378009 
_atom_sites.fract_transf_matrix[1][2]   -0.02418959 
_atom_sites.fract_transf_matrix[1][3]   -0.01696104 
_atom_sites.fract_transf_matrix[2][1]   -0.02158391 
_atom_sites.fract_transf_matrix[2][2]   -0.00057832 
_atom_sites.fract_transf_matrix[2][3]   -0.02051554 
_atom_sites.fract_transf_matrix[3][1]   0.00396319 
_atom_sites.fract_transf_matrix[3][2]   0.00235072 
_atom_sites.fract_transf_matrix[3][3]   -0.00423584 
_atom_sites.fract_transf_vector[1]      -0.594998 
_atom_sites.fract_transf_vector[2]      -0.624352 
_atom_sites.fract_transf_vector[3]      0.335241 
_atom_sites.solution_primary            ? 
_atom_sites.solution_secondary          ? 
_atom_sites.solution_hydrogens          ? 
_atom_sites.special_details             ? 
# 
loop_
_atom_type.symbol 
_atom_type.scat_dispersion_real 
_atom_type.scat_dispersion_imag 
_atom_type.scat_Cromer_Mann_a1 
_atom_type.scat_Cromer_Mann_a2 
_atom_type.scat_Cromer_Mann_a3 
_atom_type.scat_Cromer_Mann_a4 
_atom_type.scat_Cromer_Mann_b1 
_atom_type.scat_Cromer_Mann_b2 
_atom_type.scat_Cromer_Mann_b3 
_atom_type.scat_Cromer_Mann_b4 
_atom_type.scat_Cromer_Mann_c 
_atom_type.scat_source 
_atom_type.scat_dispersion_source 
C  ? ? 3.54356 2.42580 ?       ? 25.62398 1.50364  ?        ? 0.0 
;2-Gaussian fit: Grosse-Kunstleve RW, Sauter NK, Adams PD: Newsletter of the IUCr Commission on Crystallographic Computing 2004, 3, 22-31.
;
? 
CA ? ? 8.75937 8.41257 2.76798 ? 9.64476  0.47514  97.39057 ? 0.0 
;3-Gaussian fit: Grosse-Kunstleve RW, Sauter NK, Adams PD: Newsletter of the IUCr Commission on Crystallographic Computing 2004, 3, 22-31.
;
? 
H  ? ? 0.51345 0.48472 ?       ? 24.73122 6.32584  ?        ? 0.0 
;2-Gaussian fit: Grosse-Kunstleve RW, Sauter NK, Adams PD: Newsletter of the IUCr Commission on Crystallographic Computing 2004, 3, 22-31.
;
? 
N  ? ? 4.01032 2.96436 ?       ? 19.97189 1.75589  ?        ? 0.0 
;2-Gaussian fit: Grosse-Kunstleve RW, Sauter NK, Adams PD: Newsletter of the IUCr Commission on Crystallographic Computing 2004, 3, 22-31.
;
? 
O  ? ? 4.49882 3.47563 ?       ? 15.80542 1.70748  ?        ? 0.0 
;2-Gaussian fit: Grosse-Kunstleve RW, Sauter NK, Adams PD: Newsletter of the IUCr Commission on Crystallographic Computing 2004, 3, 22-31.
;
? 
P  ? ? 9.51135 5.44231 ?       ? 1.42069  35.72801 ?        ? 0.0 
;2-Gaussian fit: Grosse-Kunstleve RW, Sauter NK, Adams PD: Newsletter of the IUCr Commission on Crystallographic Computing 2004, 3, 22-31.
;
? 
# 
loop_
_atom_site.group_PDB 
_atom_site.id 
_atom_site.type_symbol 
_atom_site.label_atom_id 
_atom_site.label_alt_id 
_atom_site.label_comp_id 
_atom_site.label_asym_id 
_atom_site.label_entity_id 
_atom_site.label_seq_id 
_atom_site.pdbx_PDB_ins_code 
_atom_site.Cartn_x 
_atom_site.Cartn_y 
_atom_site.Cartn_z 
_atom_site.occupancy 
_atom_site.B_iso_or_equiv 
_atom_site.pdbx_formal_charge 
_atom_site.auth_seq_id 
_atom_site.auth_comp_id 
_atom_site.auth_asym_id 
_atom_site.auth_atom_id 
_atom_site.pdbx_PDB_model_num 
ATOM   1   O  "O5'"  . DG  A 1 1  ? 10.98174  17.97429  -14.71939 1.000 35.60732 ? 2   DG  A "O5'"  1 
ATOM   2   C  "C5'"  . DG  A 1 1  ? 11.35576  18.14566  -16.06190 1.000 24.66796 ? 2   DG  A "C5'"  1 
ATOM   3   C  "C4'"  . DG  A 1 1  ? 10.75425  17.02717  -16.95581 1.000 18.99457 ? 2   DG  A "C4'"  1 
ATOM   4   O  "O4'"  . DG  A 1 1  ? 11.70955  15.94336  -17.10012 1.000 18.16842 ? 2   DG  A "O4'"  1 
ATOM   5   C  "C3'"  . DG  A 1 1  ? 9.45499   16.38207  -16.43413 1.000 17.11787 ? 2   DG  A "C3'"  1 
ATOM   6   O  "O3'"  . DG  A 1 1  ? 8.61139   15.94312  -17.52532 1.000 16.73084 ? 2   DG  A "O3'"  1 
ATOM   7   C  "C2'"  . DG  A 1 1  ? 10.01525  15.26819  -15.56201 1.000 18.66252 ? 2   DG  A "C2'"  1 
ATOM   8   C  "C1'"  . DG  A 1 1  ? 11.26068  14.83769  -16.33263 1.000 16.67181 ? 2   DG  A "C1'"  1 
ATOM   9   N  N9     . DG  A 1 1  ? 12.41182  14.45176  -15.52551 1.000 15.95951 ? 2   DG  A N9     1 
ATOM   10  C  C8     . DG  A 1 1  ? 13.01555  15.12694  -14.54042 1.000 18.73329 ? 2   DG  A C8     1 
ATOM   11  N  N7     . DG  A 1 1  ? 14.09502  14.55804  -14.05951 1.000 19.11164 ? 2   DG  A N7     1 
ATOM   12  C  C5     . DG  A 1 1  ? 14.22579  13.38514  -14.83937 1.000 16.32503 ? 2   DG  A C5     1 
ATOM   13  C  C6     . DG  A 1 1  ? 15.20011  12.33583  -14.82986 1.000 16.70625 ? 2   DG  A C6     1 
ATOM   14  O  O6     . DG  A 1 1  ? 16.17622  12.19573  -14.10640 1.000 17.15868 ? 2   DG  A O6     1 
ATOM   15  N  N1     . DG  A 1 1  ? 14.92037  11.36834  -15.78184 1.000 15.08545 ? 2   DG  A N1     1 
ATOM   16  C  C2     . DG  A 1 1  ? 13.89668  11.43736  -16.66560 1.000 14.96426 ? 2   DG  A C2     1 
ATOM   17  N  N2     . DG  A 1 1  ? 13.79631  10.42223  -17.49058 1.000 15.85184 ? 2   DG  A N2     1 
ATOM   18  N  N3     . DG  A 1 1  ? 12.98363  12.41906  -16.65986 1.000 14.90616 ? 2   DG  A N3     1 
ATOM   19  C  C4     . DG  A 1 1  ? 13.21550  13.34029  -15.74705 1.000 16.14685 ? 2   DG  A C4     1 
ATOM   20  H  "H5'"  . DG  A 1 1  ? 12.32315  18.12164  -16.12890 1.000 29.60419 ? 2   DG  A "H5'"  1 
ATOM   21  H  "H5''" . DG  A 1 1  ? 11.03892  19.00784  -16.37358 1.000 29.60419 ? 2   DG  A "H5''" 1 
ATOM   22  H  "H4'"  . DG  A 1 1  ? 10.57689  17.39916  -17.83391 1.000 22.79613 ? 2   DG  A "H4'"  1 
ATOM   23  H  "H3'"  . DG  A 1 1  ? 8.93401   16.99391  -15.89089 1.000 20.54408 ? 2   DG  A "H3'"  1 
ATOM   24  H  "H2'"  . DG  A 1 1  ? 10.24346  15.59429  -14.67744 1.000 22.39766 ? 2   DG  A "H2'"  1 
ATOM   25  H  "H2''" . DG  A 1 1  ? 9.38392   14.53683  -15.47583 1.000 22.39766 ? 2   DG  A "H2''" 1 
ATOM   26  H  "H1'"  . DG  A 1 1  ? 10.97513  14.10152  -16.89604 1.000 20.00881 ? 2   DG  A "H1'"  1 
ATOM   27  H  H8     . DG  A 1 1  ? 12.69377  15.93882  -14.22075 1.000 22.48258 ? 2   DG  A H8     1 
ATOM   28  H  H1     . DG  A 1 1  ? 15.43143  10.67739  -15.81347 1.000 18.10518 ? 2   DG  A H1     1 
ATOM   29  H  H21    . DG  A 1 1  ? 13.13634  10.37846  -18.04024 1.000 19.02484 ? 2   DG  A H21    1 
ATOM   30  H  H22    . DG  A 1 1  ? 14.39049  9.80055   -17.48171 1.000 19.02484 ? 2   DG  A H22    1 
ATOM   31  H  "HO5'" . DG  A 1 1  ? 11.14105  18.56493  -14.14255 1.000 42.73143 ? 2   DG  A "HO5'" 1 
ATOM   32  P  P      . DC  A 1 2  ? 7.25164   15.20460  -17.31345 1.000 16.91938 ? 3   DC  A P      1 
ATOM   33  O  OP1    . DC  A 1 2  ? 6.40125   15.60151  -18.48195 1.000 16.63604 ? 3   DC  A OP1    1 
ATOM   34  O  OP2    . DC  A 1 2  ? 6.85574   15.36592  -15.91823 1.000 21.31680 ? 3   DC  A OP2    1 
ATOM   35  O  "O5'"  . DC  A 1 2  ? 7.61504   13.63409  -17.42406 1.000 18.17998 ? 3   DC  A "O5'"  1 
ATOM   36  C  "C5'"  . DC  A 1 2  ? 7.86335   13.04669  -18.66105 1.000 18.61030 ? 3   DC  A "C5'"  1 
ATOM   37  C  "C4'"  . DC  A 1 2  ? 8.18030   11.60737  -18.44910 1.000 21.11747 ? 3   DC  A "C4'"  1 
ATOM   38  O  "O4'"  . DC  A 1 2  ? 9.38299   11.51580  -17.68070 1.000 22.31645 ? 3   DC  A "O4'"  1 
ATOM   39  C  "C3'"  . DC  A 1 2  ? 7.11502   10.89706  -17.59363 1.000 26.32159 ? 3   DC  A "C3'"  1 
ATOM   40  O  "O3'"  . DC  A 1 2  ? 6.32462   10.01391  -18.31637 1.000 30.45491 ? 3   DC  A "O3'"  1 
ATOM   41  C  "C2'"  . DC  A 1 2  ? 7.85616   10.18872  -16.49284 1.000 26.46962 ? 3   DC  A "C2'"  1 
ATOM   42  C  "C1'"  . DC  A 1 2  ? 9.28127   10.30661  -16.85939 1.000 22.89432 ? 3   DC  A "C1'"  1 
ATOM   43  N  N1     . DC  A 1 2  ? 10.16054  10.45290  -15.70164 1.000 19.54012 ? 3   DC  A N1     1 
ATOM   44  C  C2     . DC  A 1 2  ? 11.14350  9.49602   -15.43316 1.000 16.47460 ? 3   DC  A C2     1 
ATOM   45  O  O2     . DC  A 1 2  ? 11.18160  8.46802   -16.10024 1.000 17.41486 ? 3   DC  A O2     1 
ATOM   46  N  N3     . DC  A 1 2  ? 12.00355  9.71173   -14.41266 1.000 15.94255 ? 3   DC  A N3     1 
ATOM   47  C  C4     . DC  A 1 2  ? 11.88454  10.81874  -13.67177 1.000 15.50999 ? 3   DC  A C4     1 
ATOM   48  N  N4     . DC  A 1 2  ? 12.73300  11.00703  -12.70602 1.000 16.69232 ? 3   DC  A N4     1 
ATOM   49  C  C5     . DC  A 1 2  ? 10.87358  11.76668  -13.89681 1.000 17.22642 ? 3   DC  A C5     1 
ATOM   50  C  C6     . DC  A 1 2  ? 10.06743  11.57329  -14.92693 1.000 18.57338 ? 3   DC  A C6     1 
ATOM   51  H  "H5'"  . DC  A 1 2  ? 8.61281   13.48847  -19.09007 1.000 22.33500 ? 3   DC  A "H5'"  1 
ATOM   52  H  "H5''" . DC  A 1 2  ? 7.08063   13.13079  -19.22777 1.000 22.33500 ? 3   DC  A "H5''" 1 
ATOM   53  H  "H4'"  . DC  A 1 2  ? 8.30619   11.15085  -19.29564 1.000 25.34360 ? 3   DC  A "H4'"  1 
ATOM   54  H  "H3'"  . DC  A 1 2  ? 6.57079   11.60601  -17.21665 1.000 31.58854 ? 3   DC  A "H3'"  1 
ATOM   55  H  "H2'"  . DC  A 1 2  ? 7.68563   10.61147  -15.63662 1.000 31.76618 ? 3   DC  A "H2'"  1 
ATOM   56  H  "H2''" . DC  A 1 2  ? 7.59005   9.25723   -16.44370 1.000 31.76618 ? 3   DC  A "H2''" 1 
ATOM   57  H  "H1'"  . DC  A 1 2  ? 9.55860   9.53600   -17.37916 1.000 27.47583 ? 3   DC  A "H1'"  1 
ATOM   58  H  H41    . DC  A 1 2  ? 12.67698  11.71129  -12.21563 1.000 20.03342 ? 3   DC  A H41    1 
ATOM   59  H  H42    . DC  A 1 2  ? 13.35063  10.42741  -12.55715 1.000 20.03342 ? 3   DC  A H42    1 
ATOM   60  H  H5     . DC  A 1 2  ? 10.77432  12.50527  -13.34045 1.000 20.67434 ? 3   DC  A H5     1 
ATOM   61  H  H6     . DC  A 1 2  ? 9.42369   12.21369  -15.12792 1.000 22.29069 ? 3   DC  A H6     1 
ATOM   62  P  P      . DT  A 1 3  ? 5.18627   9.19006   -17.54448 1.000 29.53066 ? 4   DT  A P      1 
ATOM   63  O  OP1    . DT  A 1 3  ? 4.05200   9.12417   -18.44142 1.000 31.63909 ? 4   DT  A OP1    1 
ATOM   64  O  OP2    . DT  A 1 3  ? 4.93101   9.60465   -16.12317 1.000 32.14773 ? 4   DT  A OP2    1 
ATOM   65  O  "O5'"  . DT  A 1 3  ? 5.95398   7.82620   -17.39600 1.000 23.80930 ? 4   DT  A "O5'"  1 
ATOM   66  C  "C5'"  . DT  A 1 3  ? 6.63052   7.25143   -18.48757 1.000 22.93302 ? 4   DT  A "C5'"  1 
ATOM   67  C  "C4'"  . DT  A 1 3  ? 7.33839   5.98926   -18.01260 1.000 20.74468 ? 4   DT  A "C4'"  1 
ATOM   68  O  "O4'"  . DT  A 1 3  ? 8.31360   6.37602   -17.00966 1.000 19.87980 ? 4   DT  A "O4'"  1 
ATOM   69  C  "C3'"  . DT  A 1 3  ? 6.38901   4.97521   -17.38598 1.000 22.47267 ? 4   DT  A "C3'"  1 
ATOM   70  O  "O3'"  . DT  A 1 3  ? 6.56695   3.71994   -17.99170 1.000 21.64906 ? 4   DT  A "O3'"  1 
ATOM   71  C  "C2'"  . DT  A 1 3  ? 6.73758   5.01028   -15.90700 1.000 22.17607 ? 4   DT  A "C2'"  1 
ATOM   72  C  "C1'"  . DT  A 1 3  ? 8.17963   5.53404   -15.88907 1.000 18.52499 ? 4   DT  A "C1'"  1 
ATOM   73  N  N1     . DT  A 1 3  ? 8.60197   6.34040   -14.68945 1.000 17.72810 ? 4   DT  A N1     1 
ATOM   74  C  C2     . DT  A 1 3  ? 9.76808   6.00962   -14.02668 1.000 16.77152 ? 4   DT  A C2     1 
ATOM   75  O  O2     . DT  A 1 3  ? 10.40953  5.02646   -14.27395 1.000 17.70024 ? 4   DT  A O2     1 
ATOM   76  N  N3     . DT  A 1 3  ? 10.11019  6.85897   -13.00537 1.000 16.03508 ? 4   DT  A N3     1 
ATOM   77  C  C4     . DT  A 1 3  ? 9.48993   7.99485   -12.63931 1.000 18.09185 ? 4   DT  A C4     1 
ATOM   78  O  O4     . DT  A 1 3  ? 9.92676   8.68924   -11.75764 1.000 17.13871 ? 4   DT  A O4     1 
ATOM   79  C  C5     . DT  A 1 3  ? 8.24171   8.27409   -13.33490 1.000 17.78736 ? 4   DT  A C5     1 
ATOM   80  C  C7     . DT  A 1 3  ? 7.42245   9.48426   -12.99297 1.000 20.58901 ? 4   DT  A C7     1 
ATOM   81  C  C6     . DT  A 1 3  ? 7.89467   7.45167   -14.36076 1.000 19.87195 ? 4   DT  A C6     1 
ATOM   82  H  "H5'"  . DT  A 1 3  ? 7.28038   7.87993   -18.83907 1.000 27.52227 ? 4   DT  A "H5'"  1 
ATOM   83  H  "H5''" . DT  A 1 3  ? 5.99619   7.02884   -19.18684 1.000 27.52227 ? 4   DT  A "H5''" 1 
ATOM   84  H  "H4'"  . DT  A 1 3  ? 7.81832   5.54796   -18.73080 1.000 24.89625 ? 4   DT  A "H4'"  1 
ATOM   85  H  "H3'"  . DT  A 1 3  ? 5.46645   5.25940   -17.48095 1.000 26.96984 ? 4   DT  A "H3'"  1 
ATOM   86  H  "H2'"  . DT  A 1 3  ? 6.14442   5.60614   -15.42328 1.000 26.61392 ? 4   DT  A "H2'"  1 
ATOM   87  H  "H2''" . DT  A 1 3  ? 6.68370   4.12454   -15.51525 1.000 26.61392 ? 4   DT  A "H2''" 1 
ATOM   88  H  "H1'"  . DT  A 1 3  ? 8.75462   4.75520   -15.94971 1.000 22.23263 ? 4   DT  A "H1'"  1 
ATOM   89  H  H3     . DT  A 1 3  ? 10.80264  6.63940   -12.54504 1.000 19.24474 ? 4   DT  A H3     1 
ATOM   90  H  H71    . DT  A 1 3  ? 6.89350   9.29445   -12.20235 1.000 24.70945 ? 4   DT  A H71    1 
ATOM   91  H  H72    . DT  A 1 3  ? 8.01789   10.23051  -12.82127 1.000 24.70945 ? 4   DT  A H72    1 
ATOM   92  H  H73    . DT  A 1 3  ? 6.83882   9.69174   -13.73945 1.000 24.70945 ? 4   DT  A H73    1 
ATOM   93  H  H6     . DT  A 1 3  ? 7.13820   7.65998   -14.86004 1.000 23.84898 ? 4   DT  A H6     1 
ATOM   94  P  P      . DG  A 1 4  ? 5.76000   2.45345   -17.48099 1.000 24.78781 ? 5   DG  A P      1 
ATOM   95  O  OP1    . DG  A 1 4  ? 5.50416   1.41619   -18.48447 1.000 28.09204 ? 5   DG  A OP1    1 
ATOM   96  O  OP2    . DG  A 1 4  ? 4.48818   2.85096   -16.85543 1.000 30.54313 ? 5   DG  A OP2    1 
ATOM   97  O  "O5'"  . DG  A 1 4  ? 6.65632   1.79124   -16.42308 1.000 20.70566 ? 5   DG  A "O5'"  1 
ATOM   98  C  "C5'"  . DG  A 1 4  ? 7.93805   1.32087   -16.76139 1.000 16.16687 ? 5   DG  A "C5'"  1 
ATOM   99  C  "C4'"  . DG  A 1 4  ? 8.52573   0.62022   -15.57357 1.000 15.12767 ? 5   DG  A "C4'"  1 
ATOM   100 O  "O4'"  . DG  A 1 4  ? 8.84283   1.57266   -14.52964 1.000 15.84067 ? 5   DG  A "O4'"  1 
ATOM   101 C  "C3'"  . DG  A 1 4  ? 7.65977   -0.43921  -14.91365 1.000 15.04601 ? 5   DG  A "C3'"  1 
ATOM   102 O  "O3'"  . DG  A 1 4  ? 8.54744   -1.53739  -14.65310 1.000 15.95444 ? 5   DG  A "O3'"  1 
ATOM   103 C  "C2'"  . DG  A 1 4  ? 7.12836   0.24126   -13.66296 1.000 15.58489 ? 5   DG  A "C2'"  1 
ATOM   104 C  "C1'"  . DG  A 1 4  ? 8.25535   1.17048   -13.29767 1.000 13.80089 ? 5   DG  A "C1'"  1 
ATOM   105 N  N9     . DG  A 1 4  ? 7.86617   2.40289   -12.63654 1.000 15.28121 ? 5   DG  A N9     1 
ATOM   106 C  C8     . DG  A 1 4  ? 6.77403   3.17984   -12.92407 1.000 14.99947 ? 5   DG  A C8     1 
ATOM   107 N  N7     . DG  A 1 4  ? 6.71381   4.29717   -12.25614 1.000 15.56721 ? 5   DG  A N7     1 
ATOM   108 C  C5     . DG  A 1 4  ? 7.86122   4.27861   -11.51868 1.000 13.14645 ? 5   DG  A C5     1 
ATOM   109 C  C6     . DG  A 1 4  ? 8.34644   5.21215   -10.59125 1.000 13.54515 ? 5   DG  A C6     1 
ATOM   110 O  O6     . DG  A 1 4  ? 7.86653   6.30009   -10.26432 1.000 14.91059 ? 5   DG  A O6     1 
ATOM   111 N  N1     . DG  A 1 4  ? 9.54525   4.80361   -10.01864 1.000 13.12569 ? 5   DG  A N1     1 
ATOM   112 C  C2     . DG  A 1 4  ? 10.17825  3.63495   -10.29890 1.000 12.41995 ? 5   DG  A C2     1 
ATOM   113 N  N2     . DG  A 1 4  ? 11.28902  3.38266   -9.60955  1.000 13.37351 ? 5   DG  A N2     1 
ATOM   114 N  N3     . DG  A 1 4  ? 9.72603   2.75375   -11.15964 1.000 13.08742 ? 5   DG  A N3     1 
ATOM   115 C  C4     . DG  A 1 4  ? 8.57755   3.10869   -11.71463 1.000 13.86146 ? 5   DG  A C4     1 
ATOM   116 H  "H5'"  . DG  A 1 4  ? 8.50425   2.06639   -17.01538 1.000 19.40289 ? 5   DG  A "H5'"  1 
ATOM   117 H  "H5''" . DG  A 1 4  ? 7.87448   0.70411   -17.50735 1.000 19.40289 ? 5   DG  A "H5''" 1 
ATOM   118 H  "H4'"  . DG  A 1 4  ? 9.34808   0.19670   -15.86558 1.000 18.15584 ? 5   DG  A "H4'"  1 
ATOM   119 H  "H3'"  . DG  A 1 4  ? 6.88524   -0.69846  -15.43690 1.000 18.05785 ? 5   DG  A "H3'"  1 
ATOM   120 H  "H2'"  . DG  A 1 4  ? 6.31212   0.73174   -13.84761 1.000 18.70451 ? 5   DG  A "H2'"  1 
ATOM   121 H  "H2''" . DG  A 1 4  ? 6.95769   -0.40145  -12.95677 1.000 18.70451 ? 5   DG  A "H2''" 1 
ATOM   122 H  "H1'"  . DG  A 1 4  ? 8.86915   0.67464   -12.73350 1.000 16.56371 ? 5   DG  A "H1'"  1 
ATOM   123 H  H8     . DG  A 1 4  ? 6.12861   2.92991   -13.54525 1.000 18.00200 ? 5   DG  A H8     1 
ATOM   124 H  H1     . DG  A 1 4  ? 9.91285   5.32882   -9.44538  1.000 15.75347 ? 5   DG  A H1     1 
ATOM   125 H  H21    . DG  A 1 4  ? 11.71003  2.64225   -9.72842  1.000 16.05085 ? 5   DG  A H21    1 
ATOM   126 H  H22    . DG  A 1 4  ? 11.58548  3.96012   -9.04542  1.000 16.05085 ? 5   DG  A H22    1 
ATOM   127 P  P      . DG  A 1 5  ? 8.07663   -2.92976  -14.07386 1.000 16.23093 ? 6   DG  A P      1 
ATOM   128 O  OP1    . DG  A 1 5  ? 9.14440   -3.88152  -14.36923 1.000 20.56936 ? 6   DG  A OP1    1 
ATOM   129 O  OP2    . DG  A 1 5  ? 6.73574   -3.13083  -14.46177 1.000 17.07428 ? 6   DG  A OP2    1 
ATOM   130 O  "O5'"  . DG  A 1 5  ? 7.92123   -2.68082  -12.52765 1.000 15.18880 ? 6   DG  A "O5'"  1 
ATOM   131 C  "C5'"  . DG  A 1 5  ? 9.15322   -2.42782  -11.74791 1.000 15.36945 ? 6   DG  A "C5'"  1 
ATOM   132 C  "C4'"  . DG  A 1 5  ? 8.73974   -1.97464  -10.39501 1.000 14.94841 ? 6   DG  A "C4'"  1 
ATOM   133 O  "O4'"  . DG  A 1 5  ? 8.29111   -0.58115  -10.48631 1.000 14.44115 ? 6   DG  A "O4'"  1 
ATOM   134 C  "C3'"  . DG  A 1 5  ? 7.54885   -2.71742  -9.72239  1.000 13.69038 ? 6   DG  A "C3'"  1 
ATOM   135 O  "O3'"  . DG  A 1 5  ? 7.91773   -3.12461  -8.39836  1.000 13.78131 ? 6   DG  A "O3'"  1 
ATOM   136 C  "C2'"  . DG  A 1 5  ? 6.48719   -1.65880  -9.62313  1.000 15.75993 ? 6   DG  A "C2'"  1 
ATOM   137 C  "C1'"  . DG  A 1 5  ? 7.35455   -0.43799  -9.45300  1.000 13.74714 ? 6   DG  A "C1'"  1 
ATOM   138 N  N9     . DG  A 1 5  ? 6.69648   0.82517   -9.47320  1.000 14.77262 ? 6   DG  A N9     1 
ATOM   139 C  C8     . DG  A 1 5  ? 5.51202   1.18278   -10.06717 1.000 15.62198 ? 6   DG  A C8     1 
ATOM   140 N  N7     . DG  A 1 5  ? 5.14210   2.39571   -9.74052  1.000 16.10920 ? 6   DG  A N7     1 
ATOM   141 C  C5     . DG  A 1 5  ? 6.12119   2.84519   -8.86366  1.000 14.55803 ? 6   DG  A C5     1 
ATOM   142 C  C6     . DG  A 1 5  ? 6.25590   4.05137   -8.19494  1.000 15.06666 ? 6   DG  A C6     1 
ATOM   143 O  O6     . DG  A 1 5  ? 5.44659   5.02823   -8.18824  1.000 17.52425 ? 6   DG  A O6     1 
ATOM   144 N  N1     . DG  A 1 5  ? 7.41413   4.10874   -7.43396  1.000 14.99132 ? 6   DG  A N1     1 
ATOM   145 C  C2     . DG  A 1 5  ? 8.34105   3.13406   -7.37778  1.000 13.78280 ? 6   DG  A C2     1 
ATOM   146 N  N2     . DG  A 1 5  ? 9.40237   3.37929   -6.62750  1.000 14.84318 ? 6   DG  A N2     1 
ATOM   147 N  N3     . DG  A 1 5  ? 8.23386   1.98278   -7.99683  1.000 13.73422 ? 6   DG  A N3     1 
ATOM   148 C  C4     . DG  A 1 5  ? 7.10187   1.91930   -8.73138  1.000 13.54479 ? 6   DG  A C4     1 
ATOM   149 H  "H5'"  . DG  A 1 5  ? 9.68636   -1.74250  -12.18034 1.000 18.44598 ? 6   DG  A "H5'"  1 
ATOM   150 H  "H5''" . DG  A 1 5  ? 9.67802   -3.24084  -11.68100 1.000 18.44598 ? 6   DG  A "H5''" 1 
ATOM   151 H  "H4'"  . DG  A 1 5  ? 9.50916   -2.06076  -9.81065  1.000 17.94073 ? 6   DG  A "H4'"  1 
ATOM   152 H  "H3'"  . DG  A 1 5  ? 7.27123   -3.45882  -10.28288 1.000 16.43110 ? 6   DG  A "H3'"  1 
ATOM   153 H  "H2'"  . DG  A 1 5  ? 5.94703   -1.61054  -10.42736 1.000 18.91456 ? 6   DG  A "H2'"  1 
ATOM   154 H  "H2''" . DG  A 1 5  ? 5.90532   -1.79935  -8.85986  1.000 18.91456 ? 6   DG  A "H2''" 1 
ATOM   155 H  "H1'"  . DG  A 1 5  ? 7.80190   -0.43921  -8.59230  1.000 16.49920 ? 6   DG  A "H1'"  1 
ATOM   156 H  H8     . DG  A 1 5  ? 5.02828   0.62806   -10.63566 1.000 18.74901 ? 6   DG  A H8     1 
ATOM   157 H  H1     . DG  A 1 5  ? 7.54966   4.81677   -6.96502  1.000 17.99223 ? 6   DG  A H1     1 
ATOM   158 H  H21    . DG  A 1 5  ? 10.01873  2.78496   -6.54708  1.000 17.81446 ? 6   DG  A H21    1 
ATOM   159 H  H22    . DG  A 1 5  ? 9.47607   4.13307   -6.22009  1.000 17.81446 ? 6   DG  A H22    1 
ATOM   160 P  P      . DA  A 1 6  ? 8.84781   -4.37087  -8.13049  1.000 13.43157 ? 7   DA  A P      1 
ATOM   161 O  OP1    . DA  A 1 6  ? 9.72840   -4.58815  -9.30204  1.000 14.20535 ? 7   DA  A OP1    1 
ATOM   162 O  OP2    . DA  A 1 6  ? 8.02193   -5.50786  -7.64652  1.000 15.29655 ? 7   DA  A OP2    1 
ATOM   163 O  "O5'"  . DA  A 1 6  ? 9.67131   -3.92331  -6.84622  1.000 14.68801 ? 7   DA  A "O5'"  1 
ATOM   164 C  "C5'"  . DA  A 1 6  ? 10.87416  -3.16141  -6.99915  1.000 13.80843 ? 7   DA  A "C5'"  1 
ATOM   165 C  "C4'"  . DA  A 1 6  ? 11.17621  -2.46163  -5.72302  1.000 12.36192 ? 7   DA  A "C4'"  1 
ATOM   166 O  "O4'"  . DA  A 1 6  ? 10.43236  -1.22898  -5.61463  1.000 14.25561 ? 7   DA  A "O4'"  1 
ATOM   167 C  "C3'"  . DA  A 1 6  ? 10.85372  -3.25167  -4.47567  1.000 13.98683 ? 7   DA  A "C3'"  1 
ATOM   168 O  "O3'"  . DA  A 1 6  ? 11.92178  -3.04979  -3.53614  1.000 15.19516 ? 7   DA  A "O3'"  1 
ATOM   169 C  "C2'"  . DA  A 1 6  ? 9.51398   -2.73291  -4.04301  1.000 14.26602 ? 7   DA  A "C2'"  1 
ATOM   170 C  "C1'"  . DA  A 1 6  ? 9.56697   -1.27895  -4.46372  1.000 14.54941 ? 7   DA  A "C1'"  1 
ATOM   171 N  N9     . DA  A 1 6  ? 8.28505   -0.66839  -4.87748  1.000 13.88201 ? 7   DA  A N9     1 
ATOM   172 C  C8     . DA  A 1 6  ? 7.33115   -1.18583  -5.72874  1.000 15.55306 ? 7   DA  A C8     1 
ATOM   173 N  N7     . DA  A 1 6  ? 6.31798   -0.39548  -5.94797  1.000 15.51424 ? 7   DA  A N7     1 
ATOM   174 C  C5     . DA  A 1 6  ? 6.63872   0.74080   -5.22651  1.000 13.53823 ? 7   DA  A C5     1 
ATOM   175 C  C6     . DA  A 1 6  ? 5.97363   1.95494   -5.07725  1.000 14.52487 ? 7   DA  A C6     1 
ATOM   176 N  N6     . DA  A 1 6  ? 4.83807   2.23908   -5.68297  1.000 15.69719 ? 7   DA  A N6     1 
ATOM   177 N  N1     . DA  A 1 6  ? 6.54340   2.89545   -4.30191  1.000 14.64654 ? 7   DA  A N1     1 
ATOM   178 C  C2     . DA  A 1 6  ? 7.72183   2.62252   -3.70910  1.000 14.45477 ? 7   DA  A C2     1 
ATOM   179 N  N3     . DA  A 1 6  ? 8.44459   1.49495   -3.79655  1.000 13.61421 ? 7   DA  A N3     1 
ATOM   180 C  C4     . DA  A 1 6  ? 7.83272   0.58738   -4.56928  1.000 13.70600 ? 7   DA  A C4     1 
ATOM   181 H  "H5'"  . DA  A 1 6  ? 10.75979  -2.51032  -7.70900  1.000 16.57276 ? 7   DA  A "H5'"  1 
ATOM   182 H  "H5''" . DA  A 1 6  ? 11.60798  -3.75291  -7.22837  1.000 16.57276 ? 7   DA  A "H5''" 1 
ATOM   183 H  "H4'"  . DA  A 1 6  ? 12.11797  -2.22927  -5.72209  1.000 14.83694 ? 7   DA  A "H4'"  1 
ATOM   184 H  "H3'"  . DA  A 1 6  ? 10.73501  -4.19698  -4.65782  1.000 16.78683 ? 7   DA  A "H3'"  1 
ATOM   185 H  "H2'"  . DA  A 1 6  ? 8.79346   -3.20269  -4.49141  1.000 17.12186 ? 7   DA  A "H2'"  1 
ATOM   186 H  "H2''" . DA  A 1 6  ? 9.39724   -2.81739  -3.08377  1.000 17.12186 ? 7   DA  A "H2''" 1 
ATOM   187 H  "H1'"  . DA  A 1 6  ? 9.92469   -0.77682  -3.71485  1.000 17.46192 ? 7   DA  A "H1'"  1 
ATOM   188 H  H8     . DA  A 1 6  ? 7.40471   -2.02888  -6.11443  1.000 18.66631 ? 7   DA  A H8     1 
ATOM   189 H  H61    . DA  A 1 6  ? 4.47674   3.01246   -5.57842  1.000 18.83926 ? 7   DA  A H61    1 
ATOM   190 H  H62    . DA  A 1 6  ? 4.45844   1.65111   -6.18273  1.000 18.83926 ? 7   DA  A H62    1 
ATOM   191 H  H2     . DA  A 1 6  ? 8.07717   3.29608   -3.17531  1.000 17.34837 ? 7   DA  A H2     1 
ATOM   192 P  P      . DT  A 1 7  ? 11.98845  -3.68788  -2.08332  1.000 15.70263 ? 8   DT  A P      1 
ATOM   193 O  OP1    . DT  A 1 7  ? 13.41055  -3.61778  -1.69081  1.000 17.17430 ? 8   DT  A OP1    1 
ATOM   194 O  OP2    . DT  A 1 7  ? 11.25309  -4.95624  -2.03226  1.000 16.91869 ? 8   DT  A OP2    1 
ATOM   195 O  "O5'"  . DT  A 1 7  ? 11.13830  -2.70295  -1.21421  1.000 16.25153 ? 8   DT  A "O5'"  1 
ATOM   196 C  "C5'"  . DT  A 1 7  ? 11.68293  -1.40728  -1.03510  1.000 16.14850 ? 8   DT  A "C5'"  1 
ATOM   197 C  "C4'"  . DT  A 1 7  ? 10.69253  -0.57624  -0.31919  1.000 17.79275 ? 8   DT  A "C4'"  1 
ATOM   198 O  "O4'"  . DT  A 1 7  ? 9.52116   -0.32020  -1.09373  1.000 16.24322 ? 8   DT  A "O4'"  1 
ATOM   199 C  "C3'"  . DT  A 1 7  ? 10.24503  -1.17131  0.97001   1.000 18.68771 ? 8   DT  A "C3'"  1 
ATOM   200 O  "O3'"  . DT  A 1 7  ? 10.74522  -0.24825  1.90925   1.000 25.20301 ? 8   DT  A "O3'"  1 
ATOM   201 C  "C2'"  . DT  A 1 7  ? 8.74564   -1.29688  0.82688   1.000 20.10089 ? 8   DT  A "C2'"  1 
ATOM   202 C  "C1'"  . DT  A 1 7  ? 8.44886   -0.24070  -0.21522  1.000 16.94028 ? 8   DT  A "C1'"  1 
ATOM   203 N  N1     . DT  A 1 7  ? 7.19772   -0.34888  -1.01376  1.000 14.23791 ? 8   DT  A N1     1 
ATOM   204 C  C2     . DT  A 1 7  ? 6.37861   0.75846   -1.10794  1.000 13.65008 ? 8   DT  A C2     1 
ATOM   205 O  O2     . DT  A 1 7  ? 6.61117   1.79178   -0.52937  1.000 15.55274 ? 8   DT  A O2     1 
ATOM   206 N  N3     . DT  A 1 7  ? 5.30348   0.61504   -1.89368  1.000 14.38579 ? 8   DT  A N3     1 
ATOM   207 C  C4     . DT  A 1 7  ? 4.91189   -0.50857  -2.57685  1.000 14.02969 ? 8   DT  A C4     1 
ATOM   208 O  O4     . DT  A 1 7  ? 3.93821   -0.48383  -3.26896  1.000 15.56994 ? 8   DT  A O4     1 
ATOM   209 C  C5     . DT  A 1 7  ? 5.79388   -1.66457  -2.43049  1.000 14.32884 ? 8   DT  A C5     1 
ATOM   210 C  C7     . DT  A 1 7  ? 5.51089   -2.94087  -3.13633  1.000 17.95761 ? 8   DT  A C7     1 
ATOM   211 C  C6     . DT  A 1 7  ? 6.90266   -1.51573  -1.68407  1.000 14.20024 ? 8   DT  A C6     1 
ATOM   212 H  "H5'"  . DT  A 1 7  ? 11.88174  -1.01181  -1.89822  1.000 19.38084 ? 8   DT  A "H5'"  1 
ATOM   213 H  "H5''" . DT  A 1 7  ? 12.50126  -1.46312  -0.51729  1.000 19.38084 ? 8   DT  A "H5''" 1 
ATOM   214 H  "H4'"  . DT  A 1 7  ? 11.07914  0.30029   -0.16706  1.000 21.35394 ? 8   DT  A "H4'"  1 
ATOM   215 H  "H3'"  . DT  A 1 7  ? 10.52142  -2.08137  1.16052   1.000 22.42789 ? 8   DT  A "H3'"  1 
ATOM   216 H  "H2'"  . DT  A 1 7  ? 8.49025   -2.18099  0.52026   1.000 24.12371 ? 8   DT  A "H2'"  1 
ATOM   217 H  "H2''" . DT  A 1 7  ? 8.29139   -1.10920  1.66315   1.000 24.12371 ? 8   DT  A "H2''" 1 
ATOM   218 H  "H1'"  . DT  A 1 7  ? 8.38932   0.60917   0.24852   1.000 20.33098 ? 8   DT  A "H1'"  1 
ATOM   219 H  H3     . DT  A 1 7  ? 4.80045   1.30721   -1.97997  1.000 17.26558 ? 8   DT  A H3     1 
ATOM   220 H  H71    . DT  A 1 7  ? 6.23812   -3.13058  -3.74957  1.000 21.55177 ? 8   DT  A H71    1 
ATOM   221 H  H72    . DT  A 1 7  ? 5.43524   -3.65333  -2.48243  1.000 21.55177 ? 8   DT  A H72    1 
ATOM   222 H  H73    . DT  A 1 7  ? 4.67887   -2.85259  -3.62708  1.000 21.55177 ? 8   DT  A H73    1 
ATOM   223 H  H6     . DT  A 1 7  ? 7.49461   -2.22992  -1.61768  1.000 17.04293 ? 8   DT  A H6     1 
ATOM   224 P  P      . DA  A 1 8  ? 10.41973  -0.28665  3.44858   1.000 28.23047 ? 9   DA  A P      1 
ATOM   225 O  OP1    . DA  A 1 8  ? 11.64317  0.20301   4.10102   1.000 35.66234 ? 9   DA  A OP1    1 
ATOM   226 O  OP2    . DA  A 1 8  ? 9.76728   -1.49958  3.87213   1.000 29.98505 ? 9   DA  A OP2    1 
ATOM   227 O  "O5'"  . DA  A 1 8  ? 9.36212   0.83236   3.62189   1.000 29.63157 ? 9   DA  A "O5'"  1 
ATOM   228 C  "C5'"  . DA  A 1 8  ? 9.66431   2.10738   3.32627   1.000 28.78917 ? 9   DA  A "C5'"  1 
ATOM   229 C  "C4'"  . DA  A 1 8  ? 8.50465   2.99545   3.67580   1.000 26.40748 ? 9   DA  A "C4'"  1 
ATOM   230 O  "O4'"  . DA  A 1 8  ? 7.38687   2.70253   2.80018   1.000 26.86507 ? 9   DA  A "O4'"  1 
ATOM   231 C  "C3'"  . DA  A 1 8  ? 7.99333   2.85086   5.10933   1.000 24.87681 ? 9   DA  A "C3'"  1 
ATOM   232 O  "O3'"  . DA  A 1 8  ? 7.76438   4.12335   5.65903   1.000 27.50539 ? 9   DA  A "O3'"  1 
ATOM   233 C  "C2'"  . DA  A 1 8  ? 6.71526   2.03978   4.95435   1.000 22.04927 ? 9   DA  A "C2'"  1 
ATOM   234 C  "C1'"  . DA  A 1 8  ? 6.22898   2.43489   3.57874   1.000 22.02888 ? 9   DA  A "C1'"  1 
ATOM   235 N  N9     . DA  A 1 8  ? 5.50579   1.42251   2.84786   1.000 19.40229 ? 9   DA  A N9     1 
ATOM   236 C  C8     . DA  A 1 8  ? 5.91835   0.15147   2.56935   1.000 20.03555 ? 9   DA  A C8     1 
ATOM   237 N  N7     . DA  A 1 8  ? 5.09317   -0.49059  1.77303   1.000 19.34405 ? 9   DA  A N7     1 
ATOM   238 C  C5     . DA  A 1 8  ? 4.07523   0.39593   1.52894   1.000 17.43215 ? 9   DA  A C5     1 
ATOM   239 C  C6     . DA  A 1 8  ? 2.93197   0.28947   0.77080   1.000 16.69300 ? 9   DA  A C6     1 
ATOM   240 N  N6     . DA  A 1 8  ? 2.60824   -0.78871  0.08935   1.000 18.24450 ? 9   DA  A N6     1 
ATOM   241 N  N1     . DA  A 1 8  ? 2.14124   1.35321   0.71144   1.000 17.57610 ? 9   DA  A N1     1 
ATOM   242 C  C2     . DA  A 1 8  ? 2.46498   2.45587   1.38334   1.000 18.41476 ? 9   DA  A C2     1 
ATOM   243 N  N3     . DA  A 1 8  ? 3.53868   2.67545   2.13613   1.000 18.39657 ? 9   DA  A N3     1 
ATOM   244 C  C4     . DA  A 1 8  ? 4.31991   1.58596   2.14431   1.000 18.10816 ? 9   DA  A C4     1 
ATOM   245 H  "H5'"  . DA  A 1 8  ? 9.85744   2.18376   2.37876   1.000 34.54964 ? 9   DA  A "H5'"  1 
ATOM   246 H  "H5''" . DA  A 1 8  ? 10.44617  2.38094   3.83099   1.000 34.54964 ? 9   DA  A "H5''" 1 
ATOM   247 H  "H4'"  . DA  A 1 8  ? 8.75543   3.92206   3.53651   1.000 31.69162 ? 9   DA  A "H4'"  1 
ATOM   248 H  "H3'"  . DA  A 1 8  ? 8.62427   2.35050   5.65012   1.000 29.85482 ? 9   DA  A "H3'"  1 
ATOM   249 H  "H2'"  . DA  A 1 8  ? 6.89559   1.08793   5.00287   1.000 26.46177 ? 9   DA  A "H2'"  1 
ATOM   250 H  "H2''" . DA  A 1 8  ? 6.06641   2.27345   5.63649   1.000 26.46177 ? 9   DA  A "H2''" 1 
ATOM   251 H  "H1'"  . DA  A 1 8  ? 5.67121   3.21983   3.69554   1.000 26.43729 ? 9   DA  A "H1'"  1 
ATOM   252 H  H8     . DA  A 1 8  ? 6.70067   -0.22082  2.90737   1.000 24.04530 ? 9   DA  A H8     1 
ATOM   253 H  H61    . DA  A 1 8  ? 1.89200   -0.79764  -0.38661  1.000 21.89604 ? 9   DA  A H61    1 
ATOM   254 H  H62    . DA  A 1 8  ? 3.11290   -1.48439  0.11994   1.000 21.89604 ? 9   DA  A H62    1 
ATOM   255 H  H2     . DA  A 1 8  ? 1.86375   3.16236   1.31786   1.000 22.10035 ? 9   DA  A H2     1 
ATOM   256 P  P      . DT  A 1 9  ? 7.35179   4.33553   7.19232   1.000 29.58640 ? 10  DT  A P      1 
ATOM   257 O  OP1    . DT  A 1 9  ? 7.93496   5.60108   7.69101   1.000 31.77300 ? 10  DT  A OP1    1 
ATOM   258 O  OP2    . DT  A 1 9  ? 7.46232   3.11581   8.03553   1.000 33.40093 ? 10  DT  A OP2    1 
ATOM   259 O  "O5'"  . DT  A 1 9  ? 5.80916   4.58010   7.06838   1.000 28.28340 ? 10  DT  A "O5'"  1 
ATOM   260 C  "C5'"  . DT  A 1 9  ? 5.34905   5.57079   6.19714   1.000 27.21893 ? 10  DT  A "C5'"  1 
ATOM   261 C  "C4'"  . DT  A 1 9  ? 3.86929   5.42415   5.96350   1.000 25.01821 ? 10  DT  A "C4'"  1 
ATOM   262 O  "O4'"  . DT  A 1 9  ? 3.58496   4.20327   5.23929   1.000 25.19908 ? 10  DT  A "O4'"  1 
ATOM   263 C  "C3'"  . DT  A 1 9  ? 3.04346   5.34415   7.22243   1.000 25.02039 ? 10  DT  A "C3'"  1 
ATOM   264 O  "O3'"  . DT  A 1 9  ? 2.25404   6.50182   7.25044   1.000 27.45531 ? 10  DT  A "O3'"  1 
ATOM   265 C  "C2'"  . DT  A 1 9  ? 2.23233   4.03697   7.09340   1.000 24.63246 ? 10  DT  A "C2'"  1 
ATOM   266 C  "C1'"  . DT  A 1 9  ? 2.29679   3.75343   5.62794   1.000 22.74344 ? 10  DT  A "C1'"  1 
ATOM   267 N  N1     . DT  A 1 9  ? 2.15392   2.33829   5.21006   1.000 20.68639 ? 10  DT  A N1     1 
ATOM   268 C  C2     . DT  A 1 9  ? 1.16074   2.00762   4.32748   1.000 18.69783 ? 10  DT  A C2     1 
ATOM   269 O  O2     . DT  A 1 9  ? 0.31765   2.80356   3.94394   1.000 19.01709 ? 10  DT  A O2     1 
ATOM   270 N  N3     . DT  A 1 9  ? 1.18059   0.71449   3.92105   1.000 19.00263 ? 10  DT  A N3     1 
ATOM   271 C  C4     . DT  A 1 9  ? 2.07195   -0.24209  4.25977   1.000 18.53621 ? 10  DT  A C4     1 
ATOM   272 O  O4     . DT  A 1 9  ? 2.00302   -1.34723  3.78208   1.000 20.32161 ? 10  DT  A O4     1 
ATOM   273 C  C5     . DT  A 1 9  ? 3.08956   0.14755   5.20014   1.000 20.16471 ? 10  DT  A C5     1 
ATOM   274 C  C7     . DT  A 1 9  ? 4.12641   -0.83214  5.66206   1.000 22.89049 ? 10  DT  A C7     1 
ATOM   275 C  C6     . DT  A 1 9  ? 3.10508   1.39432   5.59874   1.000 21.95507 ? 10  DT  A C6     1 
ATOM   276 H  "H5'"  . DT  A 1 9  ? 5.81646   5.49570   5.35051   1.000 32.66535 ? 10  DT  A "H5'"  1 
ATOM   277 H  "H5''" . DT  A 1 9  ? 5.52831   6.44360   6.58051   1.000 32.66535 ? 10  DT  A "H5''" 1 
ATOM   278 H  "H4'"  . DT  A 1 9  ? 3.56814   6.16971   5.42095   1.000 30.02449 ? 10  DT  A "H4'"  1 
ATOM   279 H  "H3'"  . DT  A 1 9  ? 3.59054   5.24779   8.01761   1.000 30.02711 ? 10  DT  A "H3'"  1 
ATOM   280 H  "H2'"  . DT  A 1 9  ? 2.63542   3.32057   7.60836   1.000 29.56159 ? 10  DT  A "H2'"  1 
ATOM   281 H  "H2''" . DT  A 1 9  ? 1.31641   4.16082   7.38777   1.000 29.56159 ? 10  DT  A "H2''" 1 
ATOM   282 H  "H1'"  . DT  A 1 9  ? 1.58636   4.24636   5.18838   1.000 27.29477 ? 10  DT  A "H1'"  1 
ATOM   283 H  H3     . DT  A 1 9  ? 0.55220   0.47526   3.38487   1.000 22.80579 ? 10  DT  A H3     1 
ATOM   284 H  H71    . DT  A 1 9  ? 5.00438   -0.50410  5.41216   1.000 27.47122 ? 10  DT  A H71    1 
ATOM   285 H  H72    . DT  A 1 9  ? 4.06887   -0.92178  6.62619   1.000 27.47122 ? 10  DT  A H72    1 
ATOM   286 H  H73    . DT  A 1 9  ? 3.96111   -1.68957  5.23968   1.000 27.47122 ? 10  DT  A H73    1 
ATOM   287 H  H6     . DT  A 1 9  ? 3.78607   1.66523   6.17124   1.000 26.34873 ? 10  DT  A H6     1 
ATOM   288 P  P      . DA  A 1 10 ? 1.10042   6.71353   8.32988   1.000 27.02466 ? 11  DA  A P      1 
ATOM   289 O  OP1    . DA  A 1 10 ? 0.91946   8.15322   8.58005   1.000 30.64151 ? 11  DA  A OP1    1 
ATOM   290 O  OP2    . DA  A 1 10 ? 1.37045   5.87481   9.50008   1.000 29.03850 ? 11  DA  A OP2    1 
ATOM   291 O  "O5'"  . DA  A 1 10 ? -0.21396  6.28411   7.57259   1.000 26.16511 ? 11  DA  A "O5'"  1 
ATOM   292 C  "C5'"  . DA  A 1 10 ? -0.46737  6.77204   6.31757   1.000 24.76810 ? 11  DA  A "C5'"  1 
ATOM   293 C  "C4'"  . DA  A 1 10 ? -1.75394  6.24453   5.82478   1.000 24.15786 ? 11  DA  A "C4'"  1 
ATOM   294 O  "O4'"  . DA  A 1 10 ? -1.61945  4.86426   5.55739   1.000 23.52946 ? 11  DA  A "O4'"  1 
ATOM   295 C  "C3'"  . DA  A 1 10 ? -2.89042  6.36991   6.79985   1.000 23.26277 ? 11  DA  A "C3'"  1 
ATOM   296 O  "O3'"  . DA  A 1 10 ? -3.96704  6.84870   6.06380   1.000 24.83485 ? 11  DA  A "O3'"  1 
ATOM   297 C  "C2'"  . DA  A 1 10 ? -3.10533  4.93754   7.32486   1.000 21.64800 ? 11  DA  A "C2'"  1 
ATOM   298 C  "C1'"  . DA  A 1 10 ? -2.66951  4.10725   6.15466   1.000 20.25516 ? 11  DA  A "C1'"  1 
ATOM   299 N  N9     . DA  A 1 10 ? -2.07780  2.79927   6.40132   1.000 18.99059 ? 11  DA  A N9     1 
ATOM   300 C  C8     . DA  A 1 10 ? -0.96897  2.52643   7.15443   1.000 18.76846 ? 11  DA  A C8     1 
ATOM   301 N  N7     . DA  A 1 10 ? -0.57416  1.27561   7.09019   1.000 18.94364 ? 11  DA  A N7     1 
ATOM   302 C  C5     . DA  A 1 10 ? -1.48928  0.68013   6.25529   1.000 16.94134 ? 11  DA  A C5     1 
ATOM   303 C  C6     . DA  A 1 10 ? -1.58789  -0.60813  5.77444   1.000 15.46487 ? 11  DA  A C6     1 
ATOM   304 N  N6     . DA  A 1 10 ? -0.70091  -1.57222  6.10130   1.000 16.96031 ? 11  DA  A N6     1 
ATOM   305 N  N1     . DA  A 1 10 ? -2.59112  -0.87888  4.93154   1.000 14.98402 ? 11  DA  A N1     1 
ATOM   306 C  C2     . DA  A 1 10 ? -3.43041  0.09192   4.56600   1.000 15.10959 ? 11  DA  A C2     1 
ATOM   307 N  N3     . DA  A 1 10 ? -3.40071  1.36681   4.91873   1.000 15.41208 ? 11  DA  A N3     1 
ATOM   308 C  C4     . DA  A 1 10 ? -2.41281  1.58479   5.79513   1.000 15.75697 ? 11  DA  A C4     1 
ATOM   309 H  "H5'"  . DA  A 1 10 ? 0.24441   6.50303   5.71598   1.000 29.72436 ? 11  DA  A "H5'"  1 
ATOM   310 H  "H5''" . DA  A 1 10 ? -0.50539  7.74080   6.34860   1.000 29.72436 ? 11  DA  A "H5''" 1 
ATOM   311 H  "H4'"  . DA  A 1 10 ? -1.99651  6.69486   5.00060   1.000 28.99207 ? 11  DA  A "H4'"  1 
ATOM   312 H  "H3'"  . DA  A 1 10 ? -2.67531  6.92692   7.56429   1.000 27.91797 ? 11  DA  A "H3'"  1 
ATOM   313 H  "H2'"  . DA  A 1 10 ? -2.55971  4.76127   8.10726   1.000 25.98024 ? 11  DA  A "H2'"  1 
ATOM   314 H  "H2''" . DA  A 1 10 ? -4.03601  4.77712   7.54621   1.000 25.98024 ? 11  DA  A "H2''" 1 
ATOM   315 H  "H1'"  . DA  A 1 10 ? -3.46014  3.97919   5.60747   1.000 24.30883 ? 11  DA  A "H1'"  1 
ATOM   316 H  H8     . DA  A 1 10 ? -0.53356  3.16935   7.66627   1.000 22.52479 ? 11  DA  A H8     1 
ATOM   317 H  H61    . DA  A 1 10 ? -0.78060  -2.36085  5.76767   1.000 20.35501 ? 11  DA  A H61    1 
ATOM   318 H  H62    . DA  A 1 10 ? -0.05628  -1.39766  6.64312   1.000 20.35501 ? 11  DA  A H62    1 
ATOM   319 H  H2     . DA  A 1 10 ? -4.11983  -0.15785  3.99397   1.000 18.13415 ? 11  DA  A H2     1 
ATOM   320 P  P      . DT  A 1 11 ? -5.36680  7.16519   6.71069   1.000 27.21843 ? 12  DT  A P      1 
ATOM   321 O  OP1    . DT  A 1 11 ? -5.92705  8.20675   5.81701   1.000 29.05146 ? 12  DT  A OP1    1 
ATOM   322 O  OP2    . DT  A 1 11 ? -5.21454  7.34087   8.15087   1.000 28.98459 ? 12  DT  A OP2    1 
ATOM   323 O  "O5'"  . DT  A 1 11 ? -6.24295  5.86831   6.54260   1.000 25.51529 ? 12  DT  A "O5'"  1 
ATOM   324 C  "C5'"  . DT  A 1 11 ? -6.57579  5.39906   5.25889   1.000 24.76143 ? 12  DT  A "C5'"  1 
ATOM   325 C  "C4'"  . DT  A 1 11 ? -7.30005  4.09310   5.32172   1.000 23.94464 ? 12  DT  A "C4'"  1 
ATOM   326 O  "O4'"  . DT  A 1 11 ? -6.36523  3.10369   5.69162   1.000 21.97661 ? 12  DT  A "O4'"  1 
ATOM   327 C  "C3'"  . DT  A 1 11 ? -8.45094  4.03286   6.31700   1.000 25.13737 ? 12  DT  A "C3'"  1 
ATOM   328 O  "O3'"  . DT  A 1 11 ? -9.65471  3.97460   5.56839   1.000 28.18225 ? 12  DT  A "O3'"  1 
ATOM   329 C  "C2'"  . DT  A 1 11 ? -8.17145  2.77702   7.13198   1.000 23.82682 ? 12  DT  A "C2'"  1 
ATOM   330 C  "C1'"  . DT  A 1 11 ? -7.10369  2.06626   6.30879   1.000 21.66701 ? 12  DT  A "C1'"  1 
ATOM   331 N  N1     . DT  A 1 11 ? -6.13895  1.23043   7.02643   1.000 20.65730 ? 12  DT  A N1     1 
ATOM   332 C  C2     . DT  A 1 11 ? -6.00157  -0.06373  6.64983   1.000 18.10404 ? 12  DT  A C2     1 
ATOM   333 O  O2     . DT  A 1 11 ? -6.68330  -0.59394  5.76285   1.000 18.27657 ? 12  DT  A O2     1 
ATOM   334 N  N3     . DT  A 1 11 ? -5.03881  -0.75102  7.32062   1.000 17.10712 ? 12  DT  A N3     1 
ATOM   335 C  C4     . DT  A 1 11 ? -4.20165  -0.27960  8.27992   1.000 18.62136 ? 12  DT  A C4     1 
ATOM   336 O  O4     . DT  A 1 11 ? -3.34187  -0.99975  8.77156   1.000 18.70354 ? 12  DT  A O4     1 
ATOM   337 C  C5     . DT  A 1 11 ? -4.41221  1.09174   8.67112   1.000 19.56521 ? 12  DT  A C5     1 
ATOM   338 C  C7     . DT  A 1 11 ? -3.56721  1.72313   9.74239   1.000 22.72267 ? 12  DT  A C7     1 
ATOM   339 C  C6     . DT  A 1 11 ? -5.34277  1.78287   8.00321   1.000 20.27016 ? 12  DT  A C6     1 
ATOM   340 H  "H5'"  . DT  A 1 11 ? -5.76259  5.28569   4.74242   1.000 29.71635 ? 12  DT  A "H5'"  1 
ATOM   341 H  "H5''" . DT  A 1 11 ? -7.14061  6.05359   4.81903   1.000 29.71635 ? 12  DT  A "H5''" 1 
ATOM   342 H  "H4'"  . DT  A 1 11 ? -7.67036  3.86714   4.45414   1.000 28.73621 ? 12  DT  A "H4'"  1 
ATOM   343 H  "H3'"  . DT  A 1 11 ? -8.44817  4.78353   6.93132   1.000 30.16749 ? 12  DT  A "H3'"  1 
ATOM   344 H  "H2'"  . DT  A 1 11 ? -7.84214  2.99913   8.01693   1.000 28.59483 ? 12  DT  A "H2'"  1 
ATOM   345 H  "H2''" . DT  A 1 11 ? -8.96835  2.23094   7.21942   1.000 28.59483 ? 12  DT  A "H2''" 1 
ATOM   346 H  "H1'"  . DT  A 1 11 ? -7.56518  1.49720   5.67310   1.000 26.00305 ? 12  DT  A "H1'"  1 
ATOM   347 H  H3     . DT  A 1 11 ? -4.94987  -1.58083  7.11304   1.000 20.53118 ? 12  DT  A H3     1 
ATOM   348 H  H71    . DT  A 1 11 ? -3.09993  2.48598   9.36739   1.000 27.26985 ? 12  DT  A H71    1 
ATOM   349 H  H72    . DT  A 1 11 ? -4.14173  2.01153   10.46879  1.000 27.26985 ? 12  DT  A H72    1 
ATOM   350 H  H73    . DT  A 1 11 ? -2.92747  1.06977   10.06605  1.000 27.26985 ? 12  DT  A H73    1 
ATOM   351 H  H6     . DT  A 1 11 ? -5.45734  2.68242   8.20958   1.000 24.32684 ? 12  DT  A H6     1 
ATOM   352 P  P      . DC  A 1 12 ? -11.07032 3.89192   6.28373   1.000 28.94489 ? 13  DC  A P      1 
ATOM   353 O  OP1    . DC  A 1 12 ? -11.99353 4.51963   5.31887   1.000 33.10847 ? 13  DC  A OP1    1 
ATOM   354 O  OP2    . DC  A 1 12 ? -10.95033 4.41887   7.67551   1.000 29.57018 ? 13  DC  A OP2    1 
ATOM   355 O  "O5'"  . DC  A 1 12 ? -11.38791 2.35074   6.37207   1.000 25.04696 ? 13  DC  A "O5'"  1 
ATOM   356 C  "C5'"  . DC  A 1 12 ? -11.38466 1.52549   5.22144   1.000 23.54629 ? 13  DC  A "C5'"  1 
ATOM   357 C  "C4'"  . DC  A 1 12 ? -11.25553 0.07168   5.61495   1.000 21.35776 ? 13  DC  A "C4'"  1 
ATOM   358 O  "O4'"  . DC  A 1 12 ? -10.00307 -0.14264  6.25763   1.000 19.78051 ? 13  DC  A "O4'"  1 
ATOM   359 C  "C3'"  . DC  A 1 12 ? -12.30926 -0.38891  6.60502   1.000 22.02010 ? 13  DC  A "C3'"  1 
ATOM   360 O  "O3'"  . DC  A 1 12 ? -13.35839 -0.92825  5.88710   1.000 21.45374 ? 13  DC  A "O3'"  1 
ATOM   361 C  "C2'"  . DC  A 1 12 ? -11.58003 -1.39743  7.49745   1.000 21.46023 ? 13  DC  A "C2'"  1 
ATOM   362 C  "C1'"  . DC  A 1 12 ? -10.13344 -1.33041  7.03247   1.000 20.23805 ? 13  DC  A "C1'"  1 
ATOM   363 N  N1     . DC  A 1 12 ? -9.16078  -1.28081  8.11208   1.000 18.24175 ? 13  DC  A N1     1 
ATOM   364 C  C2     . DC  A 1 12 ? -8.29288  -2.34870  8.30339   1.000 15.87724 ? 13  DC  A C2     1 
ATOM   365 O  O2     . DC  A 1 12 ? -8.44561  -3.37586  7.61374   1.000 16.86086 ? 13  DC  A O2     1 
ATOM   366 N  N3     . DC  A 1 12 ? -7.38107  -2.25858  9.28115   1.000 16.30420 ? 13  DC  A N3     1 
ATOM   367 C  C4     . DC  A 1 12 ? -7.28104  -1.13921  10.00124  1.000 17.10878 ? 13  DC  A C4     1 
ATOM   368 N  N4     . DC  A 1 12 ? -6.29566  -1.05914  10.89765  1.000 19.22555 ? 13  DC  A N4     1 
ATOM   369 C  C5     . DC  A 1 12 ? -8.18131  -0.05497  9.81936   1.000 19.21698 ? 13  DC  A C5     1 
ATOM   370 C  C6     . DC  A 1 12 ? -9.08140  -0.17265  8.87597   1.000 18.90804 ? 13  DC  A C6     1 
ATOM   371 H  "H5'"  . DC  A 1 12 ? -10.63924 1.77157   4.65162   1.000 28.25819 ? 13  DC  A "H5'"  1 
ATOM   372 H  "H5''" . DC  A 1 12 ? -12.21216 1.65357   4.73181   1.000 28.25819 ? 13  DC  A "H5''" 1 
ATOM   373 H  "H4'"  . DC  A 1 12 ? -11.28689 -0.48506  4.82125   1.000 25.63195 ? 13  DC  A "H4'"  1 
ATOM   374 H  "H3'"  . DC  A 1 12 ? -12.60909 0.33487   7.17700   1.000 26.42676 ? 13  DC  A "H3'"  1 
ATOM   375 H  "H2'"  . DC  A 1 12 ? -11.65474 -1.14954  8.43225   1.000 25.75492 ? 13  DC  A "H2'"  1 
ATOM   376 H  "H2''" . DC  A 1 12 ? -11.94094 -2.28978  7.37755   1.000 25.75492 ? 13  DC  A "H2''" 1 
ATOM   377 H  "H1'"  . DC  A 1 12 ? -9.95109  -2.10232  6.47408   1.000 24.28830 ? 13  DC  A "H1'"  1 
ATOM   378 H  H41    . DC  A 1 12 ? -6.20624  -0.35021  11.37622  1.000 23.07330 ? 13  DC  A H41    1 
ATOM   379 H  H42    . DC  A 1 12 ? -5.75005  -1.71649  10.99676  1.000 23.07330 ? 13  DC  A H42    1 
ATOM   380 H  H5     . DC  A 1 12 ? -8.13305  0.70776   10.34929  1.000 23.06301 ? 13  DC  A H5     1 
ATOM   381 H  H6     . DC  A 1 12 ? -9.67971  0.52408   8.72938   1.000 22.69228 ? 13  DC  A H6     1 
ATOM   382 P  P      . DC  A 1 13 ? -14.75101 -1.34895  6.57527   1.000 22.86034 ? 14  DC  A P      1 
ATOM   383 O  OP1    . DC  A 1 13 ? -15.69249 -1.40095  5.41621   1.000 27.93163 ? 14  DC  A OP1    1 
ATOM   384 O  OP2    . DC  A 1 13 ? -15.06788 -0.46142  7.70987   1.000 24.93065 ? 14  DC  A OP2    1 
ATOM   385 O  "O5'"  . DC  A 1 13 ? -14.47157 -2.79344  7.18210   1.000 19.60234 ? 14  DC  A "O5'"  1 
ATOM   386 C  "C5'"  . DC  A 1 13 ? -14.19378 -3.88333  6.32325   1.000 18.97493 ? 14  DC  A "C5'"  1 
ATOM   387 C  "C4'"  . DC  A 1 13 ? -13.82979 -5.10048  7.14280   1.000 17.33602 ? 14  DC  A "C4'"  1 
ATOM   388 O  "O4'"  . DC  A 1 13 ? -12.56717 -4.84961  7.84957   1.000 16.33875 ? 14  DC  A "O4'"  1 
ATOM   389 C  "C3'"  . DC  A 1 13 ? -14.83822 -5.45234  8.23169   1.000 16.22000 ? 14  DC  A "C3'"  1 
ATOM   390 O  "O3'"  . DC  A 1 13 ? -14.90660 -6.84963  8.35883   1.000 16.93779 ? 14  DC  A "O3'"  1 
ATOM   391 C  "C2'"  . DC  A 1 13 ? -14.20269 -4.87407  9.47178   1.000 17.41301 ? 14  DC  A "C2'"  1 
ATOM   392 C  "C1'"  . DC  A 1 13 ? -12.77418 -5.19510  9.20737   1.000 14.89282 ? 14  DC  A "C1'"  1 
ATOM   393 N  N1     . DC  A 1 13 ? -11.76822 -4.54466  10.03373  1.000 15.59756 ? 14  DC  A N1     1 
ATOM   394 C  C2     . DC  A 1 13 ? -10.59246 -5.26269  10.33878  1.000 13.87487 ? 14  DC  A C2     1 
ATOM   395 O  O2     . DC  A 1 13 ? -10.47313 -6.40499  9.88952   1.000 14.54366 ? 14  DC  A O2     1 
ATOM   396 N  N3     . DC  A 1 13 ? -9.68623  -4.68563  11.11823  1.000 14.31711 ? 14  DC  A N3     1 
ATOM   397 C  C4     . DC  A 1 13 ? -9.85922  -3.46098  11.55334  1.000 15.08034 ? 14  DC  A C4     1 
ATOM   398 N  N4     . DC  A 1 13 ? -8.90712  -2.94004  12.32631  1.000 16.18804 ? 14  DC  A N4     1 
ATOM   399 C  C5     . DC  A 1 13 ? -10.98009 -2.70988  11.21967  1.000 16.71483 ? 14  DC  A C5     1 
ATOM   400 C  C6     . DC  A 1 13 ? -11.91598 -3.26879  10.46340  1.000 15.71380 ? 14  DC  A C6     1 
ATOM   401 H  "H5'"  . DC  A 1 13 ? -13.45518 -3.65431  5.73765   1.000 22.77256 ? 14  DC  A "H5'"  1 
ATOM   402 H  "H5''" . DC  A 1 13 ? -14.97594 -4.07814  5.78364   1.000 22.77256 ? 14  DC  A "H5''" 1 
ATOM   403 H  "H4'"  . DC  A 1 13 ? -13.71510 -5.86213  6.55319   1.000 20.80586 ? 14  DC  A "H4'"  1 
ATOM   404 H  "H3'"  . DC  A 1 13 ? -15.69945 -5.04799  8.04282   1.000 19.46663 ? 14  DC  A "H3'"  1 
ATOM   405 H  "H2'"  . DC  A 1 13 ? -14.35147 -3.91813  9.54223   1.000 20.89825 ? 14  DC  A "H2'"  1 
ATOM   406 H  "H2''" . DC  A 1 13 ? -14.52673 -5.30438  10.27846  1.000 20.89825 ? 14  DC  A "H2''" 1 
ATOM   407 H  "H1'"  . DC  A 1 13 ? -12.65056 -6.14623  9.35212   1.000 17.87402 ? 14  DC  A "H1'"  1 
ATOM   408 H  H41    . DC  A 1 13 ? -8.98908  -2.13914  12.62872  1.000 19.42829 ? 14  DC  A H41    1 
ATOM   409 H  H42    . DC  A 1 13 ? -8.21064  -3.40469  12.52280  1.000 19.42829 ? 14  DC  A H42    1 
ATOM   410 H  H5     . DC  A 1 13 ? -11.07205 -1.83453  11.52001  1.000 20.06043 ? 14  DC  A H5     1 
ATOM   411 H  H6     . DC  A 1 13 ? -12.67403 -2.78410  10.22813  1.000 18.85920 ? 14  DC  A H6     1 
ATOM   412 P  P      . DA  A 1 14 ? -16.04958 -7.73523  7.69115   1.000 17.21559 ? 15  DA  A P      1 
ATOM   413 O  OP1    . DA  A 1 14 ? -16.18865 -7.39407  6.26299   1.000 19.05978 ? 15  DA  A OP1    1 
ATOM   414 O  OP2    . DA  A 1 14 ? -17.23337 -7.65512  8.55016   1.000 20.25913 ? 15  DA  A OP2    1 
ATOM   415 O  "O5'"  . DA  A 1 14 ? -15.40319 -9.17285  7.85321   1.000 16.11805 ? 15  DA  A "O5'"  1 
ATOM   416 C  "C5'"  . DA  A 1 14 ? -14.31714 -9.58131  7.07352   1.000 15.27220 ? 15  DA  A "C5'"  1 
ATOM   417 C  "C4'"  . DA  A 1 14 ? -13.48459 -10.61264 7.82081   1.000 14.60384 ? 15  DA  A "C4'"  1 
ATOM   418 O  "O4'"  . DA  A 1 14 ? -12.70463 -9.98728  8.87935   1.000 14.44729 ? 15  DA  A "O4'"  1 
ATOM   419 C  "C3'"  . DA  A 1 14 ? -14.28675 -11.70305 8.51732   1.000 14.55437 ? 15  DA  A "C3'"  1 
ATOM   420 O  "O3'"  . DA  A 1 14 ? -13.58438 -12.92515 8.39092   1.000 14.00525 ? 15  DA  A "O3'"  1 
ATOM   421 C  "C2'"  . DA  A 1 14 ? -14.41123 -11.18432 9.97919   1.000 13.73349 ? 15  DA  A "C2'"  1 
ATOM   422 C  "C1'"  . DA  A 1 14 ? -13.09425 -10.48857 10.18107  1.000 13.71516 ? 15  DA  A "C1'"  1 
ATOM   423 N  N9     . DA  A 1 14 ? -13.11303 -9.33309  11.07862  1.000 14.21233 ? 15  DA  A N9     1 
ATOM   424 C  C8     . DA  A 1 14 ? -13.99078 -8.29149  11.05820  1.000 16.47033 ? 15  DA  A C8     1 
ATOM   425 N  N7     . DA  A 1 14 ? -13.65750 -7.32448  11.86192  1.000 15.93213 ? 15  DA  A N7     1 
ATOM   426 C  C5     . DA  A 1 14 ? -12.44589 -7.66842  12.38383  1.000 15.04082 ? 15  DA  A C5     1 
ATOM   427 C  C6     . DA  A 1 14 ? -11.57674 -7.01169  13.27359  1.000 14.69191 ? 15  DA  A C6     1 
ATOM   428 N  N6     . DA  A 1 14 ? -11.77948 -5.76721  13.76498  1.000 16.65510 ? 15  DA  A N6     1 
ATOM   429 N  N1     . DA  A 1 14 ? -10.46762 -7.68642  13.60764  1.000 15.45430 ? 15  DA  A N1     1 
ATOM   430 C  C2     . DA  A 1 14 ? -10.26414 -8.91063  13.10859  1.000 14.65411 ? 15  DA  A C2     1 
ATOM   431 N  N3     . DA  A 1 14 ? -11.01217 -9.60187  12.22862  1.000 13.10356 ? 15  DA  A N3     1 
ATOM   432 C  C4     . DA  A 1 14 ? -12.09805 -8.91880  11.93296  1.000 13.48431 ? 15  DA  A C4     1 
ATOM   433 H  "H5'"  . DA  A 1 14 ? -13.76420 -8.81219  6.86471   1.000 18.32928 ? 15  DA  A "H5'"  1 
ATOM   434 H  "H5''" . DA  A 1 14 ? -14.64324 -9.96964  6.24663   1.000 18.32928 ? 15  DA  A "H5''" 1 
ATOM   435 H  "H4'"  . DA  A 1 14 ? -12.86829 -11.01129 7.18667   1.000 17.52725 ? 15  DA  A "H4'"  1 
ATOM   436 H  "H3'"  . DA  A 1 14 ? -15.18280 -11.78710 8.15546   1.000 17.46788 ? 15  DA  A "H3'"  1 
ATOM   437 H  "H2'"  . DA  A 1 14 ? -15.15491 -10.56885 10.07422  1.000 16.48283 ? 15  DA  A "H2'"  1 
ATOM   438 H  "H2''" . DA  A 1 14 ? -14.52475 -11.91594 10.60588  1.000 16.48283 ? 15  DA  A "H2''" 1 
ATOM   439 H  "H1'"  . DA  A 1 14 ? -12.46672 -11.14505 10.52186  1.000 16.46083 ? 15  DA  A "H1'"  1 
ATOM   440 H  H8     . DA  A 1 14 ? -14.75155 -8.27356  10.52357  1.000 19.76704 ? 15  DA  A H8     1 
ATOM   441 H  H61    . DA  A 1 14 ? -11.19787 -5.41200  14.28954  1.000 19.98876 ? 15  DA  A H61    1 
ATOM   442 H  H62    . DA  A 1 14 ? -12.48993 -5.33154  13.55272  1.000 19.98876 ? 15  DA  A H62    1 
ATOM   443 H  H2     . DA  A 1 14 ? -9.49948  -9.34454  13.41178  1.000 17.58758 ? 15  DA  A H2     1 
ATOM   444 P  P      . DG  A 1 15 ? -14.21203 -14.28355 8.91677   1.000 14.88037 ? 16  DG  A P      1 
ATOM   445 O  OP1    . DG  A 1 15 ? -13.47724 -15.36061 8.24942   1.000 17.56528 ? 16  DG  A OP1    1 
ATOM   446 O  OP2    . DG  A 1 15 ? -15.67909 -14.24163 8.77810   1.000 18.99515 ? 16  DG  A OP2    1 
ATOM   447 O  "O5'"  . DG  A 1 15 ? -13.88950 -14.28086 10.45963  1.000 13.89976 ? 16  DG  A "O5'"  1 
ATOM   448 C  "C5'"  . DG  A 1 15 ? -12.54872 -14.52581 10.91932  1.000 13.82172 ? 16  DG  A "C5'"  1 
ATOM   449 C  "C4'"  . DG  A 1 15 ? -12.50128 -14.33307 12.41440  1.000 12.74373 ? 16  DG  A "C4'"  1 
ATOM   450 O  "O4'"  . DG  A 1 15 ? -12.63789 -12.93130 12.74601  1.000 13.61027 ? 16  DG  A "O4'"  1 
ATOM   451 C  "C3'"  . DG  A 1 15 ? -13.63126 -15.05722 13.13282  1.000 13.03129 ? 16  DG  A "C3'"  1 
ATOM   452 O  "O3'"  . DG  A 1 15 ? -13.07654 -15.97977 14.04413  1.000 13.27178 ? 16  DG  A "O3'"  1 
ATOM   453 C  "C2'"  . DG  A 1 15 ? -14.39950 -13.92090 13.77069  1.000 15.15640 ? 16  DG  A "C2'"  1 
ATOM   454 C  "C1'"  . DG  A 1 15 ? -13.31737 -12.88007 13.95333  1.000 14.09627 ? 16  DG  A "C1'"  1 
ATOM   455 N  N9     . DG  A 1 15 ? -13.77816 -11.51423 14.17634  1.000 12.81164 ? 16  DG  A N9     1 
ATOM   456 C  C8     . DG  A 1 15 ? -14.89461 -10.93106 13.66992  1.000 14.67150 ? 16  DG  A C8     1 
ATOM   457 N  N7     . DG  A 1 15 ? -15.03029 -9.66454  14.07623  1.000 14.94485 ? 16  DG  A N7     1 
ATOM   458 C  C5     . DG  A 1 15 ? -13.93504 -9.42616  14.89951  1.000 12.84994 ? 16  DG  A C5     1 
ATOM   459 C  C6     . DG  A 1 15 ? -13.53408 -8.28473  15.64911  1.000 13.27839 ? 16  DG  A C6     1 
ATOM   460 O  O6     . DG  A 1 15 ? -14.10953 -7.21223  15.70811  1.000 15.29393 ? 16  DG  A O6     1 
ATOM   461 N  N1     . DG  A 1 15 ? -12.36314 -8.52434  16.35584  1.000 14.11934 ? 16  DG  A N1     1 
ATOM   462 C  C2     . DG  A 1 15 ? -11.62334 -9.66064  16.32579  1.000 12.75128 ? 16  DG  A C2     1 
ATOM   463 N  N2     . DG  A 1 15 ? -10.52676 -9.66381  17.08039  1.000 15.30862 ? 16  DG  A N2     1 
ATOM   464 N  N3     . DG  A 1 15 ? -12.01062 -10.74882 15.63753  1.000 12.68032 ? 16  DG  A N3     1 
ATOM   465 C  C4     . DG  A 1 15 ? -13.14815 -10.53574 14.93778  1.000 12.88246 ? 16  DG  A C4     1 
ATOM   466 H  "H5'"  . DG  A 1 15 ? -11.93726 -13.90726 10.48992  1.000 16.58871 ? 16  DG  A "H5'"  1 
ATOM   467 H  "H5''" . DG  A 1 15 ? -12.28731 -15.43326 10.69775  1.000 16.58871 ? 16  DG  A "H5''" 1 
ATOM   468 H  "H4'"  . DG  A 1 15 ? -11.64281 -14.62045 12.76275  1.000 15.29511 ? 16  DG  A "H4'"  1 
ATOM   469 H  "H3'"  . DG  A 1 15 ? -14.22609 -15.51923 12.52157  1.000 15.64019 ? 16  DG  A "H3'"  1 
ATOM   470 H  "H2'"  . DG  A 1 15 ? -15.10671 -13.59990 13.18957  1.000 18.19031 ? 16  DG  A "H2'"  1 
ATOM   471 H  "H2''" . DG  A 1 15 ? -14.78488 -14.18561 14.62058  1.000 18.19031 ? 16  DG  A "H2''" 1 
ATOM   472 H  "H1'"  . DG  A 1 15 ? -12.75321 -13.10794 14.70877  1.000 16.91816 ? 16  DG  A "H1'"  1 
ATOM   473 H  H8     . DG  A 1 15 ? -15.49523 -11.36240 13.10593  1.000 17.60844 ? 16  DG  A H8     1 
ATOM   474 H  H1     . DG  A 1 15 ? -12.07914 -7.88997  16.86231  1.000 16.94585 ? 16  DG  A H1     1 
ATOM   475 H  H21    . DG  A 1 15 ? -10.04569 -10.37442 17.13684  1.000 18.37298 ? 16  DG  A H21    1 
ATOM   476 H  H22    . DG  A 1 15 ? -10.29938 -8.95524  17.51145  1.000 18.37298 ? 16  DG  A H22    1 
ATOM   477 P  P      . DC  A 1 16 ? -13.98046 -16.99975 14.86382  1.000 14.29763 ? 17  DC  A P      1 
ATOM   478 O  OP1    . DC  A 1 16 ? -13.08415 -18.07350 15.28785  1.000 16.75866 ? 17  DC  A OP1    1 
ATOM   479 O  OP2    . DC  A 1 16 ? -15.20106 -17.31826 14.05514  1.000 20.76635 ? 17  DC  A OP2    1 
ATOM   480 O  "O5'"  . DC  A 1 16 ? -14.72881 -16.15279 15.98797  1.000 19.77844 ? 17  DC  A "O5'"  1 
ATOM   481 C  "C5'"  . DC  A 1 16 ? -14.30734 -16.19684 17.32991  1.000 21.31419 ? 17  DC  A "C5'"  1 
ATOM   482 C  "C4'"  . DC  A 1 16 ? -13.10634 -15.29016 17.62538  1.000 22.29628 ? 17  DC  A "C4'"  1 
ATOM   483 O  "O4'"  . DC  A 1 16 ? -13.27747 -13.94012 17.10846  1.000 21.83131 ? 17  DC  A "O4'"  1 
ATOM   484 C  "C3'"  . DC  A 1 16 ? -12.85208 -15.13005 19.08875  1.000 24.19394 ? 17  DC  A "C3'"  1 
ATOM   485 O  "O3'"  . DC  A 1 16 ? -11.46694 -15.03646 19.31559  1.000 32.45351 ? 17  DC  A "O3'"  1 
ATOM   486 C  "C2'"  . DC  A 1 16 ? -13.56716 -13.83367 19.39646  1.000 20.06170 ? 17  DC  A "C2'"  1 
ATOM   487 C  "C1'"  . DC  A 1 16 ? -13.33217 -13.01592 18.18151  1.000 18.39336 ? 17  DC  A "C1'"  1 
ATOM   488 N  N1     . DC  A 1 16 ? -14.33597 -12.02505 17.90758  1.000 14.80246 ? 17  DC  A N1     1 
ATOM   489 C  C2     . DC  A 1 16 ? -14.15403 -10.74384 18.42957  1.000 14.79725 ? 17  DC  A C2     1 
ATOM   490 O  O2     . DC  A 1 16 ? -13.18442 -10.51292 19.15202  1.000 15.76486 ? 17  DC  A O2     1 
ATOM   491 N  N3     . DC  A 1 16 ? -15.04261 -9.82172  18.15321  1.000 15.41567 ? 17  DC  A N3     1 
ATOM   492 C  C4     . DC  A 1 16 ? -16.06194 -10.09119 17.35619  1.000 14.82493 ? 17  DC  A C4     1 
ATOM   493 N  N4     . DC  A 1 16 ? -16.91969 -9.12318  17.08038  1.000 17.61030 ? 17  DC  A N4     1 
ATOM   494 C  C5     . DC  A 1 16 ? -16.28420 -11.38687 16.85393  1.000 15.72061 ? 17  DC  A C5     1 
ATOM   495 C  C6     . DC  A 1 16 ? -15.38716 -12.32084 17.14673  1.000 15.02985 ? 17  DC  A C6     1 
ATOM   496 H  "H5'"  . DC  A 1 16 ? -14.06509 -17.11057 17.54744  1.000 25.57967 ? 17  DC  A "H5'"  1 
ATOM   497 H  "H5''" . DC  A 1 16 ? -15.04691 -15.92319 17.89477  1.000 25.57967 ? 17  DC  A "H5''" 1 
ATOM   498 H  "H4'"  . DC  A 1 16 ? -12.33158 -15.64861 17.16474  1.000 26.75817 ? 17  DC  A "H4'"  1 
ATOM   499 H  "H3'"  . DC  A 1 16 ? -13.23654 -15.85919 19.60008  1.000 29.03537 ? 17  DC  A "H3'"  1 
ATOM   500 H  "HO3'" . DC  A 1 16 ? -11.08651 -15.58633 19.82403  1.000 38.94685 ? 17  DC  A "HO3'" 1 
ATOM   501 H  "H2'"  . DC  A 1 16 ? -14.51494 -13.98291 19.53909  1.000 24.07668 ? 17  DC  A "H2'"  1 
ATOM   502 H  "H2''" . DC  A 1 16 ? -13.19290 -13.40646 20.18279  1.000 24.07668 ? 17  DC  A "H2''" 1 
ATOM   503 H  "H1'"  . DC  A 1 16 ? -12.48336 -12.55398 18.26547  1.000 22.07467 ? 17  DC  A "H1'"  1 
ATOM   504 H  H41    . DC  A 1 16 ? -17.59003 -9.27685  16.56402  1.000 21.13500 ? 17  DC  A H41    1 
ATOM   505 H  H42    . DC  A 1 16 ? -16.80716 -8.34001  17.41739  1.000 21.13500 ? 17  DC  A H42    1 
ATOM   506 H  H5     . DC  A 1 16 ? -17.03173 -11.58168 16.33610  1.000 18.86737 ? 17  DC  A H5     1 
ATOM   507 H  H6     . DC  A 1 16 ? -15.49369 -13.18467 16.81907  1.000 18.03846 ? 17  DC  A H6     1 
HETATM 508 CA CA     . CA  B 2 .  ? 4.05087   15.59930  -18.88264 0.311 20.36912 ? 101 CA  A CA     1 
HETATM 509 CA CA     . CA  C 2 .  ? 11.63982  -5.58902  -10.05977 0.333 17.21672 ? 102 CA  A CA     1 
HETATM 510 CA CA     . CA  D 2 .  ? 8.36396   -7.47758  -6.61880  0.333 14.35326 ? 103 CA  A CA     1 
HETATM 511 CA CA     . CA  E 2 .  ? -12.88640 -20.19695 16.19385  0.333 15.72241 ? 104 CA  A CA     1 
HETATM 512 CA CA     . CA  F 2 .  ? -13.12096 -17.66352 8.11542   1.000 20.00033 ? 105 CA  A CA     1 
HETATM 513 CA CA     . CA  G 2 .  ? -10.13699 -6.94558  5.04610   1.000 34.15105 ? 106 CA  A CA     1 
HETATM 514 CA CA     . CA  H 2 .  ? -18.02302 -6.17514  13.90294  1.000 63.27794 ? 107 CA  A CA     1 
HETATM 515 CA CA     . CA  I 2 .  ? -7.42300  9.76138   6.03477   1.000 26.71957 ? 108 CA  A CA     1 
HETATM 516 CA CA     . CA  J 2 .  ? 3.15085   5.93513   -9.40809  1.000 54.91647 ? 109 CA  A CA     1 
HETATM 517 O  O      . HOH K 3 .  ? 9.74006   -3.90345  3.74048   1.000 41.27635 ? 201 HOH A O      1 
HETATM 518 O  O      . HOH K 3 .  ? 1.61167   8.94581   -18.01849 1.000 42.24405 ? 202 HOH A O      1 
HETATM 519 O  O      . HOH K 3 .  ? 7.35118   -1.93195  4.40263   1.000 37.67338 ? 203 HOH A O      1 
HETATM 520 O  O      . HOH K 3 .  ? 3.78686   11.91706  -16.10161 1.000 34.17178 ? 204 HOH A O      1 
HETATM 521 O  O      . HOH K 3 .  ? -17.31061 -14.50945 10.75965  1.000 28.21972 ? 205 HOH A O      1 
HETATM 522 O  O      . HOH K 3 .  ? 11.33543  2.67413   -14.81856 1.000 20.59933 ? 206 HOH A O      1 
HETATM 523 O  O      . HOH K 3 .  ? 10.02631  -6.33791  -14.37767 1.000 21.56360 ? 207 HOH A O      1 
HETATM 524 O  O      . HOH K 3 .  ? -10.93291 -7.98173  7.84230   1.000 22.07468 ? 208 HOH A O      1 
HETATM 525 O  O      . HOH K 3 .  ? 3.86601   2.25585   -14.37475 1.000 28.53097 ? 209 HOH A O      1 
HETATM 526 O  O      . HOH K 3 .  ? 2.66365   -2.16039  -4.83775  1.000 35.22406 ? 210 HOH A O      1 
HETATM 527 O  O      . HOH K 3 .  ? 2.24907   11.04317  -18.18056 1.000 41.69281 ? 211 HOH A O      1 
HETATM 528 O  O      . HOH K 3 .  ? 10.45122  0.42213   -7.71193  1.000 22.83003 ? 212 HOH A O      1 
HETATM 529 O  O      . HOH K 3 .  ? 5.05549   -3.09524  1.16168   1.000 37.25298 ? 213 HOH A O      1 
HETATM 530 O  O      . HOH K 3 .  ? 8.66519   -5.55898  -2.35232  1.000 28.80910 ? 214 HOH A O      1 
HETATM 531 O  O      . HOH K 3 .  ? 5.54928   -3.42382  -16.84884 1.000 23.86995 ? 215 HOH A O      1 
HETATM 532 O  O      . HOH K 3 .  ? -1.86568  -1.56871  10.93886  1.000 36.75036 ? 216 HOH A O      1 
HETATM 533 O  O      . HOH K 3 .  ? 5.58162   7.71195   -10.31925 1.000 28.36755 ? 217 HOH A O      1 
HETATM 534 O  O      . HOH K 3 .  ? -7.22227  -0.91133  3.13418   1.000 25.69340 ? 218 HOH A O      1 
HETATM 535 O  O      . HOH K 3 .  ? -17.07630 -19.18288 14.72339  1.000 17.26475 ? 219 HOH A O      1 
HETATM 536 O  O      . HOH K 3 .  ? -16.38697 -5.76586  15.25736  1.000 30.59034 ? 220 HOH A O      1 
HETATM 537 O  O      . HOH K 3 .  ? 4.34301   -2.39055  -13.36215 1.000 22.49920 ? 221 HOH A O      1 
HETATM 538 O  O      . HOH K 3 .  ? 10.94017  2.05361   -2.80529  1.000 22.66434 ? 222 HOH A O      1 
HETATM 539 O  O      . HOH K 3 .  ? -10.27688 -5.02467  6.34173   1.000 19.69330 ? 223 HOH A O      1 
HETATM 540 O  O      . HOH K 3 .  ? -10.72218 -11.04233 20.27239  1.000 32.45151 ? 224 HOH A O      1 
HETATM 541 O  O      . HOH K 3 .  ? -9.64499  -11.96306 11.83012  1.000 18.20557 ? 225 HOH A O      1 
HETATM 542 O  O      . HOH K 3 .  ? -17.25383 -16.05118 12.71916  1.000 23.95770 ? 226 HOH A O      1 
HETATM 543 O  O      . HOH K 3 .  ? -14.41760 -1.06825  10.32311  1.000 38.59078 ? 227 HOH A O      1 
HETATM 544 O  O      . HOH K 3 .  ? 3.93397   9.27442   -21.19692 1.000 38.08678 ? 228 HOH A O      1 
HETATM 545 O  O      . HOH K 3 .  ? -15.16610 -2.03502  2.77773   1.000 41.82273 ? 229 HOH A O      1 
HETATM 546 O  O      . HOH K 3 .  ? 10.97480  7.41965   -18.66060 1.000 30.21918 ? 230 HOH A O      1 
HETATM 547 O  O      . HOH K 3 .  ? -0.66726  5.03956   2.62236   0.50  19.15620 ? 231 HOH A O      1 
HETATM 548 O  O      . HOH K 3 .  ? -17.26163 -8.18561  13.30899  1.000 24.43250 ? 232 HOH A O      1 
HETATM 549 O  O      . HOH K 3 .  ? 9.46587   11.15350  -10.53946 1.000 22.30621 ? 233 HOH A O      1 
HETATM 550 O  O      . HOH K 3 .  ? 3.77222   -0.39510  -7.10607  1.000 25.91849 ? 234 HOH A O      1 
HETATM 551 O  O      . HOH K 3 .  ? 15.21644  -5.46944  -0.61750  1.000 28.35115 ? 235 HOH A O      1 
HETATM 552 O  O      . HOH K 3 .  ? 11.12030  -7.49176  -3.22404  1.000 21.61970 ? 236 HOH A O      1 
HETATM 553 O  O      . HOH K 3 .  ? 4.19430   -0.79300  -17.21314 1.000 32.85420 ? 237 HOH A O      1 
HETATM 554 O  O      . HOH K 3 .  ? 4.39458   6.00237   -12.27977 1.000 31.51526 ? 238 HOH A O      1 
HETATM 555 O  O      . HOH K 3 .  ? -10.03680 -12.49823 14.46331  1.000 15.85258 ? 239 HOH A O      1 
HETATM 556 O  O      . HOH K 3 .  ? -9.83707  -10.02163 8.46312   1.000 28.16689 ? 240 HOH A O      1 
HETATM 557 O  O      . HOH K 3 .  ? 11.68608  0.70649   -11.81075 1.000 17.51701 ? 241 HOH A O      1 
HETATM 558 O  O      . HOH K 3 .  ? -4.66307  2.87914   2.77820   1.000 20.46416 ? 242 HOH A O      1 
HETATM 559 O  O      . HOH K 3 .  ? 2.73868   3.14398   -11.19886 1.000 42.85487 ? 243 HOH A O      1 
HETATM 560 O  O      . HOH K 3 .  ? -0.92489  4.17222   10.04822  1.000 31.19990 ? 244 HOH A O      1 
HETATM 561 O  O      . HOH K 3 .  ? 11.62247  -2.44435  -14.98497 1.000 25.58889 ? 245 HOH A O      1 
HETATM 562 O  O      . HOH K 3 .  ? 9.84452   2.27408   9.53677   1.000 34.79938 ? 246 HOH A O      1 
HETATM 563 O  O      . HOH K 3 .  ? -19.07367 -9.50480  15.07755  1.000 28.71314 ? 247 HOH A O      1 
HETATM 564 O  O      . HOH K 3 .  ? -9.36360  -0.30042  13.62876  1.000 24.33969 ? 248 HOH A O      1 
HETATM 565 O  O      . HOH K 3 .  ? 12.60122  0.53660   -4.56870  1.000 25.94594 ? 249 HOH A O      1 
HETATM 566 O  O      . HOH K 3 .  ? 14.04907  -1.31050  5.10542   1.000 42.88141 ? 250 HOH A O      1 
HETATM 567 O  O      . HOH K 3 .  ? 3.12995   -3.71814  -0.43439  1.000 29.30993 ? 251 HOH A O      1 
HETATM 568 O  O      . HOH K 3 .  ? 4.03835   16.24931  -16.60501 1.000 24.07114 ? 252 HOH A O      1 
HETATM 569 O  O      . HOH K 3 .  ? -6.09452  1.52146   12.48069  1.000 28.58300 ? 253 HOH A O      1 
HETATM 570 O  O      . HOH K 3 .  ? -17.27370 -6.21906  11.22713  1.000 36.59283 ? 254 HOH A O      1 
HETATM 571 O  O      . HOH K 3 .  ? -10.18455 -17.31804 14.74737  1.000 23.24287 ? 255 HOH A O      1 
HETATM 572 O  O      . HOH K 3 .  ? 7.08058   18.04512  -20.19891 1.000 22.01140 ? 256 HOH A O      1 
HETATM 573 O  O      . HOH K 3 .  ? -4.82173  7.82614   2.97843   1.000 24.60529 ? 257 HOH A O      1 
HETATM 574 O  O      . HOH K 3 .  ? -5.72035  11.02481  4.53634   1.000 42.01334 ? 258 HOH A O      1 
HETATM 575 O  O      . HOH K 3 .  ? -10.91942 -16.78112 7.21297   1.000 23.39764 ? 259 HOH A O      1 
HETATM 576 O  O      . HOH K 3 .  ? 1.53855   -2.37461  8.09789   1.000 30.18967 ? 260 HOH A O      1 
HETATM 577 O  O      . HOH K 3 .  ? -14.18044 -3.83972  13.27845  1.000 33.67100 ? 261 HOH A O      1 
HETATM 578 O  O      . HOH K 3 .  ? -16.00137 -16.42322 6.53059   1.000 41.50309 ? 262 HOH A O      1 
HETATM 579 O  O      . HOH K 3 .  ? 12.98640  13.53147  -10.80473 1.000 38.56959 ? 263 HOH A O      1 
HETATM 580 O  O      . HOH K 3 .  ? -8.66933  -12.24070 17.15348  1.000 21.62529 ? 264 HOH A O      1 
HETATM 581 O  O      . HOH K 3 .  ? 19.01943  13.53923  -13.58820 0.50  38.74962 ? 265 HOH A O      1 
HETATM 582 O  O      . HOH K 3 .  ? 12.62109  -3.44497  -10.10880 1.000 16.78864 ? 266 HOH A O      1 
HETATM 583 O  O      . HOH K 3 .  ? 7.70151   -6.51507  -4.54490  1.000 19.82015 ? 267 HOH A O      1 
HETATM 584 O  O      . HOH K 3 .  ? 7.71156   1.82521   -20.91704 1.000 38.55355 ? 268 HOH A O      1 
HETATM 585 O  O      . HOH K 3 .  ? -13.79025 -17.85148 10.42384  1.000 18.32451 ? 269 HOH A O      1 
HETATM 586 O  O      . HOH K 3 .  ? -3.42135  5.43263   2.64814   1.000 21.54954 ? 270 HOH A O      1 
HETATM 587 O  O      . HOH K 3 .  ? -6.13764  0.07030   14.20969  1.000 43.49830 ? 271 HOH A O      1 
HETATM 588 O  O      . HOH K 3 .  ? -12.08624 -5.99869  4.50860   1.000 26.16960 ? 272 HOH A O      1 
HETATM 589 O  O      . HOH K 3 .  ? 8.19302   -4.69346  2.46927   1.000 53.42253 ? 273 HOH A O      1 
HETATM 590 O  O      . HOH K 3 .  ? -11.22229 -18.02933 9.84369   1.000 22.09339 ? 274 HOH A O      1 
HETATM 591 O  O      . HOH K 3 .  ? 4.04915   5.91237   -20.56437 1.000 40.62051 ? 275 HOH A O      1 
HETATM 592 O  O      . HOH K 3 .  ? 11.78534  12.26950  -9.16878  1.000 33.66939 ? 276 HOH A O      1 
HETATM 593 O  O      . HOH K 3 .  ? 10.24620  15.88191  -11.51794 1.000 49.94928 ? 277 HOH A O      1 
HETATM 594 O  O      . HOH K 3 .  ? -17.28379 -11.96351 11.72616  1.000 33.77160 ? 278 HOH A O      1 
HETATM 595 O  O      . HOH K 3 .  ? 14.97505  18.54276  -15.16217 1.000 31.20647 ? 279 HOH A O      1 
HETATM 596 O  O      . HOH K 3 .  ? 11.91062  -4.61680  2.39406   1.000 40.74471 ? 280 HOH A O      1 
HETATM 597 O  O      . HOH K 3 .  ? -9.87826  8.07030   4.81542   1.000 50.58823 ? 281 HOH A O      1 
HETATM 598 O  O      . HOH K 3 .  ? 7.57805   -4.41738  -0.11534  1.000 38.09804 ? 282 HOH A O      1 
HETATM 599 O  O      . HOH K 3 .  ? -20.61027 -7.52424  16.24120  1.000 50.47904 ? 283 HOH A O      1 
HETATM 600 O  O      . HOH K 3 .  ? 2.74868   -3.89754  -15.27259 1.000 25.58200 ? 284 HOH A O      1 
HETATM 601 O  O      . HOH K 3 .  ? 7.01523   -1.00353  7.63832   1.000 46.47752 ? 285 HOH A O      1 
HETATM 602 O  O      . HOH K 3 .  ? 1.45259   0.84870   -10.94034 1.000 36.89307 ? 286 HOH A O      1 
HETATM 603 O  O      . HOH K 3 .  ? -9.17721  -14.38556 10.82894  1.000 21.48255 ? 287 HOH A O      1 
HETATM 604 O  O      . HOH K 3 .  ? 9.41882   -8.75531  -2.12566  1.000 40.86481 ? 288 HOH A O      1 
HETATM 605 O  O      . HOH K 3 .  ? 3.12585   -0.41237  -14.39215 1.000 35.62500 ? 289 HOH A O      1 
HETATM 606 O  O      . HOH K 3 .  ? 3.27596   7.40479   -11.25447 1.000 32.74108 ? 290 HOH A O      1 
HETATM 607 O  O      . HOH K 3 .  ? 2.16786   5.32499   -11.42928 1.000 27.92237 ? 291 HOH A O      1 
HETATM 608 O  O      . HOH K 3 .  ? 1.57853   2.39618   -13.27603 1.000 39.71829 ? 292 HOH A O      1 
HETATM 609 O  O      . HOH K 3 .  ? -11.89787 0.96496   11.17745  1.000 39.47249 ? 293 HOH A O      1 
HETATM 610 O  O      . HOH K 3 .  ? 17.57818  15.27694  -10.51256 1.000 38.05965 ? 294 HOH A O      1 
# 
loop_
_atom_site_anisotrop.id 
_atom_site_anisotrop.type_symbol 
_atom_site_anisotrop.pdbx_label_atom_id 
_atom_site_anisotrop.pdbx_label_alt_id 
_atom_site_anisotrop.pdbx_label_comp_id 
_atom_site_anisotrop.pdbx_label_asym_id 
_atom_site_anisotrop.pdbx_label_seq_id 
_atom_site_anisotrop.pdbx_PDB_ins_code 
_atom_site_anisotrop.U[1][1] 
_atom_site_anisotrop.U[2][2] 
_atom_site_anisotrop.U[3][3] 
_atom_site_anisotrop.U[1][2] 
_atom_site_anisotrop.U[1][3] 
_atom_site_anisotrop.U[2][3] 
_atom_site_anisotrop.pdbx_auth_seq_id 
_atom_site_anisotrop.pdbx_auth_comp_id 
_atom_site_anisotrop.pdbx_auth_asym_id 
_atom_site_anisotrop.pdbx_auth_atom_id 
1   O  "O5'" . DG A 1  ? 0.41838 0.40745 0.52708 0.02309  0.13927  0.14474  2   DG A "O5'" 
2   C  "C5'" . DG A 1  ? 0.32836 0.18884 0.42007 -0.01602 0.10758  -0.00051 2   DG A "C5'" 
3   C  "C4'" . DG A 1  ? 0.25244 0.16941 0.29985 -0.00010 0.03935  0.00439  2   DG A "C4'" 
4   O  "O4'" . DG A 1  ? 0.25419 0.19532 0.24080 0.00389  0.02293  0.04453  2   DG A "O4'" 
5   C  "C3'" . DG A 1  ? 0.23467 0.20129 0.21444 0.00571  -0.00394 0.00632  2   DG A "C3'" 
6   O  "O3'" . DG A 1  ? 0.24850 0.18522 0.20196 -0.02211 -0.02033 0.00653  2   DG A "O3'" 
7   C  "C2'" . DG A 1  ? 0.26073 0.23652 0.21185 0.02360  0.02508  0.03437  2   DG A "C2'" 
8   C  "C1'" . DG A 1  ? 0.24948 0.18203 0.20194 0.01186  0.01413  0.03948  2   DG A "C1'" 
9   N  N9    . DG A 1  ? 0.26741 0.17816 0.16083 -0.00980 0.01478  0.01049  2   DG A N9    
10  C  C8    . DG A 1  ? 0.26160 0.23454 0.21563 0.00232  -0.00619 0.08275  2   DG A C8    
11  N  N7    . DG A 1  ? 0.28475 0.24196 0.19945 0.00115  0.01678  0.03021  2   DG A N7    
12  C  C5    . DG A 1  ? 0.29440 0.14515 0.18072 -0.00638 0.03046  0.00129  2   DG A C5    
13  C  C6    . DG A 1  ? 0.29652 0.19024 0.14802 -0.01042 0.00860  0.03156  2   DG A C6    
14  O  O6    . DG A 1  ? 0.29647 0.16524 0.19024 -0.00872 0.00628  0.02766  2   DG A O6    
15  N  N1    . DG A 1  ? 0.26237 0.15365 0.15716 0.00161  0.03244  0.03331  2   DG A N1    
16  C  C2    . DG A 1  ? 0.23554 0.15429 0.17875 0.00071  0.02469  0.04564  2   DG A C2    
17  N  N2    . DG A 1  ? 0.24117 0.15106 0.21006 0.00054  0.03811  0.04048  2   DG A N2    
18  N  N3    . DG A 1  ? 0.23697 0.16253 0.16686 0.00151  0.03149  0.02093  2   DG A N3    
19  C  C4    . DG A 1  ? 0.25016 0.19206 0.17129 -0.01368 0.00776  0.04023  2   DG A C4    
32  P  P     . DC A 2  ? 0.25086 0.19877 0.19323 -0.01237 0.00361  0.00093  3   DC A P     
33  O  OP1   . DC A 2  ? 0.25020 0.20809 0.17381 -0.00750 -0.00317 0.01393  3   DC A OP1   
34  O  OP2   . DC A 2  ? 0.33453 0.30471 0.17069 -0.06834 0.03022  -0.01139 3   DC A OP2   
35  O  "O5'" . DC A 2  ? 0.29339 0.18939 0.20798 -0.02043 -0.02003 0.03709  3   DC A "O5'" 
36  C  "C5'" . DC A 2  ? 0.34377 0.18928 0.17406 0.01414  -0.00676 -0.00387 3   DC A "C5'" 
37  C  "C4'" . DC A 2  ? 0.32284 0.20849 0.27104 0.01593  -0.00808 0.03248  3   DC A "C4'" 
38  O  "O4'" . DC A 2  ? 0.29349 0.26455 0.28987 0.05486  -0.00063 0.07882  3   DC A "O4'" 
39  C  "C3'" . DC A 2  ? 0.36266 0.26535 0.37209 -0.05034 0.01073  0.03131  3   DC A "C3'" 
40  O  "O3'" . DC A 2  ? 0.30953 0.36089 0.48672 0.06070  -0.01758 0.20342  3   DC A "O3'" 
41  C  "C2'" . DC A 2  ? 0.33178 0.31374 0.36020 -0.00827 0.02503  0.05421  3   DC A "C2'" 
42  C  "C1'" . DC A 2  ? 0.32236 0.21513 0.33239 0.06928  0.05786  0.04887  3   DC A "C1'" 
43  N  N1    . DC A 2  ? 0.30005 0.15503 0.28735 0.02292  0.04051  0.03679  3   DC A N1    
44  C  C2    . DC A 2  ? 0.23401 0.14849 0.24346 0.04193  0.03093  0.04712  3   DC A C2    
45  O  O2    . DC A 2  ? 0.24432 0.17467 0.24269 0.01812  0.02241  0.01877  3   DC A O2    
46  N  N3    . DC A 2  ? 0.23639 0.14219 0.22716 0.02619  0.06047  0.04295  3   DC A N3    
47  C  C4    . DC A 2  ? 0.27092 0.13879 0.17960 0.00933  0.05179  0.03091  3   DC A C4    
48  N  N4    . DC A 2  ? 0.26965 0.16699 0.19759 0.00622  0.04539  0.03694  3   DC A N4    
49  C  C5    . DC A 2  ? 0.25242 0.16078 0.24133 0.04318  0.05481  0.05411  3   DC A C5    
50  C  C6    . DC A 2  ? 0.28691 0.16781 0.25098 0.04763  0.04568  0.05057  3   DC A C6    
62  P  P     . DT A 3  ? 0.31129 0.26311 0.54764 0.00563  -0.00296 0.12611  4   DT A P     
63  O  OP1   . DT A 3  ? 0.29780 0.35167 0.55267 0.08433  0.01448  0.17328  4   DT A OP1   
64  O  OP2   . DT A 3  ? 0.33652 0.31652 0.56843 0.03856  0.04241  0.12280  4   DT A OP2   
65  O  "O5'" . DT A 3  ? 0.25538 0.20331 0.44595 0.00650  -0.05703 0.11069  4   DT A "O5'" 
66  C  "C5'" . DT A 3  ? 0.26343 0.22581 0.38211 -0.05109 -0.05713 0.08033  4   DT A "C5'" 
67  C  "C4'" . DT A 3  ? 0.31263 0.18830 0.28728 -0.04380 -0.03282 0.03380  4   DT A "C4'" 
68  O  "O4'" . DT A 3  ? 0.24756 0.22091 0.28688 0.04198  0.01110  0.06717  4   DT A "O4'" 
69  C  "C3'" . DT A 3  ? 0.28829 0.17567 0.38990 0.00935  -0.00107 0.05996  4   DT A "C3'" 
70  O  "O3'" . DT A 3  ? 0.29947 0.15184 0.37125 0.00338  -0.05764 0.02572  4   DT A "O3'" 
71  C  "C2'" . DT A 3  ? 0.27665 0.22910 0.33683 -0.02913 0.01853  0.01714  4   DT A "C2'" 
72  C  "C1'" . DT A 3  ? 0.24926 0.17560 0.27900 0.05021  0.01824  0.04194  4   DT A "C1'" 
73  N  N1    . DT A 3  ? 0.22119 0.15843 0.29397 0.05226  0.03701  0.04966  4   DT A N1    
74  C  C2    . DT A 3  ? 0.23681 0.14449 0.25595 0.03948  0.05886  0.02388  4   DT A C2    
75  O  O2    . DT A 3  ? 0.22771 0.16833 0.27649 0.03199  0.04022  0.02259  4   DT A O2    
76  N  N3    . DT A 3  ? 0.20695 0.16554 0.23678 0.05485  0.05640  0.07324  4   DT A N3    
77  C  C4    . DT A 3  ? 0.25145 0.23242 0.20354 0.08343  0.07655  0.07752  4   DT A C4    
78  O  O4    . DT A 3  ? 0.24989 0.20599 0.19532 0.04080  0.05972  0.04791  4   DT A O4    
79  C  C5    . DT A 3  ? 0.23600 0.17524 0.26458 0.05331  0.05339  0.05620  4   DT A C5    
80  C  C7    . DT A 3  ? 0.21627 0.25225 0.31376 0.05613  0.06215  0.06897  4   DT A C7    
81  C  C6    . DT A 3  ? 0.25051 0.18484 0.31970 0.04855  0.06653  0.05561  4   DT A C6    
94  P  P     . DG A 4  ? 0.25381 0.21916 0.46886 -0.02615 -0.09522 0.05555  5   DG A P     
95  O  OP1   . DG A 4  ? 0.33262 0.27845 0.45630 -0.06905 -0.09608 0.03394  5   DG A OP1   
96  O  OP2   . DG A 4  ? 0.25793 0.30164 0.60093 0.00513  -0.06186 0.14757  5   DG A OP2   
97  O  "O5'" . DG A 4  ? 0.24084 0.17602 0.36987 -0.00361 -0.05707 0.06763  5   DG A "O5'" 
98  C  "C5'" . DG A 4  ? 0.23428 0.17382 0.20616 0.02652  -0.01828 -0.00527 5   DG A "C5'" 
99  C  "C4'" . DG A 4  ? 0.20611 0.18099 0.18769 0.01002  0.00727  -0.01157 5   DG A "C4'" 
100 O  "O4'" . DG A 4  ? 0.22563 0.16772 0.20852 -0.01709 0.04456  -0.02530 5   DG A "O4'" 
101 C  "C3'" . DG A 4  ? 0.20687 0.15680 0.20801 -0.00710 0.01937  -0.00111 5   DG A "C3'" 
102 O  "O3'" . DG A 4  ? 0.24683 0.15225 0.20712 0.00192  0.03766  0.00304  5   DG A "O3'" 
103 C  "C2'" . DG A 4  ? 0.18404 0.17862 0.22949 -0.00218 0.03539  0.02093  5   DG A "C2'" 
104 C  "C1'" . DG A 4  ? 0.20003 0.14706 0.17730 -0.00989 0.03290  -0.01727 5   DG A "C1'" 
105 N  N9    . DG A 4  ? 0.18669 0.19661 0.19732 -0.00240 0.02589  0.02386  5   DG A N9    
106 C  C8    . DG A 4  ? 0.20710 0.18603 0.17678 0.00386  0.02360  -0.00503 5   DG A C8    
107 N  N7    . DG A 4  ? 0.20151 0.16767 0.22229 0.00906  0.05211  0.00287  5   DG A N7    
108 C  C5    . DG A 4  ? 0.17589 0.14579 0.17783 -0.01471 0.02561  -0.00301 5   DG A C5    
109 C  C6    . DG A 4  ? 0.18031 0.14578 0.18857 0.00627  0.04212  0.01891  5   DG A C6    
110 O  O6    . DG A 4  ? 0.20978 0.15722 0.19953 0.01678  0.04563  0.01258  5   DG A O6    
111 N  N1    . DG A 4  ? 0.20722 0.12711 0.16439 -0.02131 0.05261  0.00419  5   DG A N1    
112 C  C2    . DG A 4  ? 0.17823 0.14119 0.15248 -0.00073 0.04327  0.00356  5   DG A C2    
113 N  N2    . DG A 4  ? 0.20524 0.12975 0.17314 0.00319  0.04531  0.00247  5   DG A N2    
114 N  N3    . DG A 4  ? 0.17960 0.15239 0.16528 -0.01053 0.03834  0.00158  5   DG A N3    
115 C  C4    . DG A 4  ? 0.18901 0.17377 0.16389 -0.02612 0.02855  0.01520  5   DG A C4    
127 P  P     . DG A 5  ? 0.22445 0.15790 0.23436 -0.01675 0.05127  -0.00095 6   DG A P     
128 O  OP1   . DG A 5  ? 0.29100 0.15214 0.33841 -0.00173 0.13429  -0.01025 6   DG A OP1   
129 O  OP2   . DG A 5  ? 0.25654 0.18800 0.20420 -0.02173 0.03611  0.01593  6   DG A OP2   
130 O  "O5'" . DG A 5  ? 0.20012 0.15865 0.21833 -0.00301 0.03506  0.02168  6   DG A "O5'" 
131 C  "C5'" . DG A 5  ? 0.18262 0.14562 0.25572 0.01321  0.04507  0.02200  6   DG A "C5'" 
132 C  "C4'" . DG A 5  ? 0.18293 0.15603 0.22901 0.01629  0.04845  0.01880  6   DG A "C4'" 
133 O  "O4'" . DG A 5  ? 0.18390 0.18104 0.18376 0.00711  0.02733  0.00408  6   DG A "O4'" 
134 C  "C3'" . DG A 5  ? 0.15182 0.17017 0.19819 -0.00018 0.00583  0.01263  6   DG A "C3'" 
135 O  "O3'" . DG A 5  ? 0.18374 0.17143 0.16847 0.00382  0.01142  -0.00079 6   DG A "O3'" 
136 C  "C2'" . DG A 5  ? 0.17726 0.21392 0.20762 0.00514  0.01432  0.02516  6   DG A "C2'" 
137 C  "C1'" . DG A 5  ? 0.18320 0.14736 0.19177 0.01704  0.01241  0.00361  6   DG A "C1'" 
138 N  N9    . DG A 5  ? 0.19128 0.19809 0.17192 0.02690  0.02526  0.01455  6   DG A N9    
139 C  C8    . DG A 5  ? 0.19186 0.20466 0.19706 0.01787  0.02357  0.01355  6   DG A C8    
140 N  N7    . DG A 5  ? 0.23185 0.18057 0.19966 0.03279  0.04735  0.01379  6   DG A N7    
141 C  C5    . DG A 5  ? 0.18063 0.20458 0.16793 0.01775  0.03347  0.02040  6   DG A C5    
142 C  C6    . DG A 5  ? 0.23180 0.16605 0.17461 0.00275  0.04698  0.01376  6   DG A C6    
143 O  O6    . DG A 5  ? 0.25343 0.20592 0.20651 0.04242  0.06587  0.01780  6   DG A O6    
144 N  N1    . DG A 5  ? 0.22888 0.17437 0.16637 -0.01418 0.05901  0.00336  6   DG A N1    
145 C  C2    . DG A 5  ? 0.19799 0.15824 0.16746 0.00604  0.04992  0.01783  6   DG A C2    
146 N  N2    . DG A 5  ? 0.20279 0.19149 0.16970 -0.00577 0.04036  0.01176  6   DG A N2    
147 N  N3    . DG A 5  ? 0.17192 0.17843 0.17148 0.00925  0.04307  0.02536  6   DG A N3    
148 C  C4    . DG A 5  ? 0.19405 0.16685 0.15373 0.01344  0.03807  0.00168  6   DG A C4    
160 P  P     . DA A 6  ? 0.17083 0.17893 0.16058 -0.01026 0.01217  -0.00037 7   DA A P     
161 O  OP1   . DA A 6  ? 0.18743 0.18847 0.16384 -0.00125 0.01949  0.00716  7   DA A OP1   
162 O  OP2   . DA A 6  ? 0.19302 0.18197 0.20621 -0.01894 0.02776  0.01576  7   DA A OP2   
163 O  "O5'" . DA A 6  ? 0.19579 0.19405 0.16824 -0.02912 0.01860  0.00693  7   DA A "O5'" 
164 C  "C5'" . DA A 6  ? 0.16855 0.20180 0.15431 -0.01905 0.01709  -0.00960 7   DA A "C5'" 
165 C  "C4'" . DA A 6  ? 0.16625 0.14602 0.15742 -0.00200 0.01340  -0.00124 7   DA A "C4'" 
166 O  "O4'" . DA A 6  ? 0.19741 0.16815 0.17609 0.01883  0.04915  0.01205  7   DA A "O4'" 
167 C  "C3'" . DA A 6  ? 0.18543 0.16642 0.17958 -0.00299 0.02251  -0.00621 7   DA A "C3'" 
168 O  "O3'" . DA A 6  ? 0.19227 0.22137 0.16370 0.02011  0.00257  0.01018  7   DA A "O3'" 
169 C  "C2'" . DA A 6  ? 0.20460 0.17952 0.15793 0.00794  0.03057  -0.00777 7   DA A "C2'" 
170 C  "C1'" . DA A 6  ? 0.20076 0.19093 0.16111 0.01837  0.02813  0.01165  7   DA A "C1'" 
171 N  N9    . DA A 6  ? 0.17513 0.18001 0.17231 -0.00005 0.03551  -0.01079 7   DA A N9    
172 C  C8    . DA A 6  ? 0.16812 0.22694 0.19589 0.01732  0.03911  -0.00061 7   DA A C8    
173 N  N7    . DA A 6  ? 0.17822 0.22724 0.18401 0.01582  0.03152  0.01191  7   DA A N7    
174 C  C5    . DA A 6  ? 0.18671 0.17546 0.15222 0.01017  0.04204  0.01199  7   DA A C5    
175 C  C6    . DA A 6  ? 0.18727 0.20198 0.16263 0.05202  0.04941  0.04716  7   DA A C6    
176 N  N6    . DA A 6  ? 0.22678 0.18410 0.18555 0.04152  0.06571  0.03172  7   DA A N6    
177 N  N1    . DA A 6  ? 0.22044 0.17292 0.16315 0.00819  0.04879  0.02350  7   DA A N1    
178 C  C2    . DA A 6  ? 0.21575 0.16181 0.17165 0.00259  0.05862  0.02044  7   DA A C2    
179 N  N3    . DA A 6  ? 0.19472 0.16719 0.15537 -0.01095 0.03908  0.01459  7   DA A N3    
180 C  C4    . DA A 6  ? 0.19603 0.17248 0.15226 0.00786  0.04336  0.01814  7   DA A C4    
192 P  P     . DT A 7  ? 0.22623 0.19915 0.17125 0.01774  -0.00477 0.01854  8   DT A P     
193 O  OP1   . DT A 7  ? 0.20505 0.24158 0.20591 0.02996  -0.01990 0.02816  8   DT A OP1   
194 O  OP2   . DT A 7  ? 0.25828 0.19125 0.19331 -0.00960 -0.00141 0.01977  8   DT A OP2   
195 O  "O5'" . DT A 7  ? 0.23458 0.20304 0.17987 0.00378  -0.00641 0.00664  8   DT A "O5'" 
196 C  "C5'" . DT A 7  ? 0.20295 0.20964 0.20098 -0.00340 -0.03792 0.00123  8   DT A "C5'" 
197 C  "C4'" . DT A 7  ? 0.23935 0.22051 0.21619 -0.00222 -0.01030 -0.02948 8   DT A "C4'" 
198 O  "O4'" . DT A 7  ? 0.20853 0.21077 0.19787 0.02235  -0.00791 0.01372  8   DT A "O4'" 
199 C  "C3'" . DT A 7  ? 0.24706 0.30576 0.15723 0.02829  -0.01104 -0.06792 8   DT A "C3'" 
200 O  "O3'" . DT A 7  ? 0.29805 0.45446 0.20509 0.00094  -0.02034 -0.09060 8   DT A "O3'" 
201 C  "C2'" . DT A 7  ? 0.24188 0.37207 0.14978 0.06718  0.04042  0.01063  8   DT A "C2'" 
202 C  "C1'" . DT A 7  ? 0.21668 0.24049 0.18648 0.04217  0.02164  0.00841  8   DT A "C1'" 
203 N  N1    . DT A 7  ? 0.19614 0.19679 0.14804 0.02503  0.02668  0.00586  8   DT A N1    
204 C  C2    . DT A 7  ? 0.21138 0.16089 0.14638 -0.00434 0.03616  -0.00406 8   DT A C2    
205 O  O2    . DT A 7  ? 0.23160 0.19525 0.16409 -0.00356 0.03009  0.00093  8   DT A O2    
206 N  N3    . DT A 7  ? 0.19320 0.18657 0.16682 0.00130  0.04089  0.02012  8   DT A N3    
207 C  C4    . DT A 7  ? 0.20975 0.17675 0.14656 -0.04343 0.02156  -0.01580 8   DT A C4    
208 O  O4    . DT A 7  ? 0.21287 0.20662 0.17209 -0.02424 0.02992  -0.00393 8   DT A O4    
209 C  C5    . DT A 7  ? 0.22134 0.13695 0.18615 0.00006  0.04549  -0.00262 8   DT A C5    
210 C  C7    . DT A 7  ? 0.25860 0.15198 0.27172 -0.01940 0.08638  -0.00766 8   DT A C7    
211 C  C6    . DT A 7  ? 0.22915 0.15507 0.15532 -0.00354 0.03534  -0.00994 8   DT A C6    
224 P  P     . DA A 8  ? 0.30587 0.57764 0.18913 0.02097  -0.03925 -0.10965 9   DA A P     
225 O  OP1   . DA A 8  ? 0.42665 0.61097 0.31739 0.02475  0.07585  -0.12703 9   DA A OP1   
226 O  OP2   . DA A 8  ? 0.36057 0.57335 0.20537 0.05720  -0.01944 -0.05162 9   DA A OP2   
227 O  "O5'" . DA A 8  ? 0.34513 0.48816 0.29258 0.06296  0.08491  -0.09194 9   DA A "O5'" 
228 C  "C5'" . DA A 8  ? 0.35596 0.47958 0.25831 0.00914  0.06005  -0.06448 9   DA A "C5'" 
229 C  "C4'" . DA A 8  ? 0.37863 0.38189 0.24284 -0.03841 0.05291  -0.05511 9   DA A "C4'" 
230 O  "O4'" . DA A 8  ? 0.42523 0.35284 0.24268 -0.05666 0.08722  -0.03710 9   DA A "O4'" 
231 C  "C3'" . DA A 8  ? 0.40446 0.30206 0.23870 -0.00328 0.06696  -0.05969 9   DA A "C3'" 
232 O  "O3'" . DA A 8  ? 0.44392 0.33011 0.27105 -0.03249 0.06411  -0.08281 9   DA A "O3'" 
233 C  "C2'" . DA A 8  ? 0.38381 0.24260 0.21136 0.02323  0.06606  -0.02269 9   DA A "C2'" 
234 C  "C1'" . DA A 8  ? 0.37918 0.24705 0.21076 0.00613  0.07730  -0.00421 9   DA A "C1'" 
235 N  N9    . DA A 8  ? 0.35369 0.18704 0.19647 0.02006  0.10820  -0.00721 9   DA A N9    
236 C  C8    . DA A 8  ? 0.32385 0.22275 0.21466 0.02102  0.10977  0.01057  9   DA A C8    
237 N  N7    . DA A 8  ? 0.29426 0.19677 0.24396 0.00098  0.11032  0.01105  9   DA A N7    
238 C  C5    . DA A 8  ? 0.26970 0.17709 0.21555 0.04616  0.11573  0.02253  9   DA A C5    
239 C  C6    . DA A 8  ? 0.27854 0.15370 0.20202 0.01939  0.11557  0.00859  9   DA A C6    
240 N  N6    . DA A 8  ? 0.26951 0.17606 0.24764 -0.01302 0.11620  -0.00898 9   DA A N6    
241 N  N1    . DA A 8  ? 0.31626 0.18068 0.17087 0.01674  0.10994  0.01274  9   DA A N1    
242 C  C2    . DA A 8  ? 0.31630 0.20452 0.17885 0.04931  0.10035  0.03483  9   DA A C2    
243 N  N3    . DA A 8  ? 0.31357 0.18880 0.19662 0.00955  0.09440  0.00020  9   DA A N3    
244 C  C4    . DA A 8  ? 0.31290 0.18757 0.18755 0.01665  0.10017  0.00409  9   DA A C4    
256 P  P     . DT A 9  ? 0.49856 0.36667 0.25891 0.00885  0.08569  -0.07436 10  DT A P     
257 O  OP1   . DT A 9  ? 0.48778 0.42642 0.29303 -0.05305 0.05827  -0.07393 10  DT A OP1   
258 O  OP2   . DT A 9  ? 0.51766 0.43765 0.31377 0.04047  0.11937  -0.02395 10  DT A OP2   
259 O  "O5'" . DT A 9  ? 0.47297 0.34374 0.25793 0.02501  0.08544  -0.04110 10  DT A "O5'" 
260 C  "C5'" . DT A 9  ? 0.46513 0.30742 0.26164 0.01049  0.08074  -0.02801 10  DT A "C5'" 
261 C  "C4'" . DT A 9  ? 0.45283 0.27320 0.22455 -0.00199 0.07707  -0.05819 10  DT A "C4'" 
262 O  "O4'" . DT A 9  ? 0.46666 0.26316 0.22763 -0.03422 0.07921  -0.04183 10  DT A "O4'" 
263 C  "C3'" . DT A 9  ? 0.44902 0.25731 0.24434 0.01397  0.09059  -0.06591 10  DT A "C3'" 
264 O  "O3'" . DT A 9  ? 0.47352 0.25671 0.31295 0.01999  0.11744  -0.07787 10  DT A "O3'" 
265 C  "C2'" . DT A 9  ? 0.43604 0.24631 0.25355 0.02643  0.10009  -0.02383 10  DT A "C2'" 
266 C  "C1'" . DT A 9  ? 0.42655 0.21957 0.21803 -0.01463 0.07589  -0.03540 10  DT A "C1'" 
267 N  N1    . DT A 9  ? 0.42021 0.19073 0.17506 -0.00429 0.07104  -0.01514 10  DT A N1    
268 C  C2    . DT A 9  ? 0.39667 0.15119 0.16258 -0.01236 0.06939  -0.00900 10  DT A C2    
269 O  O2    . DT A 9  ? 0.35018 0.16430 0.20807 -0.00471 0.05766  0.00004  10  DT A O2    
270 N  N3    . DT A 9  ? 0.36795 0.17128 0.18278 0.02625  0.08616  0.04389  10  DT A N3    
271 C  C4    . DT A 9  ? 0.36591 0.16469 0.17369 -0.00662 0.08869  0.00127  10  DT A C4    
272 O  O4    . DT A 9  ? 0.35396 0.17596 0.24221 0.03542  0.12964  0.03614  10  DT A O4    
273 C  C5    . DT A 9  ? 0.37106 0.19495 0.20015 0.02681  0.09370  0.02562  10  DT A C5    
274 C  C7    . DT A 9  ? 0.34329 0.24650 0.27995 0.02118  0.10731  0.05261  10  DT A C7    
275 C  C6    . DT A 9  ? 0.42585 0.21405 0.19429 0.00925  0.08894  0.01808  10  DT A C6    
288 P  P     . DA A 10 ? 0.46494 0.27460 0.28728 0.02456  0.08650  -0.07163 11  DA A P     
289 O  OP1   . DA A 10 ? 0.54299 0.26827 0.35298 0.02797  0.15749  -0.10096 11  DA A OP1   
290 O  OP2   . DA A 10 ? 0.49778 0.32270 0.28285 0.08983  0.11553  -0.02780 11  DA A OP2   
291 O  "O5'" . DA A 10 ? 0.44988 0.28839 0.25588 0.03190  0.09231  -0.02038 11  DA A "O5'" 
292 C  "C5'" . DA A 10 ? 0.42301 0.24091 0.27716 0.01111  0.10074  -0.01415 11  DA A "C5'" 
293 C  "C4'" . DA A 10 ? 0.42829 0.20117 0.28843 -0.02060 0.12501  -0.03503 11  DA A "C4'" 
294 O  "O4'" . DA A 10 ? 0.43079 0.14998 0.31324 -0.04020 0.14567  -0.04038 11  DA A "O4'" 
295 C  "C3'" . DA A 10 ? 0.38412 0.20515 0.29462 -0.04892 0.09088  -0.03105 11  DA A "C3'" 
296 O  "O3'" . DA A 10 ? 0.39954 0.18395 0.36013 -0.01816 0.14036  -0.04220 11  DA A "O3'" 
297 C  "C2'" . DA A 10 ? 0.38193 0.21235 0.22824 -0.04220 0.07660  -0.03208 11  DA A "C2'" 
298 C  "C1'" . DA A 10 ? 0.33635 0.16596 0.26729 -0.02463 0.07262  0.00507  11  DA A "C1'" 
299 N  N9    . DA A 10 ? 0.32011 0.17602 0.22543 -0.04323 0.06557  -0.00670 11  DA A N9    
300 C  C8    . DA A 10 ? 0.30020 0.20640 0.20653 -0.04525 0.05378  -0.01234 11  DA A C8    
301 N  N7    . DA A 10 ? 0.31630 0.20209 0.20138 -0.05495 0.04511  -0.00337 11  DA A N7    
302 C  C5    . DA A 10 ? 0.28936 0.19097 0.16336 -0.05414 0.03076  -0.00032 11  DA A C5    
303 C  C6    . DA A 10 ? 0.24268 0.17867 0.16624 -0.04968 0.01979  0.00850  11  DA A C6    
304 N  N6    . DA A 10 ? 0.25761 0.18144 0.20537 -0.03670 0.01953  0.02251  11  DA A N6    
305 N  N1    . DA A 10 ? 0.24113 0.15660 0.17159 -0.04273 0.03889  -0.00051 11  DA A N1    
306 C  C2    . DA A 10 ? 0.21770 0.16309 0.19331 0.00838  0.05303  0.02478  11  DA A C2    
307 N  N3    . DA A 10 ? 0.24990 0.16473 0.17095 0.00145  0.03857  0.00892  11  DA A N3    
308 C  C4    . DA A 10 ? 0.27602 0.13997 0.18271 -0.03698 0.03602  0.00349  11  DA A C4    
320 P  P     . DT A 11 ? 0.44824 0.19628 0.38966 -0.01782 0.15730  -0.04018 12  DT A P     
321 O  OP1   . DT A 11 ? 0.47537 0.22460 0.40385 -0.05728 0.13133  0.00115  12  DT A OP1   
322 O  OP2   . DT A 11 ? 0.46974 0.28925 0.34229 0.01788  0.16523  -0.04749 12  DT A OP2   
323 O  "O5'" . DT A 11 ? 0.40232 0.19014 0.37699 -0.01455 0.14094  -0.02604 12  DT A "O5'" 
324 C  "C5'" . DT A 11 ? 0.37516 0.18731 0.37835 -0.00585 0.12124  0.02438  12  DT A "C5'" 
325 C  "C4'" . DT A 11 ? 0.35711 0.17769 0.37499 -0.00032 0.11900  0.02519  12  DT A "C4'" 
326 O  "O4'" . DT A 11 ? 0.34591 0.16581 0.32330 0.00063  0.10462  0.02763  12  DT A "O4'" 
327 C  "C3'" . DT A 11 ? 0.36607 0.17495 0.41408 0.00286  0.13976  0.00914  12  DT A "C3'" 
328 O  "O3'" . DT A 11 ? 0.37161 0.20637 0.49281 0.04170  0.12834  0.09922  12  DT A "O3'" 
329 C  "C2'" . DT A 11 ? 0.35908 0.15638 0.38985 0.00388  0.15136  -0.00043 12  DT A "C2'" 
330 C  "C1'" . DT A 11 ? 0.34190 0.15685 0.32449 -0.02826 0.11315  -0.00076 12  DT A "C1'" 
331 N  N1    . DT A 11 ? 0.33650 0.15849 0.28989 -0.01808 0.12149  0.01301  12  DT A N1    
332 C  C2    . DT A 11 ? 0.30019 0.19194 0.19574 -0.02542 0.07294  0.00623  12  DT A C2    
333 O  O2    . DT A 11 ? 0.27007 0.18070 0.24366 -0.00130 0.06614  0.01257  12  DT A O2    
334 N  N3    . DT A 11 ? 0.29261 0.18966 0.16772 -0.03494 0.05791  0.01363  12  DT A N3    
335 C  C4    . DT A 11 ? 0.31263 0.18177 0.21313 -0.04090 0.08809  0.00629  12  DT A C4    
336 O  O4    . DT A 11 ? 0.31334 0.19744 0.19986 -0.05620 0.06972  0.00027  12  DT A O4    
337 C  C5    . DT A 11 ? 0.32916 0.18525 0.22898 -0.07589 0.07919  -0.03653 12  DT A C5    
338 C  C7    . DT A 11 ? 0.38595 0.21013 0.26728 -0.06470 0.09161  -0.01319 12  DT A C7    
339 C  C6    . DT A 11 ? 0.31662 0.17898 0.27458 -0.03853 0.09389  0.01155  12  DT A C6    
352 P  P     . DC A 12 ? 0.38230 0.22455 0.49292 0.03377  0.15242  0.02738  13  DC A P     
353 O  OP1   . DC A 12 ? 0.40509 0.26998 0.58291 0.12083  0.18855  0.11870  13  DC A OP1   
354 O  OP2   . DC A 12 ? 0.40184 0.25431 0.46738 -0.00264 0.15101  -0.01797 13  DC A OP2   
355 O  "O5'" . DC A 12 ? 0.31932 0.19733 0.43501 0.02208  0.10888  0.02781  13  DC A "O5'" 
356 C  "C5'" . DC A 12 ? 0.29754 0.24796 0.34914 0.02095  0.07261  0.04093  13  DC A "C5'" 
357 C  "C4'" . DC A 12 ? 0.31063 0.18366 0.31721 0.00999  0.04223  0.06045  13  DC A "C4'" 
358 O  "O4'" . DC A 12 ? 0.29907 0.18270 0.26982 0.01789  0.02642  0.03446  13  DC A "O4'" 
359 C  "C3'" . DC A 12 ? 0.29454 0.20167 0.34045 -0.02010 0.02349  0.07110  13  DC A "C3'" 
360 O  "O3'" . DC A 12 ? 0.28183 0.22530 0.30801 0.01574  0.02333  0.06346  13  DC A "O3'" 
361 C  "C2'" . DC A 12 ? 0.27446 0.27190 0.26903 -0.04752 -0.02823 0.05682  13  DC A "C2'" 
362 C  "C1'" . DC A 12 ? 0.30612 0.18665 0.27618 -0.01949 0.01311  0.02722  13  DC A "C1'" 
363 N  N1    . DC A 12 ? 0.27115 0.18685 0.23511 -0.02374 0.00491  0.02245  13  DC A N1    
364 C  C2    . DC A 12 ? 0.24316 0.16208 0.19803 -0.00826 0.00939  0.02794  13  DC A C2    
365 O  O2    . DC A 12 ? 0.25183 0.18078 0.20802 -0.02373 0.02230  0.02402  13  DC A O2    
366 N  N3    . DC A 12 ? 0.24377 0.19213 0.18358 -0.01947 0.02367  0.01731  13  DC A N3    
367 C  C4    . DC A 12 ? 0.27087 0.18858 0.19060 -0.01920 0.03364  0.01233  13  DC A C4    
368 N  N4    . DC A 12 ? 0.30742 0.20088 0.22217 -0.03568 0.06018  -0.00430 13  DC A N4    
369 C  C5    . DC A 12 ? 0.27714 0.20311 0.24990 0.01049  0.06458  0.01118  13  DC A C5    
370 C  C6    . DC A 12 ? 0.26474 0.21720 0.23648 0.01896  0.04388  0.00780  13  DC A C6    
382 P  P     . DC A 13 ? 0.27060 0.23140 0.36660 0.03928  0.03423  0.09005  14  DC A P     
383 O  OP1   . DC A 13 ? 0.27874 0.33834 0.44419 0.05341  0.00588  0.21583  14  DC A OP1   
384 O  OP2   . DC A 13 ? 0.34325 0.20636 0.39763 0.05340  0.09046  0.03502  14  DC A OP2   
385 O  "O5'" . DC A 13 ? 0.25383 0.20173 0.28924 0.03863  0.02946  0.05887  14  DC A "O5'" 
386 C  "C5'" . DC A 13 ? 0.26423 0.21482 0.24191 0.00796  0.01693  0.04799  14  DC A "C5'" 
387 C  "C4'" . DC A 13 ? 0.22300 0.19101 0.24468 0.00936  0.03492  0.01775  14  DC A "C4'" 
388 O  "O4'" . DC A 13 ? 0.20306 0.18988 0.22787 0.01781  0.02018  0.02375  14  DC A "O4'" 
389 C  "C3'" . DC A 13 ? 0.20929 0.17891 0.22809 0.00743  0.02455  0.01440  14  DC A "C3'" 
390 O  "O3'" . DC A 13 ? 0.20738 0.19476 0.24142 0.00512  -0.01013 0.04405  14  DC A "O3'" 
391 C  "C2'" . DC A 13 ? 0.21585 0.20026 0.24551 0.03905  0.05559  0.03542  14  DC A "C2'" 
392 C  "C1'" . DC A 13 ? 0.19912 0.18128 0.18545 0.02148  0.01120  0.01475  14  DC A "C1'" 
393 N  N1    . DC A 13 ? 0.22314 0.16791 0.20158 0.02452  0.04925  0.01621  14  DC A N1    
394 C  C2    . DC A 13 ? 0.20733 0.14574 0.17413 0.01976  0.03643  0.00151  14  DC A C2    
395 O  O2    . DC A 13 ? 0.19409 0.16281 0.19570 0.01294  0.03417  -0.01118 14  DC A O2    
396 N  N3    . DC A 13 ? 0.22931 0.14838 0.16630 0.00850  0.04182  -0.00832 14  DC A N3    
397 C  C4    . DC A 13 ? 0.23868 0.15562 0.17869 0.03088  0.03531  -0.00018 14  DC A C4    
398 N  N4    . DC A 13 ? 0.27860 0.14369 0.19278 0.01135  0.04527  -0.01261 14  DC A N4    
399 C  C5    . DC A 13 ? 0.25929 0.15895 0.21684 0.01064  0.04103  -0.00267 14  DC A C5    
400 C  C6    . DC A 13 ? 0.23494 0.15349 0.20861 0.01684  0.03424  -0.00217 14  DC A C6    
412 P  P     . DA A 14 ? 0.19431 0.20121 0.25861 0.00659  -0.01882 0.04055  15  DA A P     
413 O  OP1   . DA A 14 ? 0.23702 0.22020 0.26697 0.01508  -0.02540 0.02783  15  DA A OP1   
414 O  OP2   . DA A 14 ? 0.19034 0.22326 0.35616 0.01718  0.02572  0.05355  15  DA A OP2   
415 O  "O5'" . DA A 14 ? 0.19927 0.19367 0.21947 0.01933  -0.01636 0.04607  15  DA A "O5'" 
416 C  "C5'" . DA A 14 ? 0.21014 0.20018 0.16997 0.01675  -0.01548 0.02924  15  DA A "C5'" 
417 C  "C4'" . DA A 14 ? 0.21410 0.17940 0.16140 -0.01553 -0.00868 0.01243  15  DA A "C4'" 
418 O  "O4'" . DA A 14 ? 0.20936 0.17220 0.16737 -0.01384 0.01055  -0.00966 15  DA A "O4'" 
419 C  "C3'" . DA A 14 ? 0.19994 0.15831 0.19475 -0.01080 0.00874  0.01665  15  DA A "C3'" 
420 O  "O3'" . DA A 14 ? 0.21515 0.14981 0.16717 -0.00337 -0.00356 0.01041  15  DA A "O3'" 
421 C  "C2'" . DA A 14 ? 0.19378 0.16784 0.16019 0.00446  -0.00644 0.01299  15  DA A "C2'" 
422 C  "C1'" . DA A 14 ? 0.23136 0.15222 0.13753 0.01705  0.01513  -0.00004 15  DA A "C1'" 
423 N  N9    . DA A 14 ? 0.22958 0.14954 0.16089 0.03147  0.02118  0.02221  15  DA A N9    
424 C  C8    . DA A 14 ? 0.27451 0.17135 0.17994 0.04578  0.03020  0.00942  15  DA A C8    
425 N  N7    . DA A 14 ? 0.28894 0.14192 0.17449 0.01602  0.02465  0.00025  15  DA A N7    
426 C  C5    . DA A 14 ? 0.23099 0.19666 0.14383 0.03896  0.03276  0.04115  15  DA A C5    
427 C  C6    . DA A 14 ? 0.26363 0.16664 0.12795 -0.02389 0.04318  0.00594  15  DA A C6    
428 N  N6    . DA A 14 ? 0.27266 0.16394 0.19622 -0.02284 0.07139  -0.00036 15  DA A N6    
429 N  N1    . DA A 14 ? 0.25183 0.18737 0.14798 -0.03773 0.05829  -0.00816 15  DA A N1    
430 C  C2    . DA A 14 ? 0.21234 0.19299 0.15146 -0.03225 0.04746  -0.00969 15  DA A C2    
431 N  N3    . DA A 14 ? 0.19576 0.16730 0.13482 -0.02126 0.02405  0.00124  15  DA A N3    
432 C  C4    . DA A 14 ? 0.20880 0.15892 0.14461 0.00194  0.02421  0.01621  15  DA A C4    
444 P  P     . DG A 15 ? 0.23396 0.15578 0.17564 -0.01494 -0.02010 0.00313  16  DG A P     
445 O  OP1   . DG A 15 ? 0.33603 0.14787 0.18351 0.00066  0.00718  0.00527  16  DG A OP1   
446 O  OP2   . DG A 15 ? 0.24718 0.22771 0.24685 -0.05165 -0.05942 0.05108  16  DG A OP2   
447 O  "O5'" . DG A 15 ? 0.18404 0.16239 0.18170 -0.00024 -0.00199 0.01939  16  DG A "O5'" 
448 C  "C5'" . DG A 15 ? 0.18450 0.18082 0.15985 -0.00003 0.00121  0.01328  16  DG A "C5'" 
449 C  "C4'" . DG A 15 ? 0.15935 0.15463 0.17022 0.00455  0.01261  0.01636  16  DG A "C4'" 
450 O  "O4'" . DG A 15 ? 0.19403 0.14902 0.17408 -0.00676 0.05175  -0.00700 16  DG A "O4'" 
451 C  "C3'" . DG A 15 ? 0.15017 0.17222 0.17274 0.00194  -0.00092 0.01413  16  DG A "C3'" 
452 O  "O3'" . DG A 15 ? 0.18806 0.14963 0.16658 0.00542  0.01311  0.02765  16  DG A "O3'" 
453 C  "C2'" . DG A 15 ? 0.19691 0.17399 0.20498 0.00579  0.04607  0.03658  16  DG A "C2'" 
454 C  "C1'" . DG A 15 ? 0.20533 0.18513 0.14514 0.01075  0.03392  0.01602  16  DG A "C1'" 
455 N  N9    . DG A 15 ? 0.17525 0.14996 0.16158 0.02970  0.02413  0.01550  16  DG A N9    
456 C  C8    . DG A 15 ? 0.18458 0.21283 0.16003 0.04816  0.03500  0.03754  16  DG A C8    
457 N  N7    . DG A 15 ? 0.21866 0.16540 0.18379 0.05463  0.06098  0.02864  16  DG A N7    
458 C  C5    . DG A 15 ? 0.17245 0.16746 0.14833 0.04599  0.03584  0.02761  16  DG A C5    
459 C  C6    . DG A 15 ? 0.22027 0.12636 0.15787 0.02124  0.06726  0.00536  16  DG A C6    
460 O  O6    . DG A 15 ? 0.23790 0.16550 0.17769 0.02206  0.05889  0.00236  16  DG A O6    
461 N  N1    . DG A 15 ? 0.20576 0.17372 0.15699 0.01991  0.06576  0.00347  16  DG A N1    
462 C  C2    . DG A 15 ? 0.16949 0.14844 0.16656 0.01271  0.03946  -0.00036 16  DG A C2    
463 N  N2    . DG A 15 ? 0.18901 0.17357 0.21908 0.00430  0.05714  -0.01395 16  DG A N2    
464 N  N3    . DG A 15 ? 0.17092 0.14701 0.16386 0.02506  0.03720  0.00827  16  DG A N3    
465 C  C4    . DG A 15 ? 0.17828 0.15583 0.15535 0.02655  0.04775  0.01809  16  DG A C4    
477 P  P     . DC A 16 ? 0.21767 0.14757 0.17801 0.01359  0.03466  0.00996  17  DC A P     
478 O  OP1   . DC A 16 ? 0.22462 0.18741 0.22472 -0.00440 0.03093  0.03409  17  DC A OP1   
479 O  OP2   . DC A 16 ? 0.18979 0.22310 0.37613 -0.01119 0.03301  0.10250  17  DC A OP2   
480 O  "O5'" . DC A 16 ? 0.32872 0.19095 0.23183 0.01441  0.06756  0.04075  17  DC A "O5'" 
481 C  "C5'" . DC A 16 ? 0.34455 0.21605 0.24924 0.01479  0.05466  0.03980  17  DC A "C5'" 
482 C  "C4'" . DC A 16 ? 0.38440 0.18043 0.28233 0.02047  0.09681  -0.01008 17  DC A "C4'" 
483 O  "O4'" . DC A 16 ? 0.35935 0.18655 0.28359 0.03339  0.10168  0.01014  17  DC A "O4'" 
484 C  "C3'" . DC A 16 ? 0.34760 0.27806 0.29361 0.02766  0.05642  0.02538  17  DC A "C3'" 
485 O  "O3'" . DC A 16 ? 0.37575 0.41133 0.44600 0.05961  0.12786  0.07569  17  DC A "O3'" 
486 C  "C2'" . DC A 16 ? 0.29682 0.29176 0.17367 0.03338  0.00310  0.00991  17  DC A "C2'" 
487 C  "C1'" . DC A 16 ? 0.24512 0.20955 0.24420 0.02413  0.03017  0.01479  17  DC A "C1'" 
488 N  N1    . DC A 16 ? 0.20192 0.17428 0.18622 0.01650  0.04039  0.00078  17  DC A N1    
489 C  C2    . DC A 16 ? 0.20815 0.17018 0.18389 0.02437  0.05777  0.00595  17  DC A C2    
490 O  O2    . DC A 16 ? 0.21776 0.18391 0.19732 0.00682  0.05451  0.00255  17  DC A O2    
491 N  N3    . DC A 16 ? 0.22509 0.21117 0.14947 0.01735  0.05125  0.01188  17  DC A N3    
492 C  C4    . DC A 16 ? 0.20383 0.20885 0.15060 0.03657  0.04902  0.00299  17  DC A C4    
493 N  N4    . DC A 16 ? 0.23619 0.27249 0.16042 0.01754  0.03725  0.00719  17  DC A N4    
494 C  C5    . DC A 16 ? 0.19389 0.23892 0.16450 0.00300  0.03728  0.00952  17  DC A C5    
495 C  C6    . DC A 16 ? 0.19664 0.20199 0.17244 -0.00307 0.04186  0.00559  17  DC A C6    
508 CA CA    . CA B .  ? 0.14585 0.32488 0.30320 0.05079  -0.01800 0.13092  101 CA A CA    
509 CA CA    . CA C .  ? 0.24887 0.11172 0.29357 0.01510  0.13473  -0.00981 102 CA A CA    
510 CA CA    . CA D .  ? 0.20964 0.16237 0.17335 -0.00209 0.06494  0.00930  103 CA A CA    
511 CA CA    . CA E .  ? 0.22504 0.26760 0.10474 -0.11360 -0.00853 -0.02585 104 CA A CA    
512 CA CA    . CA F .  ? 0.43239 0.15427 0.17327 -0.00916 -0.05333 -0.01073 105 CA A CA    
513 CA CA    . CA G .  ? 0.22922 0.48979 0.57857 -0.05156 0.06738  -0.30890 106 CA A CA    
# 
loop_
_pdbx_poly_seq_scheme.asym_id 
_pdbx_poly_seq_scheme.entity_id 
_pdbx_poly_seq_scheme.seq_id 
_pdbx_poly_seq_scheme.mon_id 
_pdbx_poly_seq_scheme.ndb_seq_num 
_pdbx_poly_seq_scheme.pdb_seq_num 
_pdbx_poly_seq_scheme.auth_seq_num 
_pdbx_poly_seq_scheme.pdb_mon_id 
_pdbx_poly_seq_scheme.auth_mon_id 
_pdbx_poly_seq_scheme.pdb_strand_id 
_pdbx_poly_seq_scheme.pdb_ins_code 
_pdbx_poly_seq_scheme.hetero 
A 1 1  DG 1  2  2  DG DG A . n 
A 1 2  DC 2  3  3  DC DC A . n 
A 1 3  DT 3  4  4  DT DT A . n 
A 1 4  DG 4  5  5  DG DG A . n 
A 1 5  DG 5  6  6  DG DG A . n 
A 1 6  DA 6  7  7  DA DA A . n 
A 1 7  DT 7  8  8  DT DT A . n 
A 1 8  DA 8  9  9  DA DA A . n 
A 1 9  DT 9  10 10 DT DT A . n 
A 1 10 DA 10 11 11 DA DA A . n 
A 1 11 DT 11 12 12 DT DT A . n 
A 1 12 DC 12 13 13 DC DC A . n 
A 1 13 DC 13 14 14 DC DC A . n 
A 1 14 DA 14 15 15 DA DA A . n 
A 1 15 DG 15 16 16 DG DG A . n 
A 1 16 DC 16 17 17 DC DC A . n 
# 
_pdbx_contact_author.id                 2 
_pdbx_contact_author.email              wdw@gsu.edu 
_pdbx_contact_author.name_first         W 
_pdbx_contact_author.name_last          Wilson 
_pdbx_contact_author.name_mi            David 
_pdbx_contact_author.role               'principal investigator/group leader' 
_pdbx_contact_author.identifier_ORCID   0000-0001-5225-5089 
# 
loop_
_pdbx_nonpoly_scheme.asym_id 
_pdbx_nonpoly_scheme.entity_id 
_pdbx_nonpoly_scheme.mon_id 
_pdbx_nonpoly_scheme.ndb_seq_num 
_pdbx_nonpoly_scheme.pdb_seq_num 
_pdbx_nonpoly_scheme.auth_seq_num 
_pdbx_nonpoly_scheme.pdb_mon_id 
_pdbx_nonpoly_scheme.auth_mon_id 
_pdbx_nonpoly_scheme.pdb_strand_id 
_pdbx_nonpoly_scheme.pdb_ins_code 
B 2 CA  1  101 1  CA  CA  A . 
C 2 CA  1  102 2  CA  CA  A . 
D 2 CA  1  103 3  CA  CA  A . 
E 2 CA  1  104 4  CA  CA  A . 
F 2 CA  1  105 5  CA  CA  A . 
G 2 CA  1  106 6  CA  CA  A . 
H 2 CA  1  107 7  CA  CA  A . 
I 2 CA  1  108 8  CA  CA  A . 
J 2 CA  1  109 9  CA  CA  A . 
K 3 HOH 1  201 53 HOH HOH A . 
K 3 HOH 2  202 80 HOH HOH A . 
K 3 HOH 3  203 32 HOH HOH A . 
K 3 HOH 4  204 76 HOH HOH A . 
K 3 HOH 5  205 34 HOH HOH A . 
K 3 HOH 6  206 45 HOH HOH A . 
K 3 HOH 7  207 3  HOH HOH A . 
K 3 HOH 8  208 17 HOH HOH A . 
K 3 HOH 9  209 50 HOH HOH A . 
K 3 HOH 10 210 72 HOH HOH A . 
K 3 HOH 11 211 63 HOH HOH A . 
K 3 HOH 12 212 30 HOH HOH A . 
K 3 HOH 13 213 97 HOH HOH A . 
K 3 HOH 14 214 35 HOH HOH A . 
K 3 HOH 15 215 28 HOH HOH A . 
K 3 HOH 16 216 42 HOH HOH A . 
K 3 HOH 17 217 24 HOH HOH A . 
K 3 HOH 18 218 88 HOH HOH A . 
K 3 HOH 19 219 12 HOH HOH A . 
K 3 HOH 20 220 91 HOH HOH A . 
K 3 HOH 21 221 22 HOH HOH A . 
K 3 HOH 22 222 16 HOH HOH A . 
K 3 HOH 23 223 9  HOH HOH A . 
K 3 HOH 24 224 73 HOH HOH A . 
K 3 HOH 25 225 13 HOH HOH A . 
K 3 HOH 26 226 67 HOH HOH A . 
K 3 HOH 27 227 78 HOH HOH A . 
K 3 HOH 28 228 52 HOH HOH A . 
K 3 HOH 29 229 39 HOH HOH A . 
K 3 HOH 30 230 55 HOH HOH A . 
K 3 HOH 31 231 5  HOH HOH A . 
K 3 HOH 32 232 37 HOH HOH A . 
K 3 HOH 33 233 27 HOH HOH A . 
K 3 HOH 34 234 29 HOH HOH A . 
K 3 HOH 35 235 14 HOH HOH A . 
K 3 HOH 36 236 23 HOH HOH A . 
K 3 HOH 37 237 77 HOH HOH A . 
K 3 HOH 38 238 43 HOH HOH A . 
K 3 HOH 39 239 4  HOH HOH A . 
K 3 HOH 40 240 46 HOH HOH A . 
K 3 HOH 41 241 6  HOH HOH A . 
K 3 HOH 42 242 10 HOH HOH A . 
K 3 HOH 43 243 82 HOH HOH A . 
K 3 HOH 44 244 98 HOH HOH A . 
K 3 HOH 45 245 47 HOH HOH A . 
K 3 HOH 46 246 69 HOH HOH A . 
K 3 HOH 47 247 31 HOH HOH A . 
K 3 HOH 48 248 18 HOH HOH A . 
K 3 HOH 49 249 38 HOH HOH A . 
K 3 HOH 50 250 85 HOH HOH A . 
K 3 HOH 51 251 40 HOH HOH A . 
K 3 HOH 52 252 48 HOH HOH A . 
K 3 HOH 53 253 66 HOH HOH A . 
K 3 HOH 54 254 51 HOH HOH A . 
K 3 HOH 55 255 44 HOH HOH A . 
K 3 HOH 56 256 8  HOH HOH A . 
K 3 HOH 57 257 89 HOH HOH A . 
K 3 HOH 58 258 41 HOH HOH A . 
K 3 HOH 59 259 25 HOH HOH A . 
K 3 HOH 60 260 74 HOH HOH A . 
K 3 HOH 61 261 54 HOH HOH A . 
K 3 HOH 62 262 59 HOH HOH A . 
K 3 HOH 63 263 75 HOH HOH A . 
K 3 HOH 64 264 20 HOH HOH A . 
K 3 HOH 65 265 56 HOH HOH A . 
K 3 HOH 66 266 2  HOH HOH A . 
K 3 HOH 67 267 1  HOH HOH A . 
K 3 HOH 68 268 87 HOH HOH A . 
K 3 HOH 69 269 7  HOH HOH A . 
K 3 HOH 70 270 15 HOH HOH A . 
K 3 HOH 71 271 81 HOH HOH A . 
K 3 HOH 72 272 90 HOH HOH A . 
K 3 HOH 73 273 57 HOH HOH A . 
K 3 HOH 74 274 19 HOH HOH A . 
K 3 HOH 75 275 86 HOH HOH A . 
K 3 HOH 76 276 58 HOH HOH A . 
K 3 HOH 77 277 92 HOH HOH A . 
K 3 HOH 78 278 49 HOH HOH A . 
K 3 HOH 79 279 65 HOH HOH A . 
K 3 HOH 80 280 64 HOH HOH A . 
K 3 HOH 81 281 60 HOH HOH A . 
K 3 HOH 82 282 33 HOH HOH A . 
K 3 HOH 83 283 83 HOH HOH A . 
K 3 HOH 84 284 21 HOH HOH A . 
K 3 HOH 85 285 84 HOH HOH A . 
K 3 HOH 86 286 70 HOH HOH A . 
K 3 HOH 87 287 36 HOH HOH A . 
K 3 HOH 88 288 71 HOH HOH A . 
K 3 HOH 89 289 62 HOH HOH A . 
K 3 HOH 90 290 95 HOH HOH A . 
K 3 HOH 91 291 68 HOH HOH A . 
K 3 HOH 92 292 96 HOH HOH A . 
K 3 HOH 93 293 79 HOH HOH A . 
K 3 HOH 94 294 93 HOH HOH A . 
# 
_pdbx_struct_assembly.id                   1 
_pdbx_struct_assembly.details              author_and_software_defined_assembly 
_pdbx_struct_assembly.method_details       PISA 
_pdbx_struct_assembly.oligomeric_details   dimeric 
_pdbx_struct_assembly.oligomeric_count     2 
# 
_pdbx_struct_assembly_gen.assembly_id       1 
_pdbx_struct_assembly_gen.oper_expression   1,2 
_pdbx_struct_assembly_gen.asym_id_list      A,B,C,D,E,F,G,H,I,J,K 
# 
loop_
_pdbx_struct_assembly_prop.biol_id 
_pdbx_struct_assembly_prop.type 
_pdbx_struct_assembly_prop.value 
_pdbx_struct_assembly_prop.details 
1 'ABSA (A^2)' 1420 ? 
1 MORE         -9   ? 
1 'SSA (A^2)'  5950 ? 
# 
loop_
_pdbx_struct_oper_list.id 
_pdbx_struct_oper_list.type 
_pdbx_struct_oper_list.name 
_pdbx_struct_oper_list.symmetry_operation 
_pdbx_struct_oper_list.matrix[1][1] 
_pdbx_struct_oper_list.matrix[1][2] 
_pdbx_struct_oper_list.matrix[1][3] 
_pdbx_struct_oper_list.vector[1] 
_pdbx_struct_oper_list.matrix[2][1] 
_pdbx_struct_oper_list.matrix[2][2] 
_pdbx_struct_oper_list.matrix[2][3] 
_pdbx_struct_oper_list.vector[2] 
_pdbx_struct_oper_list.matrix[3][1] 
_pdbx_struct_oper_list.matrix[3][2] 
_pdbx_struct_oper_list.matrix[3][3] 
_pdbx_struct_oper_list.vector[3] 
1 'identity operation'         1_555  x,y,z                 1.0000000000  0.0000000000  0.0000000000  0.0000000000 0.0000000000  1.0000000000 0.0000000000 0.0000000000  0.0000000000  0.0000000000 1.0000000000  0.0000000000 
2 'crystal symmetry operation' 17_435 x-y-2/3,-y-4/3,-z+2/3 -0.8522051335 -0.5037692165 -0.1412904347 1.6733825775 -0.5037692165 0.7171328715 0.4815984024 -0.1735462158 -0.1412904347 0.4815984024 -0.8649277380 2.3691950309 
# 
loop_
_pdbx_struct_special_symmetry.id 
_pdbx_struct_special_symmetry.PDB_model_num 
_pdbx_struct_special_symmetry.auth_asym_id 
_pdbx_struct_special_symmetry.auth_comp_id 
_pdbx_struct_special_symmetry.auth_seq_id 
_pdbx_struct_special_symmetry.PDB_ins_code 
_pdbx_struct_special_symmetry.label_asym_id 
_pdbx_struct_special_symmetry.label_comp_id 
_pdbx_struct_special_symmetry.label_seq_id 
1 1 A CA  101 ? B CA  . 
2 1 A CA  102 ? C CA  . 
3 1 A CA  103 ? D CA  . 
4 1 A CA  104 ? E CA  . 
5 1 A HOH 231 ? K HOH . 
6 1 A HOH 265 ? K HOH . 
# 
loop_
_pdbx_struct_conn_angle.id 
_pdbx_struct_conn_angle.ptnr1_label_atom_id 
_pdbx_struct_conn_angle.ptnr1_label_alt_id 
_pdbx_struct_conn_angle.ptnr1_label_asym_id 
_pdbx_struct_conn_angle.ptnr1_label_comp_id 
_pdbx_struct_conn_angle.ptnr1_label_seq_id 
_pdbx_struct_conn_angle.ptnr1_auth_atom_id 
_pdbx_struct_conn_angle.ptnr1_auth_asym_id 
_pdbx_struct_conn_angle.ptnr1_auth_comp_id 
_pdbx_struct_conn_angle.ptnr1_auth_seq_id 
_pdbx_struct_conn_angle.ptnr1_PDB_ins_code 
_pdbx_struct_conn_angle.ptnr1_symmetry 
_pdbx_struct_conn_angle.ptnr2_label_atom_id 
_pdbx_struct_conn_angle.ptnr2_label_alt_id 
_pdbx_struct_conn_angle.ptnr2_label_asym_id 
_pdbx_struct_conn_angle.ptnr2_label_comp_id 
_pdbx_struct_conn_angle.ptnr2_label_seq_id 
_pdbx_struct_conn_angle.ptnr2_auth_atom_id 
_pdbx_struct_conn_angle.ptnr2_auth_asym_id 
_pdbx_struct_conn_angle.ptnr2_auth_comp_id 
_pdbx_struct_conn_angle.ptnr2_auth_seq_id 
_pdbx_struct_conn_angle.ptnr2_PDB_ins_code 
_pdbx_struct_conn_angle.ptnr2_symmetry 
_pdbx_struct_conn_angle.ptnr3_label_atom_id 
_pdbx_struct_conn_angle.ptnr3_label_alt_id 
_pdbx_struct_conn_angle.ptnr3_label_asym_id 
_pdbx_struct_conn_angle.ptnr3_label_comp_id 
_pdbx_struct_conn_angle.ptnr3_label_seq_id 
_pdbx_struct_conn_angle.ptnr3_auth_atom_id 
_pdbx_struct_conn_angle.ptnr3_auth_asym_id 
_pdbx_struct_conn_angle.ptnr3_auth_comp_id 
_pdbx_struct_conn_angle.ptnr3_auth_seq_id 
_pdbx_struct_conn_angle.ptnr3_PDB_ins_code 
_pdbx_struct_conn_angle.ptnr3_symmetry 
_pdbx_struct_conn_angle.value 
_pdbx_struct_conn_angle.value_esd 
1  OP1 ? A DC  2  ? A DC  3   ? 1_555  CA ? B CA . ? A CA 101 ? 1_555  OP1 ? A DC  2  ? A DC  3   ? 1_555  0.0   ? 
2  OP1 ? A DC  2  ? A DC  3   ? 1_555  CA ? B CA . ? A CA 101 ? 1_555  O   ? K HOH .  ? A HOH 252 ? 1_555  81.0  ? 
3  OP1 ? A DC  2  ? A DC  3   ? 1_555  CA ? B CA . ? A CA 101 ? 1_555  O   ? K HOH .  ? A HOH 252 ? 1_555  81.0  ? 
4  OP1 ? A DC  2  ? A DC  3   ? 1_555  CA ? B CA . ? A CA 101 ? 1_555  O   ? K HOH .  ? A HOH 252 ? 3_445  174.0 ? 
5  OP1 ? A DC  2  ? A DC  3   ? 1_555  CA ? B CA . ? A CA 101 ? 1_555  O   ? K HOH .  ? A HOH 252 ? 3_445  174.0 ? 
6  O   ? K HOH .  ? A HOH 252 ? 1_555  CA ? B CA . ? A CA 101 ? 1_555  O   ? K HOH .  ? A HOH 252 ? 3_445  93.4  ? 
7  O6  ? A DG  5  ? A DG  6   ? 1_555  CA ? J CA . ? A CA 109 ? 1_555  O   ? K HOH .  ? A HOH 216 ? 17_435 73.8  ? 
8  O6  ? A DG  5  ? A DG  6   ? 1_555  CA ? J CA . ? A CA 109 ? 1_555  O   ? K HOH .  ? A HOH 217 ? 1_555  70.7  ? 
9  O   ? K HOH .  ? A HOH 216 ? 17_435 CA ? J CA . ? A CA 109 ? 1_555  O   ? K HOH .  ? A HOH 217 ? 1_555  137.1 ? 
10 O6  ? A DG  5  ? A DG  6   ? 1_555  CA ? J CA . ? A CA 109 ? 1_555  O   ? K HOH .  ? A HOH 238 ? 1_555  94.7  ? 
11 O   ? K HOH .  ? A HOH 216 ? 17_435 CA ? J CA . ? A CA 109 ? 1_555  O   ? K HOH .  ? A HOH 238 ? 1_555  153.0 ? 
12 O   ? K HOH .  ? A HOH 217 ? 1_555  CA ? J CA . ? A CA 109 ? 1_555  O   ? K HOH .  ? A HOH 238 ? 1_555  54.2  ? 
13 O6  ? A DG  5  ? A DG  6   ? 1_555  CA ? J CA . ? A CA 109 ? 1_555  O   ? K HOH .  ? A HOH 290 ? 1_555  120.5 ? 
14 O   ? K HOH .  ? A HOH 216 ? 17_435 CA ? J CA . ? A CA 109 ? 1_555  O   ? K HOH .  ? A HOH 290 ? 1_555  163.3 ? 
15 O   ? K HOH .  ? A HOH 217 ? 1_555  CA ? J CA . ? A CA 109 ? 1_555  O   ? K HOH .  ? A HOH 290 ? 1_555  51.8  ? 
16 O   ? K HOH .  ? A HOH 238 ? 1_555  CA ? J CA . ? A CA 109 ? 1_555  O   ? K HOH .  ? A HOH 290 ? 1_555  41.3  ? 
17 O6  ? A DG  5  ? A DG  6   ? 1_555  CA ? J CA . ? A CA 109 ? 1_555  O   ? K HOH .  ? A HOH 291 ? 1_555  130.6 ? 
18 O   ? K HOH .  ? A HOH 216 ? 17_435 CA ? J CA . ? A CA 109 ? 1_555  O   ? K HOH .  ? A HOH 291 ? 1_555  118.5 ? 
19 O   ? K HOH .  ? A HOH 217 ? 1_555  CA ? J CA . ? A CA 109 ? 1_555  O   ? K HOH .  ? A HOH 291 ? 1_555  102.9 ? 
20 O   ? K HOH .  ? A HOH 238 ? 1_555  CA ? J CA . ? A CA 109 ? 1_555  O   ? K HOH .  ? A HOH 291 ? 1_555  51.5  ? 
21 O   ? K HOH .  ? A HOH 290 ? 1_555  CA ? J CA . ? A CA 109 ? 1_555  O   ? K HOH .  ? A HOH 291 ? 1_555  60.5  ? 
22 OP1 ? A DA  6  ? A DA  7   ? 1_555  CA ? C CA . ? A CA 102 ? 1_555  OP1 ? A DA  6  ? A DA  7   ? 1_555  0.0   ? 
23 OP1 ? A DA  6  ? A DA  7   ? 1_555  CA ? C CA . ? A CA 102 ? 1_555  O   ? K HOH .  ? A HOH 266 ? 1_555  87.5  ? 
24 OP1 ? A DA  6  ? A DA  7   ? 1_555  CA ? C CA . ? A CA 102 ? 1_555  O   ? K HOH .  ? A HOH 266 ? 1_555  87.5  ? 
25 OP1 ? A DA  6  ? A DA  7   ? 1_555  CA ? C CA . ? A CA 102 ? 1_555  O   ? K HOH .  ? A HOH 266 ? 3_545  99.4  ? 
26 OP1 ? A DA  6  ? A DA  7   ? 1_555  CA ? C CA . ? A CA 102 ? 1_555  O   ? K HOH .  ? A HOH 266 ? 3_545  99.4  ? 
27 O   ? K HOH .  ? A HOH 266 ? 1_555  CA ? C CA . ? A CA 102 ? 1_555  O   ? K HOH .  ? A HOH 266 ? 3_545  86.0  ? 
28 OP2 ? A DA  6  ? A DA  7   ? 1_555  CA ? D CA . ? A CA 103 ? 1_555  OP2 ? A DA  6  ? A DA  7   ? 1_555  0.0   ? 
29 OP2 ? A DA  6  ? A DA  7   ? 1_555  CA ? D CA . ? A CA 103 ? 1_555  O   ? K HOH .  ? A HOH 267 ? 1_555  90.1  ? 
30 OP2 ? A DA  6  ? A DA  7   ? 1_555  CA ? D CA . ? A CA 103 ? 1_555  O   ? K HOH .  ? A HOH 267 ? 1_555  90.1  ? 
31 OP2 ? A DA  6  ? A DA  7   ? 1_555  CA ? D CA . ? A CA 103 ? 1_555  O   ? K HOH .  ? A HOH 267 ? 3_545  92.8  ? 
32 OP2 ? A DA  6  ? A DA  7   ? 1_555  CA ? D CA . ? A CA 103 ? 1_555  O   ? K HOH .  ? A HOH 267 ? 3_545  92.8  ? 
33 O   ? K HOH .  ? A HOH 267 ? 1_555  CA ? D CA . ? A CA 103 ? 1_555  O   ? K HOH .  ? A HOH 267 ? 3_545  87.6  ? 
34 OP1 ? A DA  8  ? A DA  9   ? 1_555  CA ? I CA . ? A CA 108 ? 18_335 OP1 ? A DT  11 ? A DT  12  ? 1_555  65.2  ? 
35 OP1 ? A DA  8  ? A DA  9   ? 1_555  CA ? I CA . ? A CA 108 ? 18_335 O   ? K HOH .  ? A HOH 250 ? 18_345 73.2  ? 
36 OP1 ? A DT  11 ? A DT  12  ? 1_555  CA ? I CA . ? A CA 108 ? 18_335 O   ? K HOH .  ? A HOH 250 ? 18_345 8.2   ? 
37 OP1 ? A DA  8  ? A DA  9   ? 1_555  CA ? I CA . ? A CA 108 ? 18_335 O   ? K HOH .  ? A HOH 258 ? 1_555  66.1  ? 
38 OP1 ? A DT  11 ? A DT  12  ? 1_555  CA ? I CA . ? A CA 108 ? 18_335 O   ? K HOH .  ? A HOH 258 ? 1_555  8.1   ? 
39 O   ? K HOH .  ? A HOH 250 ? 18_345 CA ? I CA . ? A CA 108 ? 18_335 O   ? K HOH .  ? A HOH 258 ? 1_555  9.9   ? 
40 OP1 ? A DG  15 ? A DG  16  ? 1_555  CA ? F CA . ? A CA 105 ? 1_555  O   ? K HOH .  ? A HOH 206 ? 18_445 93.3  ? 
41 OP1 ? A DG  15 ? A DG  16  ? 1_555  CA ? F CA . ? A CA 105 ? 1_555  O   ? K HOH .  ? A HOH 239 ? 3_545  176.1 ? 
42 O   ? K HOH .  ? A HOH 206 ? 18_445 CA ? F CA . ? A CA 105 ? 1_555  O   ? K HOH .  ? A HOH 239 ? 3_545  83.4  ? 
43 OP1 ? A DG  15 ? A DG  16  ? 1_555  CA ? F CA . ? A CA 105 ? 1_555  O   ? K HOH .  ? A HOH 259 ? 1_555  79.0  ? 
44 O   ? K HOH .  ? A HOH 206 ? 18_445 CA ? F CA . ? A CA 105 ? 1_555  O   ? K HOH .  ? A HOH 259 ? 1_555  69.0  ? 
45 O   ? K HOH .  ? A HOH 239 ? 3_545  CA ? F CA . ? A CA 105 ? 1_555  O   ? K HOH .  ? A HOH 259 ? 1_555  97.9  ? 
46 OP1 ? A DG  15 ? A DG  16  ? 1_555  CA ? F CA . ? A CA 105 ? 1_555  O   ? K HOH .  ? A HOH 264 ? 3_545  98.6  ? 
47 O   ? K HOH .  ? A HOH 206 ? 18_445 CA ? F CA . ? A CA 105 ? 1_555  O   ? K HOH .  ? A HOH 264 ? 3_545  78.7  ? 
48 O   ? K HOH .  ? A HOH 239 ? 3_545  CA ? F CA . ? A CA 105 ? 1_555  O   ? K HOH .  ? A HOH 264 ? 3_545  82.7  ? 
49 O   ? K HOH .  ? A HOH 259 ? 1_555  CA ? F CA . ? A CA 105 ? 1_555  O   ? K HOH .  ? A HOH 264 ? 3_545  147.4 ? 
50 OP1 ? A DG  15 ? A DG  16  ? 1_555  CA ? F CA . ? A CA 105 ? 1_555  O   ? K HOH .  ? A HOH 269 ? 1_555  88.8  ? 
51 O   ? K HOH .  ? A HOH 206 ? 18_445 CA ? F CA . ? A CA 105 ? 1_555  O   ? K HOH .  ? A HOH 269 ? 1_555  163.4 ? 
52 O   ? K HOH .  ? A HOH 239 ? 3_545  CA ? F CA . ? A CA 105 ? 1_555  O   ? K HOH .  ? A HOH 269 ? 1_555  94.9  ? 
53 O   ? K HOH .  ? A HOH 259 ? 1_555  CA ? F CA . ? A CA 105 ? 1_555  O   ? K HOH .  ? A HOH 269 ? 1_555  127.5 ? 
54 O   ? K HOH .  ? A HOH 264 ? 3_545  CA ? F CA . ? A CA 105 ? 1_555  O   ? K HOH .  ? A HOH 269 ? 1_555  84.7  ? 
55 OP1 ? A DG  15 ? A DG  16  ? 1_555  CA ? F CA . ? A CA 105 ? 1_555  O   ? K HOH .  ? A HOH 274 ? 1_555  102.3 ? 
56 O   ? K HOH .  ? A HOH 206 ? 18_445 CA ? F CA . ? A CA 105 ? 1_555  O   ? K HOH .  ? A HOH 274 ? 1_555  131.7 ? 
57 O   ? K HOH .  ? A HOH 239 ? 3_545  CA ? F CA . ? A CA 105 ? 1_555  O   ? K HOH .  ? A HOH 274 ? 1_555  78.7  ? 
58 O   ? K HOH .  ? A HOH 259 ? 1_555  CA ? F CA . ? A CA 105 ? 1_555  O   ? K HOH .  ? A HOH 274 ? 1_555  69.6  ? 
59 O   ? K HOH .  ? A HOH 264 ? 3_545  CA ? F CA . ? A CA 105 ? 1_555  O   ? K HOH .  ? A HOH 274 ? 1_555  141.1 ? 
60 O   ? K HOH .  ? A HOH 269 ? 1_555  CA ? F CA . ? A CA 105 ? 1_555  O   ? K HOH .  ? A HOH 274 ? 1_555  63.5  ? 
61 OP1 ? A DC  16 ? A DC  17  ? 1_555  CA ? E CA . ? A CA 104 ? 1_555  OP1 ? A DC  16 ? A DC  17  ? 1_555  0.0   ? 
62 OP1 ? A DC  16 ? A DC  17  ? 1_555  CA ? E CA . ? A CA 104 ? 1_555  O   ? K HOH .  ? A HOH 256 ? 14_444 166.5 ? 
63 OP1 ? A DC  16 ? A DC  17  ? 1_555  CA ? E CA . ? A CA 104 ? 1_555  O   ? K HOH .  ? A HOH 256 ? 14_444 166.5 ? 
64 O   ? K HOH .  ? A HOH 208 ? 1_555  CA ? G CA . ? A CA 106 ? 1_555  O   ? K HOH .  ? A HOH 215 ? 18_445 59.7  ? 
65 O   ? K HOH .  ? A HOH 208 ? 1_555  CA ? G CA . ? A CA 106 ? 1_555  O   ? K HOH .  ? A HOH 222 ? 17_435 133.1 ? 
66 O   ? K HOH .  ? A HOH 215 ? 18_445 CA ? G CA . ? A CA 106 ? 1_555  O   ? K HOH .  ? A HOH 222 ? 17_435 152.4 ? 
67 O   ? K HOH .  ? A HOH 208 ? 1_555  CA ? G CA . ? A CA 106 ? 1_555  O   ? K HOH .  ? A HOH 223 ? 1_555  75.9  ? 
68 O   ? K HOH .  ? A HOH 215 ? 18_445 CA ? G CA . ? A CA 106 ? 1_555  O   ? K HOH .  ? A HOH 223 ? 1_555  129.8 ? 
69 O   ? K HOH .  ? A HOH 222 ? 17_435 CA ? G CA . ? A CA 106 ? 1_555  O   ? K HOH .  ? A HOH 223 ? 1_555  76.2  ? 
70 O   ? K HOH .  ? A HOH 208 ? 1_555  CA ? G CA . ? A CA 106 ? 1_555  O   ? K HOH .  ? A HOH 249 ? 17_435 93.7  ? 
71 O   ? K HOH .  ? A HOH 215 ? 18_445 CA ? G CA . ? A CA 106 ? 1_555  O   ? K HOH .  ? A HOH 249 ? 17_435 75.6  ? 
72 O   ? K HOH .  ? A HOH 222 ? 17_435 CA ? G CA . ? A CA 106 ? 1_555  O   ? K HOH .  ? A HOH 249 ? 17_435 78.9  ? 
73 O   ? K HOH .  ? A HOH 223 ? 1_555  CA ? G CA . ? A CA 106 ? 1_555  O   ? K HOH .  ? A HOH 249 ? 17_435 132.9 ? 
74 O   ? K HOH .  ? A HOH 208 ? 1_555  CA ? G CA . ? A CA 106 ? 1_555  O   ? K HOH .  ? A HOH 272 ? 1_555  97.8  ? 
75 O   ? K HOH .  ? A HOH 215 ? 18_445 CA ? G CA . ? A CA 106 ? 1_555  O   ? K HOH .  ? A HOH 272 ? 1_555  88.8  ? 
76 O   ? K HOH .  ? A HOH 222 ? 17_435 CA ? G CA . ? A CA 106 ? 1_555  O   ? K HOH .  ? A HOH 272 ? 1_555  109.9 ? 
77 O   ? K HOH .  ? A HOH 223 ? 1_555  CA ? G CA . ? A CA 106 ? 1_555  O   ? K HOH .  ? A HOH 272 ? 1_555  74.4  ? 
78 O   ? K HOH .  ? A HOH 249 ? 17_435 CA ? G CA . ? A CA 106 ? 1_555  O   ? K HOH .  ? A HOH 272 ? 1_555  152.5 ? 
79 O   ? K HOH .  ? A HOH 208 ? 1_555  CA ? G CA . ? A CA 106 ? 1_555  O   ? K HOH .  ? A HOH 284 ? 18_445 138.2 ? 
80 O   ? K HOH .  ? A HOH 215 ? 18_445 CA ? G CA . ? A CA 106 ? 1_555  O   ? K HOH .  ? A HOH 284 ? 18_445 78.5  ? 
81 O   ? K HOH .  ? A HOH 222 ? 17_435 CA ? G CA . ? A CA 106 ? 1_555  O   ? K HOH .  ? A HOH 284 ? 18_445 85.3  ? 
82 O   ? K HOH .  ? A HOH 223 ? 1_555  CA ? G CA . ? A CA 106 ? 1_555  O   ? K HOH .  ? A HOH 284 ? 18_445 139.5 ? 
83 O   ? K HOH .  ? A HOH 249 ? 17_435 CA ? G CA . ? A CA 106 ? 1_555  O   ? K HOH .  ? A HOH 284 ? 18_445 76.0  ? 
84 O   ? K HOH .  ? A HOH 272 ? 1_555  CA ? G CA . ? A CA 106 ? 1_555  O   ? K HOH .  ? A HOH 284 ? 18_445 78.8  ? 
85 O   ? K HOH .  ? A HOH 220 ? 1_555  CA ? H CA . ? A CA 107 ? 1_555  O   ? K HOH .  ? A HOH 232 ? 1_555  94.5  ? 
86 O   ? K HOH .  ? A HOH 220 ? 1_555  CA ? H CA . ? A CA 107 ? 1_555  O   ? K HOH .  ? A HOH 254 ? 1_555  113.7 ? 
87 O   ? K HOH .  ? A HOH 232 ? 1_555  CA ? H CA . ? A CA 107 ? 1_555  O   ? K HOH .  ? A HOH 254 ? 1_555  68.7  ? 
# 
loop_
_pdbx_audit_revision_history.ordinal 
_pdbx_audit_revision_history.data_content_type 
_pdbx_audit_revision_history.major_revision 
_pdbx_audit_revision_history.minor_revision 
_pdbx_audit_revision_history.revision_date 
1 'Structure model' 1 0 2023-02-22 
2 'Structure model' 1 1 2023-08-30 
# 
_pdbx_audit_revision_details.ordinal             1 
_pdbx_audit_revision_details.revision_ordinal    1 
_pdbx_audit_revision_details.data_content_type   'Structure model' 
_pdbx_audit_revision_details.provider            repository 
_pdbx_audit_revision_details.type                'Initial release' 
_pdbx_audit_revision_details.description         ? 
_pdbx_audit_revision_details.details             ? 
# 
loop_
_pdbx_audit_revision_group.ordinal 
_pdbx_audit_revision_group.revision_ordinal 
_pdbx_audit_revision_group.data_content_type 
_pdbx_audit_revision_group.group 
1 2 'Structure model' 'Data collection'     
2 2 'Structure model' 'Database references' 
# 
loop_
_pdbx_audit_revision_category.ordinal 
_pdbx_audit_revision_category.revision_ordinal 
_pdbx_audit_revision_category.data_content_type 
_pdbx_audit_revision_category.category 
1 2 'Structure model' chem_comp_atom  
2 2 'Structure model' chem_comp_bond  
3 2 'Structure model' citation        
4 2 'Structure model' citation_author 
# 
loop_
_pdbx_audit_revision_item.ordinal 
_pdbx_audit_revision_item.revision_ordinal 
_pdbx_audit_revision_item.data_content_type 
_pdbx_audit_revision_item.item 
1 2 'Structure model' '_citation.journal_volume'          
2 2 'Structure model' '_citation.page_first'              
3 2 'Structure model' '_citation.page_last'               
4 2 'Structure model' '_citation.pdbx_database_id_DOI'    
5 2 'Structure model' '_citation.pdbx_database_id_PubMed' 
6 2 'Structure model' '_citation.title'                   
# 
loop_
_space_group_symop.id 
_space_group_symop.operation_xyz 
1  x,y,z                  
2  -y,x-y,z               
3  -x+y,-x,z              
4  x-y,-y,-z              
5  -x,-x+y,-z             
6  y,x,-z                 
7  x+1/3,y+2/3,z+2/3      
8  -y+1/3,x-y+2/3,z+2/3   
9  -x+y+1/3,-x+2/3,z+2/3  
10 x-y+1/3,-y+2/3,-z+2/3  
11 -x+1/3,-x+y+2/3,-z+2/3 
12 y+1/3,x+2/3,-z+2/3     
13 x+2/3,y+1/3,z+1/3      
14 -y+2/3,x-y+1/3,z+1/3   
15 -x+y+2/3,-x+1/3,z+1/3  
16 x-y+2/3,-y+1/3,-z+1/3  
17 -x+2/3,-x+y+1/3,-z+1/3 
18 y+2/3,x+1/3,-z+1/3     
# 
loop_
_software.citation_id 
_software.classification 
_software.compiler_name 
_software.compiler_version 
_software.contact_author 
_software.contact_author_email 
_software.date 
_software.description 
_software.dependencies 
_software.hardware 
_software.language 
_software.location 
_software.mods 
_software.name 
_software.os 
_software.os_version 
_software.type 
_software.version 
_software.pdbx_ordinal 
? refinement       ? ? ? ? ? ? ? ? ? ? ? PHENIX  ? ? ? 1.19.2_4158 1 
? 'data reduction' ? ? ? ? ? ? ? ? ? ? ? XDS     ? ? ? .           2 
? 'data scaling'   ? ? ? ? ? ? ? ? ? ? ? Aimless ? ? ? .           3 
? phasing          ? ? ? ? ? ? ? ? ? ? ? PHASER  ? ? ? .           4 
# 
_pdbx_entry_details.entry_id                 8F94 
_pdbx_entry_details.has_ligand_of_interest   Y 
_pdbx_entry_details.compound_details         ? 
_pdbx_entry_details.source_details           ? 
_pdbx_entry_details.nonpolymer_details       ? 
_pdbx_entry_details.sequence_details         ? 
# 
loop_
_pdbx_validate_close_contact.id 
_pdbx_validate_close_contact.PDB_model_num 
_pdbx_validate_close_contact.auth_atom_id_1 
_pdbx_validate_close_contact.auth_asym_id_1 
_pdbx_validate_close_contact.auth_comp_id_1 
_pdbx_validate_close_contact.auth_seq_id_1 
_pdbx_validate_close_contact.PDB_ins_code_1 
_pdbx_validate_close_contact.label_alt_id_1 
_pdbx_validate_close_contact.auth_atom_id_2 
_pdbx_validate_close_contact.auth_asym_id_2 
_pdbx_validate_close_contact.auth_comp_id_2 
_pdbx_validate_close_contact.auth_seq_id_2 
_pdbx_validate_close_contact.PDB_ins_code_2 
_pdbx_validate_close_contact.label_alt_id_2 
_pdbx_validate_close_contact.dist 
1 1 O A HOH 238 ? ? O A HOH 290 ? ? 2.07 
2 1 O A HOH 201 ? ? O A HOH 273 ? ? 2.15 
# 
loop_
_pdbx_validate_rmsd_bond.id 
_pdbx_validate_rmsd_bond.PDB_model_num 
_pdbx_validate_rmsd_bond.auth_atom_id_1 
_pdbx_validate_rmsd_bond.auth_asym_id_1 
_pdbx_validate_rmsd_bond.auth_comp_id_1 
_pdbx_validate_rmsd_bond.auth_seq_id_1 
_pdbx_validate_rmsd_bond.PDB_ins_code_1 
_pdbx_validate_rmsd_bond.label_alt_id_1 
_pdbx_validate_rmsd_bond.auth_atom_id_2 
_pdbx_validate_rmsd_bond.auth_asym_id_2 
_pdbx_validate_rmsd_bond.auth_comp_id_2 
_pdbx_validate_rmsd_bond.auth_seq_id_2 
_pdbx_validate_rmsd_bond.PDB_ins_code_2 
_pdbx_validate_rmsd_bond.label_alt_id_2 
_pdbx_validate_rmsd_bond.bond_value 
_pdbx_validate_rmsd_bond.bond_target_value 
_pdbx_validate_rmsd_bond.bond_deviation 
_pdbx_validate_rmsd_bond.bond_standard_deviation 
_pdbx_validate_rmsd_bond.linker_flag 
1 1 "O3'" A DC 13 ? ? "C3'" A DC 13 ? ? 1.381 1.419 -0.038 0.006 N 
2 1 N1    A DC 17 ? ? C6    A DC 17 ? ? 1.331 1.367 -0.036 0.006 N 
# 
loop_
_pdbx_validate_rmsd_angle.id 
_pdbx_validate_rmsd_angle.PDB_model_num 
_pdbx_validate_rmsd_angle.auth_atom_id_1 
_pdbx_validate_rmsd_angle.auth_asym_id_1 
_pdbx_validate_rmsd_angle.auth_comp_id_1 
_pdbx_validate_rmsd_angle.auth_seq_id_1 
_pdbx_validate_rmsd_angle.PDB_ins_code_1 
_pdbx_validate_rmsd_angle.label_alt_id_1 
_pdbx_validate_rmsd_angle.auth_atom_id_2 
_pdbx_validate_rmsd_angle.auth_asym_id_2 
_pdbx_validate_rmsd_angle.auth_comp_id_2 
_pdbx_validate_rmsd_angle.auth_seq_id_2 
_pdbx_validate_rmsd_angle.PDB_ins_code_2 
_pdbx_validate_rmsd_angle.label_alt_id_2 
_pdbx_validate_rmsd_angle.auth_atom_id_3 
_pdbx_validate_rmsd_angle.auth_asym_id_3 
_pdbx_validate_rmsd_angle.auth_comp_id_3 
_pdbx_validate_rmsd_angle.auth_seq_id_3 
_pdbx_validate_rmsd_angle.PDB_ins_code_3 
_pdbx_validate_rmsd_angle.label_alt_id_3 
_pdbx_validate_rmsd_angle.angle_value 
_pdbx_validate_rmsd_angle.angle_target_value 
_pdbx_validate_rmsd_angle.angle_deviation 
_pdbx_validate_rmsd_angle.angle_standard_deviation 
_pdbx_validate_rmsd_angle.linker_flag 
1 1 OP1   A DG 5  ? ? P     A DG 5  ? ? OP2 A DG 5  ? ? 109.34 119.60 -10.26 1.50 N 
2 1 "O4'" A DG 6  ? ? "C1'" A DG 6  ? ? N9  A DG 6  ? ? 112.88 108.30 4.58   0.30 N 
3 1 "O5'" A DC 17 ? ? P     A DC 17 ? ? OP1 A DC 17 ? ? 118.27 110.70 7.57   1.20 N 
4 1 "O5'" A DC 17 ? ? P     A DC 17 ? ? OP2 A DC 17 ? ? 96.38  105.70 -9.32  0.90 N 
# 
loop_
_pdbx_validate_planes.id 
_pdbx_validate_planes.PDB_model_num 
_pdbx_validate_planes.auth_comp_id 
_pdbx_validate_planes.auth_asym_id 
_pdbx_validate_planes.auth_seq_id 
_pdbx_validate_planes.PDB_ins_code 
_pdbx_validate_planes.label_alt_id 
_pdbx_validate_planes.rmsd 
_pdbx_validate_planes.type 
1 1 DG A 6  ? ? 0.052 'SIDE CHAIN' 
2 1 DA A 15 ? ? 0.057 'SIDE CHAIN' 
# 
loop_
_chem_comp_atom.comp_id 
_chem_comp_atom.atom_id 
_chem_comp_atom.type_symbol 
_chem_comp_atom.pdbx_aromatic_flag 
_chem_comp_atom.pdbx_stereo_config 
_chem_comp_atom.pdbx_ordinal 
CA  CA     CA N N 1   
DA  OP3    O  N N 2   
DA  P      P  N N 3   
DA  OP1    O  N N 4   
DA  OP2    O  N N 5   
DA  "O5'"  O  N N 6   
DA  "C5'"  C  N N 7   
DA  "C4'"  C  N R 8   
DA  "O4'"  O  N N 9   
DA  "C3'"  C  N S 10  
DA  "O3'"  O  N N 11  
DA  "C2'"  C  N N 12  
DA  "C1'"  C  N R 13  
DA  N9     N  Y N 14  
DA  C8     C  Y N 15  
DA  N7     N  Y N 16  
DA  C5     C  Y N 17  
DA  C6     C  Y N 18  
DA  N6     N  N N 19  
DA  N1     N  Y N 20  
DA  C2     C  Y N 21  
DA  N3     N  Y N 22  
DA  C4     C  Y N 23  
DA  HOP3   H  N N 24  
DA  HOP2   H  N N 25  
DA  "H5'"  H  N N 26  
DA  "H5''" H  N N 27  
DA  "H4'"  H  N N 28  
DA  "H3'"  H  N N 29  
DA  "HO3'" H  N N 30  
DA  "H2'"  H  N N 31  
DA  "H2''" H  N N 32  
DA  "H1'"  H  N N 33  
DA  H8     H  N N 34  
DA  H61    H  N N 35  
DA  H62    H  N N 36  
DA  H2     H  N N 37  
DC  OP3    O  N N 38  
DC  P      P  N N 39  
DC  OP1    O  N N 40  
DC  OP2    O  N N 41  
DC  "O5'"  O  N N 42  
DC  "C5'"  C  N N 43  
DC  "C4'"  C  N R 44  
DC  "O4'"  O  N N 45  
DC  "C3'"  C  N S 46  
DC  "O3'"  O  N N 47  
DC  "C2'"  C  N N 48  
DC  "C1'"  C  N R 49  
DC  N1     N  N N 50  
DC  C2     C  N N 51  
DC  O2     O  N N 52  
DC  N3     N  N N 53  
DC  C4     C  N N 54  
DC  N4     N  N N 55  
DC  C5     C  N N 56  
DC  C6     C  N N 57  
DC  HOP3   H  N N 58  
DC  HOP2   H  N N 59  
DC  "H5'"  H  N N 60  
DC  "H5''" H  N N 61  
DC  "H4'"  H  N N 62  
DC  "H3'"  H  N N 63  
DC  "HO3'" H  N N 64  
DC  "H2'"  H  N N 65  
DC  "H2''" H  N N 66  
DC  "H1'"  H  N N 67  
DC  H41    H  N N 68  
DC  H42    H  N N 69  
DC  H5     H  N N 70  
DC  H6     H  N N 71  
DG  OP3    O  N N 72  
DG  P      P  N N 73  
DG  OP1    O  N N 74  
DG  OP2    O  N N 75  
DG  "O5'"  O  N N 76  
DG  "C5'"  C  N N 77  
DG  "C4'"  C  N R 78  
DG  "O4'"  O  N N 79  
DG  "C3'"  C  N S 80  
DG  "O3'"  O  N N 81  
DG  "C2'"  C  N N 82  
DG  "C1'"  C  N R 83  
DG  N9     N  Y N 84  
DG  C8     C  Y N 85  
DG  N7     N  Y N 86  
DG  C5     C  Y N 87  
DG  C6     C  N N 88  
DG  O6     O  N N 89  
DG  N1     N  N N 90  
DG  C2     C  N N 91  
DG  N2     N  N N 92  
DG  N3     N  N N 93  
DG  C4     C  Y N 94  
DG  HOP3   H  N N 95  
DG  HOP2   H  N N 96  
DG  "H5'"  H  N N 97  
DG  "H5''" H  N N 98  
DG  "H4'"  H  N N 99  
DG  "H3'"  H  N N 100 
DG  "HO3'" H  N N 101 
DG  "H2'"  H  N N 102 
DG  "H2''" H  N N 103 
DG  "H1'"  H  N N 104 
DG  H8     H  N N 105 
DG  H1     H  N N 106 
DG  H21    H  N N 107 
DG  H22    H  N N 108 
DT  OP3    O  N N 109 
DT  P      P  N N 110 
DT  OP1    O  N N 111 
DT  OP2    O  N N 112 
DT  "O5'"  O  N N 113 
DT  "C5'"  C  N N 114 
DT  "C4'"  C  N R 115 
DT  "O4'"  O  N N 116 
DT  "C3'"  C  N S 117 
DT  "O3'"  O  N N 118 
DT  "C2'"  C  N N 119 
DT  "C1'"  C  N R 120 
DT  N1     N  N N 121 
DT  C2     C  N N 122 
DT  O2     O  N N 123 
DT  N3     N  N N 124 
DT  C4     C  N N 125 
DT  O4     O  N N 126 
DT  C5     C  N N 127 
DT  C7     C  N N 128 
DT  C6     C  N N 129 
DT  HOP3   H  N N 130 
DT  HOP2   H  N N 131 
DT  "H5'"  H  N N 132 
DT  "H5''" H  N N 133 
DT  "H4'"  H  N N 134 
DT  "H3'"  H  N N 135 
DT  "HO3'" H  N N 136 
DT  "H2'"  H  N N 137 
DT  "H2''" H  N N 138 
DT  "H1'"  H  N N 139 
DT  H3     H  N N 140 
DT  H71    H  N N 141 
DT  H72    H  N N 142 
DT  H73    H  N N 143 
DT  H6     H  N N 144 
HOH O      O  N N 145 
HOH H1     H  N N 146 
HOH H2     H  N N 147 
# 
loop_
_chem_comp_bond.comp_id 
_chem_comp_bond.atom_id_1 
_chem_comp_bond.atom_id_2 
_chem_comp_bond.value_order 
_chem_comp_bond.pdbx_aromatic_flag 
_chem_comp_bond.pdbx_stereo_config 
_chem_comp_bond.pdbx_ordinal 
DA  OP3   P      sing N N 1   
DA  OP3   HOP3   sing N N 2   
DA  P     OP1    doub N N 3   
DA  P     OP2    sing N N 4   
DA  P     "O5'"  sing N N 5   
DA  OP2   HOP2   sing N N 6   
DA  "O5'" "C5'"  sing N N 7   
DA  "C5'" "C4'"  sing N N 8   
DA  "C5'" "H5'"  sing N N 9   
DA  "C5'" "H5''" sing N N 10  
DA  "C4'" "O4'"  sing N N 11  
DA  "C4'" "C3'"  sing N N 12  
DA  "C4'" "H4'"  sing N N 13  
DA  "O4'" "C1'"  sing N N 14  
DA  "C3'" "O3'"  sing N N 15  
DA  "C3'" "C2'"  sing N N 16  
DA  "C3'" "H3'"  sing N N 17  
DA  "O3'" "HO3'" sing N N 18  
DA  "C2'" "C1'"  sing N N 19  
DA  "C2'" "H2'"  sing N N 20  
DA  "C2'" "H2''" sing N N 21  
DA  "C1'" N9     sing N N 22  
DA  "C1'" "H1'"  sing N N 23  
DA  N9    C8     sing Y N 24  
DA  N9    C4     sing Y N 25  
DA  C8    N7     doub Y N 26  
DA  C8    H8     sing N N 27  
DA  N7    C5     sing Y N 28  
DA  C5    C6     sing Y N 29  
DA  C5    C4     doub Y N 30  
DA  C6    N6     sing N N 31  
DA  C6    N1     doub Y N 32  
DA  N6    H61    sing N N 33  
DA  N6    H62    sing N N 34  
DA  N1    C2     sing Y N 35  
DA  C2    N3     doub Y N 36  
DA  C2    H2     sing N N 37  
DA  N3    C4     sing Y N 38  
DC  OP3   P      sing N N 39  
DC  OP3   HOP3   sing N N 40  
DC  P     OP1    doub N N 41  
DC  P     OP2    sing N N 42  
DC  P     "O5'"  sing N N 43  
DC  OP2   HOP2   sing N N 44  
DC  "O5'" "C5'"  sing N N 45  
DC  "C5'" "C4'"  sing N N 46  
DC  "C5'" "H5'"  sing N N 47  
DC  "C5'" "H5''" sing N N 48  
DC  "C4'" "O4'"  sing N N 49  
DC  "C4'" "C3'"  sing N N 50  
DC  "C4'" "H4'"  sing N N 51  
DC  "O4'" "C1'"  sing N N 52  
DC  "C3'" "O3'"  sing N N 53  
DC  "C3'" "C2'"  sing N N 54  
DC  "C3'" "H3'"  sing N N 55  
DC  "O3'" "HO3'" sing N N 56  
DC  "C2'" "C1'"  sing N N 57  
DC  "C2'" "H2'"  sing N N 58  
DC  "C2'" "H2''" sing N N 59  
DC  "C1'" N1     sing N N 60  
DC  "C1'" "H1'"  sing N N 61  
DC  N1    C2     sing N N 62  
DC  N1    C6     sing N N 63  
DC  C2    O2     doub N N 64  
DC  C2    N3     sing N N 65  
DC  N3    C4     doub N N 66  
DC  C4    N4     sing N N 67  
DC  C4    C5     sing N N 68  
DC  N4    H41    sing N N 69  
DC  N4    H42    sing N N 70  
DC  C5    C6     doub N N 71  
DC  C5    H5     sing N N 72  
DC  C6    H6     sing N N 73  
DG  OP3   P      sing N N 74  
DG  OP3   HOP3   sing N N 75  
DG  P     OP1    doub N N 76  
DG  P     OP2    sing N N 77  
DG  P     "O5'"  sing N N 78  
DG  OP2   HOP2   sing N N 79  
DG  "O5'" "C5'"  sing N N 80  
DG  "C5'" "C4'"  sing N N 81  
DG  "C5'" "H5'"  sing N N 82  
DG  "C5'" "H5''" sing N N 83  
DG  "C4'" "O4'"  sing N N 84  
DG  "C4'" "C3'"  sing N N 85  
DG  "C4'" "H4'"  sing N N 86  
DG  "O4'" "C1'"  sing N N 87  
DG  "C3'" "O3'"  sing N N 88  
DG  "C3'" "C2'"  sing N N 89  
DG  "C3'" "H3'"  sing N N 90  
DG  "O3'" "HO3'" sing N N 91  
DG  "C2'" "C1'"  sing N N 92  
DG  "C2'" "H2'"  sing N N 93  
DG  "C2'" "H2''" sing N N 94  
DG  "C1'" N9     sing N N 95  
DG  "C1'" "H1'"  sing N N 96  
DG  N9    C8     sing Y N 97  
DG  N9    C4     sing Y N 98  
DG  C8    N7     doub Y N 99  
DG  C8    H8     sing N N 100 
DG  N7    C5     sing Y N 101 
DG  C5    C6     sing N N 102 
DG  C5    C4     doub Y N 103 
DG  C6    O6     doub N N 104 
DG  C6    N1     sing N N 105 
DG  N1    C2     sing N N 106 
DG  N1    H1     sing N N 107 
DG  C2    N2     sing N N 108 
DG  C2    N3     doub N N 109 
DG  N2    H21    sing N N 110 
DG  N2    H22    sing N N 111 
DG  N3    C4     sing N N 112 
DT  OP3   P      sing N N 113 
DT  OP3   HOP3   sing N N 114 
DT  P     OP1    doub N N 115 
DT  P     OP2    sing N N 116 
DT  P     "O5'"  sing N N 117 
DT  OP2   HOP2   sing N N 118 
DT  "O5'" "C5'"  sing N N 119 
DT  "C5'" "C4'"  sing N N 120 
DT  "C5'" "H5'"  sing N N 121 
DT  "C5'" "H5''" sing N N 122 
DT  "C4'" "O4'"  sing N N 123 
DT  "C4'" "C3'"  sing N N 124 
DT  "C4'" "H4'"  sing N N 125 
DT  "O4'" "C1'"  sing N N 126 
DT  "C3'" "O3'"  sing N N 127 
DT  "C3'" "C2'"  sing N N 128 
DT  "C3'" "H3'"  sing N N 129 
DT  "O3'" "HO3'" sing N N 130 
DT  "C2'" "C1'"  sing N N 131 
DT  "C2'" "H2'"  sing N N 132 
DT  "C2'" "H2''" sing N N 133 
DT  "C1'" N1     sing N N 134 
DT  "C1'" "H1'"  sing N N 135 
DT  N1    C2     sing N N 136 
DT  N1    C6     sing N N 137 
DT  C2    O2     doub N N 138 
DT  C2    N3     sing N N 139 
DT  N3    C4     sing N N 140 
DT  N3    H3     sing N N 141 
DT  C4    O4     doub N N 142 
DT  C4    C5     sing N N 143 
DT  C5    C7     sing N N 144 
DT  C5    C6     doub N N 145 
DT  C7    H71    sing N N 146 
DT  C7    H72    sing N N 147 
DT  C7    H73    sing N N 148 
DT  C6    H6     sing N N 149 
HOH O     H1     sing N N 150 
HOH O     H2     sing N N 151 
# 
_ndb_struct_conf_na.entry_id   8F94 
_ndb_struct_conf_na.feature    'b-form double helix' 
# 
loop_
_ndb_struct_na_base_pair.model_number 
_ndb_struct_na_base_pair.i_label_asym_id 
_ndb_struct_na_base_pair.i_label_comp_id 
_ndb_struct_na_base_pair.i_label_seq_id 
_ndb_struct_na_base_pair.i_symmetry 
_ndb_struct_na_base_pair.j_label_asym_id 
_ndb_struct_na_base_pair.j_label_comp_id 
_ndb_struct_na_base_pair.j_label_seq_id 
_ndb_struct_na_base_pair.j_symmetry 
_ndb_struct_na_base_pair.shear 
_ndb_struct_na_base_pair.stretch 
_ndb_struct_na_base_pair.stagger 
_ndb_struct_na_base_pair.buckle 
_ndb_struct_na_base_pair.propeller 
_ndb_struct_na_base_pair.opening 
_ndb_struct_na_base_pair.pair_number 
_ndb_struct_na_base_pair.pair_name 
_ndb_struct_na_base_pair.i_auth_asym_id 
_ndb_struct_na_base_pair.i_auth_seq_id 
_ndb_struct_na_base_pair.i_PDB_ins_code 
_ndb_struct_na_base_pair.j_auth_asym_id 
_ndb_struct_na_base_pair.j_auth_seq_id 
_ndb_struct_na_base_pair.j_PDB_ins_code 
_ndb_struct_na_base_pair.hbond_type_28 
_ndb_struct_na_base_pair.hbond_type_12 
1 A DG 1  1_555 A DC 16 17_435 -0.258 -0.034 0.017  -0.669 -7.746  1.334  1  A_DG2:DC17_A A 2  ? A 17 ? 19 1 
1 A DC 2  1_555 A DG 15 17_435 0.179  -0.159 0.352  -5.639 -10.876 -2.493 2  A_DC3:DG16_A A 3  ? A 16 ? 19 1 
1 A DT 3  1_555 A DA 14 17_435 0.002  -0.091 0.128  -3.618 -15.215 0.308  3  A_DT4:DA15_A A 4  ? A 15 ? 20 1 
1 A DG 4  1_555 A DC 13 17_435 -0.180 -0.168 -0.211 -6.797 -0.939  -2.011 4  A_DG5:DC14_A A 5  ? A 14 ? 19 1 
1 A DG 5  1_555 A DC 12 17_435 -0.139 -0.141 -0.058 5.345  -10.286 1.560  5  A_DG6:DC13_A A 6  ? A 13 ? 19 1 
1 A DA 6  1_555 A DT 11 17_435 0.031  -0.137 0.058  5.686  -11.962 1.291  6  A_DA7:DT12_A A 7  ? A 12 ? 20 1 
1 A DT 7  1_555 A DA 10 17_435 0.041  -0.151 0.075  8.343  -10.090 2.527  7  A_DT8:DA11_A A 8  ? A 11 ? 20 1 
1 A DA 8  1_555 A DT 9  17_435 0.001  -0.095 0.120  -2.346 -9.880  4.714  8  A_DA9:DT10_A A 9  ? A 10 ? 20 1 
1 A DT 9  1_555 A DA 8  17_435 -0.001 -0.095 0.120  2.346  -9.880  4.714  9  A_DT10:DA9_A A 10 ? A 9  ? 20 1 
1 A DA 10 1_555 A DT 7  17_435 -0.041 -0.151 0.075  -8.343 -10.090 2.527  10 A_DA11:DT8_A A 11 ? A 8  ? 20 1 
1 A DT 11 1_555 A DA 6  17_435 -0.031 -0.137 0.058  -5.686 -11.962 1.291  11 A_DT12:DA7_A A 12 ? A 7  ? 20 1 
1 A DC 12 1_555 A DG 5  17_435 0.139  -0.141 -0.058 -5.345 -10.286 1.560  12 A_DC13:DG6_A A 13 ? A 6  ? 19 1 
1 A DC 13 1_555 A DG 4  17_435 0.180  -0.168 -0.211 6.797  -0.939  -2.011 13 A_DC14:DG5_A A 14 ? A 5  ? 19 1 
1 A DA 14 1_555 A DT 3  17_435 -0.002 -0.091 0.128  3.618  -15.215 0.308  14 A_DA15:DT4_A A 15 ? A 4  ? 20 1 
1 A DG 15 1_555 A DC 2  17_435 -0.179 -0.159 0.352  5.639  -10.876 -2.493 15 A_DG16:DC3_A A 16 ? A 3  ? 19 1 
1 A DC 16 1_555 A DG 1  17_435 0.258  -0.034 0.017  0.669  -7.746  1.334  16 A_DC17:DG2_A A 17 ? A 2  ? 19 1 
# 
loop_
_ndb_struct_na_base_pair_step.model_number 
_ndb_struct_na_base_pair_step.i_label_asym_id_1 
_ndb_struct_na_base_pair_step.i_label_comp_id_1 
_ndb_struct_na_base_pair_step.i_label_seq_id_1 
_ndb_struct_na_base_pair_step.i_symmetry_1 
_ndb_struct_na_base_pair_step.j_label_asym_id_1 
_ndb_struct_na_base_pair_step.j_label_comp_id_1 
_ndb_struct_na_base_pair_step.j_label_seq_id_1 
_ndb_struct_na_base_pair_step.j_symmetry_1 
_ndb_struct_na_base_pair_step.i_label_asym_id_2 
_ndb_struct_na_base_pair_step.i_label_comp_id_2 
_ndb_struct_na_base_pair_step.i_label_seq_id_2 
_ndb_struct_na_base_pair_step.i_symmetry_2 
_ndb_struct_na_base_pair_step.j_label_asym_id_2 
_ndb_struct_na_base_pair_step.j_label_comp_id_2 
_ndb_struct_na_base_pair_step.j_label_seq_id_2 
_ndb_struct_na_base_pair_step.j_symmetry_2 
_ndb_struct_na_base_pair_step.shift 
_ndb_struct_na_base_pair_step.slide 
_ndb_struct_na_base_pair_step.rise 
_ndb_struct_na_base_pair_step.tilt 
_ndb_struct_na_base_pair_step.roll 
_ndb_struct_na_base_pair_step.twist 
_ndb_struct_na_base_pair_step.x_displacement 
_ndb_struct_na_base_pair_step.y_displacement 
_ndb_struct_na_base_pair_step.helical_rise 
_ndb_struct_na_base_pair_step.inclination 
_ndb_struct_na_base_pair_step.tip 
_ndb_struct_na_base_pair_step.helical_twist 
_ndb_struct_na_base_pair_step.step_number 
_ndb_struct_na_base_pair_step.step_name 
_ndb_struct_na_base_pair_step.i_auth_asym_id_1 
_ndb_struct_na_base_pair_step.i_auth_seq_id_1 
_ndb_struct_na_base_pair_step.i_PDB_ins_code_1 
_ndb_struct_na_base_pair_step.j_auth_asym_id_1 
_ndb_struct_na_base_pair_step.j_auth_seq_id_1 
_ndb_struct_na_base_pair_step.j_PDB_ins_code_1 
_ndb_struct_na_base_pair_step.i_auth_asym_id_2 
_ndb_struct_na_base_pair_step.i_auth_seq_id_2 
_ndb_struct_na_base_pair_step.i_PDB_ins_code_2 
_ndb_struct_na_base_pair_step.j_auth_asym_id_2 
_ndb_struct_na_base_pair_step.j_auth_seq_id_2 
_ndb_struct_na_base_pair_step.j_PDB_ins_code_2 
1 A DG 1  1_555 A DC 16 17_435 A DC 2  1_555 A DG 15 17_435 -1.025 -0.525 3.369 -3.975 -0.453 33.453 -0.829 1.091  3.471 -0.783 
6.874  33.685 1  AA_DG2DC3:DG16DC17_AA A 2  ? A 17 ? A 3  ? A 16 ? 
1 A DC 2  1_555 A DG 15 17_435 A DT 3  1_555 A DA 14 17_435 -0.486 0.016  3.243 2.426  2.211  29.130 -0.438 1.476  3.185 4.379  
-4.804 29.311 2  AA_DC3DT4:DA15DG16_AA A 3  ? A 16 ? A 4  ? A 15 ? 
1 A DT 3  1_555 A DA 14 17_435 A DG 4  1_555 A DC 13 17_435 0.600  1.058  3.440 3.777  0.261  43.134 1.407  -0.422 3.484 0.354  
-5.125 43.292 3  AA_DT4DG5:DC14DA15_AA A 4  ? A 15 ? A 5  ? A 14 ? 
1 A DG 4  1_555 A DC 13 17_435 A DG 5  1_555 A DC 12 17_435 0.877  -0.010 3.182 -2.238 6.062  18.968 -2.728 -3.518 2.915 17.740 
6.550  20.029 4  AA_DG5DG6:DC13DC14_AA A 5  ? A 14 ? A 6  ? A 13 ? 
1 A DG 5  1_555 A DC 12 17_435 A DA 6  1_555 A DT 11 17_435 -0.925 0.200  3.260 -3.041 -1.501 41.646 0.439  0.976  3.308 -2.107 
4.269  41.777 5  AA_DG6DA7:DT12DC13_AA A 6  ? A 13 ? A 7  ? A 12 ? 
1 A DA 6  1_555 A DT 11 17_435 A DT 7  1_555 A DA 10 17_435 0.413  -0.491 3.235 -0.298 -2.424 31.019 -0.455 -0.827 3.259 -4.525 
0.557  31.113 6  AA_DA7DT8:DA11DT12_AA A 7  ? A 12 ? A 8  ? A 11 ? 
1 A DT 7  1_555 A DA 10 17_435 A DA 8  1_555 A DT 9  17_435 -0.038 -0.100 3.477 -0.341 -0.610 41.442 -0.072 0.015  3.478 -0.862 
0.482  41.448 7  AA_DT8DA9:DT10DA11_AA A 8  ? A 11 ? A 9  ? A 10 ? 
1 A DA 8  1_555 A DT 9  17_435 A DT 9  1_555 A DA 8  17_435 0.000  -0.454 3.175 0.000  -4.949 31.404 0.061  0.000  3.207 -9.073 
0.000  31.782 8  AA_DA9DT10:DA9DT10_AA A 9  ? A 10 ? A 10 ? A 9  ? 
1 A DT 9  1_555 A DA 8  17_435 A DA 10 1_555 A DT 7  17_435 0.038  -0.100 3.477 0.341  -0.610 41.442 -0.072 -0.015 3.478 -0.862 
-0.482 41.448 9  AA_DT10DA11:DT8DA9_AA A 10 ? A 9  ? A 11 ? A 8  ? 
1 A DA 10 1_555 A DT 7  17_435 A DT 11 1_555 A DA 6  17_435 -0.413 -0.491 3.235 0.298  -2.424 31.019 -0.455 0.827  3.259 -4.525 
-0.557 31.113 10 AA_DA11DT12:DA7DT8_AA A 11 ? A 8  ? A 12 ? A 7  ? 
1 A DT 11 1_555 A DA 6  17_435 A DC 12 1_555 A DG 5  17_435 0.925  0.200  3.260 3.041  -1.501 41.646 0.439  -0.976 3.308 -2.107 
-4.269 41.777 11 AA_DT12DC13:DG6DA7_AA A 12 ? A 7  ? A 13 ? A 6  ? 
1 A DC 12 1_555 A DG 5  17_435 A DC 13 1_555 A DG 4  17_435 -0.877 -0.010 3.182 2.238  6.062  18.968 -2.728 3.518  2.915 17.740 
-6.550 20.029 12 AA_DC13DC14:DG5DG6_AA A 13 ? A 6  ? A 14 ? A 5  ? 
1 A DC 13 1_555 A DG 4  17_435 A DA 14 1_555 A DT 3  17_435 -0.600 1.058  3.440 -3.777 0.261  43.134 1.407  0.422  3.484 0.354  
5.125  43.292 13 AA_DC14DA15:DT4DG5_AA A 14 ? A 5  ? A 15 ? A 4  ? 
1 A DA 14 1_555 A DT 3  17_435 A DG 15 1_555 A DC 2  17_435 0.486  0.016  3.243 -2.426 2.211  29.130 -0.438 -1.476 3.185 4.379  
4.804  29.311 14 AA_DA15DG16:DC3DT4_AA A 15 ? A 4  ? A 16 ? A 3  ? 
1 A DG 15 1_555 A DC 2  17_435 A DC 16 1_555 A DG 1  17_435 1.025  -0.525 3.369 3.975  -0.453 33.453 -0.829 -1.091 3.471 -0.783 
-6.874 33.685 15 AA_DG16DC17:DG2DC3_AA A 16 ? A 3  ? A 17 ? A 2  ? 
# 
_pdbx_audit_support.funding_organization   
'National Institutes of Health/National Institute of General Medical Sciences (NIH/NIGMS)' 
_pdbx_audit_support.country                'United States' 
_pdbx_audit_support.grant_number           GM111749 
_pdbx_audit_support.ordinal                1 
# 
_pdbx_entity_instance_feature.ordinal        1 
_pdbx_entity_instance_feature.comp_id        CA 
_pdbx_entity_instance_feature.asym_id        ? 
_pdbx_entity_instance_feature.seq_num        ? 
_pdbx_entity_instance_feature.auth_comp_id   CA 
_pdbx_entity_instance_feature.auth_asym_id   ? 
_pdbx_entity_instance_feature.auth_seq_num   ? 
_pdbx_entity_instance_feature.feature_type   'SUBJECT OF INVESTIGATION' 
_pdbx_entity_instance_feature.details        ? 
# 
loop_
_pdbx_entity_nonpoly.entity_id 
_pdbx_entity_nonpoly.name 
_pdbx_entity_nonpoly.comp_id 
2 'CALCIUM ION' CA  
3 water         HOH 
# 
_pdbx_initial_refinement_model.id               1 
_pdbx_initial_refinement_model.entity_id_list   ? 
_pdbx_initial_refinement_model.type             'experimental model' 
_pdbx_initial_refinement_model.source_name      PDB 
_pdbx_initial_refinement_model.accession_code   6QT5 
_pdbx_initial_refinement_model.details          ? 
# 
_pdbx_struct_assembly_auth_evidence.id                     1 
_pdbx_struct_assembly_auth_evidence.assembly_id            1 
_pdbx_struct_assembly_auth_evidence.experimental_support   none 
_pdbx_struct_assembly_auth_evidence.details                ? 
# 
_space_group.name_H-M_alt     'R 3 2 :H' 
_space_group.name_Hall        
;R 3 2"
;
_space_group.IT_number        155 
_space_group.crystal_system   trigonal 
_space_group.id               1 
# 
